data_5IX3
# 
_entry.id   5IX3 
# 
_audit_conform.dict_name       mmcif_pdbx.dic 
_audit_conform.dict_version    5.387 
_audit_conform.dict_location   http://mmcif.pdb.org/dictionaries/ascii/mmcif_pdbx.dic 
# 
loop_
_database_2.database_id 
_database_2.database_code 
_database_2.pdbx_database_accession 
_database_2.pdbx_DOI 
PDB   5IX3         pdb_00005ix3 10.2210/pdb5ix3/pdb 
WWPDB D_1000219601 ?            ?                   
# 
loop_
_pdbx_audit_revision_history.ordinal 
_pdbx_audit_revision_history.data_content_type 
_pdbx_audit_revision_history.major_revision 
_pdbx_audit_revision_history.minor_revision 
_pdbx_audit_revision_history.revision_date 
1 'Structure model' 1 0 2017-04-05 
2 'Structure model' 1 1 2017-04-12 
3 'Structure model' 1 2 2024-03-06 
# 
_pdbx_audit_revision_details.ordinal             1 
_pdbx_audit_revision_details.revision_ordinal    1 
_pdbx_audit_revision_details.data_content_type   'Structure model' 
_pdbx_audit_revision_details.provider            repository 
_pdbx_audit_revision_details.type                'Initial release' 
_pdbx_audit_revision_details.description         ? 
_pdbx_audit_revision_details.details             ? 
# 
loop_
_pdbx_audit_revision_group.ordinal 
_pdbx_audit_revision_group.revision_ordinal 
_pdbx_audit_revision_group.data_content_type 
_pdbx_audit_revision_group.group 
1 2 'Structure model' Other                  
2 3 'Structure model' 'Data collection'      
3 3 'Structure model' 'Database references'  
4 3 'Structure model' 'Derived calculations' 
# 
loop_
_pdbx_audit_revision_category.ordinal 
_pdbx_audit_revision_category.revision_ordinal 
_pdbx_audit_revision_category.data_content_type 
_pdbx_audit_revision_category.category 
1 3 'Structure model' chem_comp_atom               
2 3 'Structure model' chem_comp_bond               
3 3 'Structure model' database_2                   
4 3 'Structure model' diffrn_source                
5 3 'Structure model' pdbx_struct_special_symmetry 
# 
loop_
_pdbx_audit_revision_item.ordinal 
_pdbx_audit_revision_item.revision_ordinal 
_pdbx_audit_revision_item.data_content_type 
_pdbx_audit_revision_item.item 
1 3 'Structure model' '_database_2.pdbx_DOI'                 
2 3 'Structure model' '_database_2.pdbx_database_accession'  
3 3 'Structure model' '_diffrn_source.pdbx_synchrotron_site' 
# 
_pdbx_database_status.status_code                     REL 
_pdbx_database_status.status_code_sf                  REL 
_pdbx_database_status.status_code_mr                  ? 
_pdbx_database_status.entry_id                        5IX3 
_pdbx_database_status.recvd_initial_deposition_date   2016-03-23 
_pdbx_database_status.SG_entry                        N 
_pdbx_database_status.deposit_site                    RCSB 
_pdbx_database_status.process_site                    RCSB 
_pdbx_database_status.status_code_cs                  ? 
_pdbx_database_status.methods_development_category    ? 
_pdbx_database_status.pdb_format_compatible           Y 
_pdbx_database_status.status_code_nmr_data            ? 
# 
loop_
_audit_author.name 
_audit_author.pdbx_ordinal 
'Srivastava, P.' 1 
'Khandokar, Y.'  2 
'Forwood, J.'    3 
# 
_citation.abstract                  ? 
_citation.abstract_id_CAS           ? 
_citation.book_id_ISBN              ? 
_citation.book_publisher            ? 
_citation.book_publisher_city       ? 
_citation.book_title                ? 
_citation.coordinate_linkage        ? 
_citation.country                   ? 
_citation.database_id_Medline       ? 
_citation.details                   ? 
_citation.id                        primary 
_citation.journal_abbrev            'To Be Published' 
_citation.journal_id_ASTM           ? 
_citation.journal_id_CSD            0353 
_citation.journal_id_ISSN           ? 
_citation.journal_full              ? 
_citation.journal_issue             ? 
_citation.journal_volume            ? 
_citation.language                  ? 
_citation.page_first                ? 
_citation.page_last                 ? 
_citation.title                     'Crystal structure of N-acetyltransferase from Staphylococcus aureus.' 
_citation.year                      ? 
_citation.database_id_CSD           ? 
_citation.pdbx_database_id_DOI      ? 
_citation.pdbx_database_id_PubMed   ? 
_citation.unpublished_flag          ? 
# 
loop_
_citation_author.citation_id 
_citation_author.name 
_citation_author.ordinal 
_citation_author.identifier_ORCID 
primary 'Srivastava, P.' 1 ? 
primary 'Khandokar, Y.'  2 ? 
primary 'Forwood, J.'    3 ? 
# 
loop_
_entity.id 
_entity.type 
_entity.src_method 
_entity.pdbx_description 
_entity.formula_weight 
_entity.pdbx_number_of_molecules 
_entity.pdbx_ec 
_entity.pdbx_mutation 
_entity.pdbx_fragment 
_entity.details 
1 polymer man 'Diamine N-acetyltransferase' 20078.924 1   2.3.1.57 ? ? ? 
2 water   nat water                         18.015    110 ?        ? ? ? 
# 
_entity_name_com.entity_id   1 
_entity_name_com.name        'Spermidine N(1)-acetyltransferase,Spermidine acetyltransferase' 
# 
_entity_poly.entity_id                      1 
_entity_poly.type                           'polypeptide(L)' 
_entity_poly.nstd_linkage                   no 
_entity_poly.nstd_monomer                   no 
_entity_poly.pdbx_seq_one_letter_code       
;SNAMKLRALEYSDLLFVHELNNEYSIMSYWFEEPYESLTELQHLFDKHLLDESERRFIVEDENQVVGIVELVEINYIHRN
CEIQIIIKPEFSGKGYAKFAFEKAIIYAFNILNMHKIYLYVDADNKKAIHIYESEGFKTEGLLKEQFYTKGKYKDAYFMS
LLKSEYIL
;
_entity_poly.pdbx_seq_one_letter_code_can   
;SNAMKLRALEYSDLLFVHELNNEYSIMSYWFEEPYESLTELQHLFDKHLLDESERRFIVEDENQVVGIVELVEINYIHRN
CEIQIIIKPEFSGKGYAKFAFEKAIIYAFNILNMHKIYLYVDADNKKAIHIYESEGFKTEGLLKEQFYTKGKYKDAYFMS
LLKSEYIL
;
_entity_poly.pdbx_strand_id                 A 
_entity_poly.pdbx_target_identifier         ? 
# 
_pdbx_entity_nonpoly.entity_id   2 
_pdbx_entity_nonpoly.name        water 
_pdbx_entity_nonpoly.comp_id     HOH 
# 
loop_
_entity_poly_seq.entity_id 
_entity_poly_seq.num 
_entity_poly_seq.mon_id 
_entity_poly_seq.hetero 
1 1   SER n 
1 2   ASN n 
1 3   ALA n 
1 4   MET n 
1 5   LYS n 
1 6   LEU n 
1 7   ARG n 
1 8   ALA n 
1 9   LEU n 
1 10  GLU n 
1 11  TYR n 
1 12  SER n 
1 13  ASP n 
1 14  LEU n 
1 15  LEU n 
1 16  PHE n 
1 17  VAL n 
1 18  HIS n 
1 19  GLU n 
1 20  LEU n 
1 21  ASN n 
1 22  ASN n 
1 23  GLU n 
1 24  TYR n 
1 25  SER n 
1 26  ILE n 
1 27  MET n 
1 28  SER n 
1 29  TYR n 
1 30  TRP n 
1 31  PHE n 
1 32  GLU n 
1 33  GLU n 
1 34  PRO n 
1 35  TYR n 
1 36  GLU n 
1 37  SER n 
1 38  LEU n 
1 39  THR n 
1 40  GLU n 
1 41  LEU n 
1 42  GLN n 
1 43  HIS n 
1 44  LEU n 
1 45  PHE n 
1 46  ASP n 
1 47  LYS n 
1 48  HIS n 
1 49  LEU n 
1 50  LEU n 
1 51  ASP n 
1 52  GLU n 
1 53  SER n 
1 54  GLU n 
1 55  ARG n 
1 56  ARG n 
1 57  PHE n 
1 58  ILE n 
1 59  VAL n 
1 60  GLU n 
1 61  ASP n 
1 62  GLU n 
1 63  ASN n 
1 64  GLN n 
1 65  VAL n 
1 66  VAL n 
1 67  GLY n 
1 68  ILE n 
1 69  VAL n 
1 70  GLU n 
1 71  LEU n 
1 72  VAL n 
1 73  GLU n 
1 74  ILE n 
1 75  ASN n 
1 76  TYR n 
1 77  ILE n 
1 78  HIS n 
1 79  ARG n 
1 80  ASN n 
1 81  CYS n 
1 82  GLU n 
1 83  ILE n 
1 84  GLN n 
1 85  ILE n 
1 86  ILE n 
1 87  ILE n 
1 88  LYS n 
1 89  PRO n 
1 90  GLU n 
1 91  PHE n 
1 92  SER n 
1 93  GLY n 
1 94  LYS n 
1 95  GLY n 
1 96  TYR n 
1 97  ALA n 
1 98  LYS n 
1 99  PHE n 
1 100 ALA n 
1 101 PHE n 
1 102 GLU n 
1 103 LYS n 
1 104 ALA n 
1 105 ILE n 
1 106 ILE n 
1 107 TYR n 
1 108 ALA n 
1 109 PHE n 
1 110 ASN n 
1 111 ILE n 
1 112 LEU n 
1 113 ASN n 
1 114 MET n 
1 115 HIS n 
1 116 LYS n 
1 117 ILE n 
1 118 TYR n 
1 119 LEU n 
1 120 TYR n 
1 121 VAL n 
1 122 ASP n 
1 123 ALA n 
1 124 ASP n 
1 125 ASN n 
1 126 LYS n 
1 127 LYS n 
1 128 ALA n 
1 129 ILE n 
1 130 HIS n 
1 131 ILE n 
1 132 TYR n 
1 133 GLU n 
1 134 SER n 
1 135 GLU n 
1 136 GLY n 
1 137 PHE n 
1 138 LYS n 
1 139 THR n 
1 140 GLU n 
1 141 GLY n 
1 142 LEU n 
1 143 LEU n 
1 144 LYS n 
1 145 GLU n 
1 146 GLN n 
1 147 PHE n 
1 148 TYR n 
1 149 THR n 
1 150 LYS n 
1 151 GLY n 
1 152 LYS n 
1 153 TYR n 
1 154 LYS n 
1 155 ASP n 
1 156 ALA n 
1 157 TYR n 
1 158 PHE n 
1 159 MET n 
1 160 SER n 
1 161 LEU n 
1 162 LEU n 
1 163 LYS n 
1 164 SER n 
1 165 GLU n 
1 166 TYR n 
1 167 ILE n 
1 168 LEU n 
# 
_entity_src_gen.entity_id                          1 
_entity_src_gen.pdbx_src_id                        1 
_entity_src_gen.pdbx_alt_source_flag               sample 
_entity_src_gen.pdbx_seq_type                      'Biological sequence' 
_entity_src_gen.pdbx_beg_seq_num                   1 
_entity_src_gen.pdbx_end_seq_num                   168 
_entity_src_gen.gene_src_common_name               ? 
_entity_src_gen.gene_src_genus                     ? 
_entity_src_gen.pdbx_gene_src_gene                 'res, speG, AL498_11440, ERS092844_02726, ERS195423_02759, R114_33, R92_33' 
_entity_src_gen.gene_src_species                   ? 
_entity_src_gen.gene_src_strain                    ? 
_entity_src_gen.gene_src_tissue                    ? 
_entity_src_gen.gene_src_tissue_fraction           ? 
_entity_src_gen.gene_src_details                   ? 
_entity_src_gen.pdbx_gene_src_fragment             ? 
_entity_src_gen.pdbx_gene_src_scientific_name      'Staphylococcus aureus' 
_entity_src_gen.pdbx_gene_src_ncbi_taxonomy_id     1280 
_entity_src_gen.pdbx_gene_src_variant              ? 
_entity_src_gen.pdbx_gene_src_cell_line            ? 
_entity_src_gen.pdbx_gene_src_atcc                 ? 
_entity_src_gen.pdbx_gene_src_organ                ? 
_entity_src_gen.pdbx_gene_src_organelle            ? 
_entity_src_gen.pdbx_gene_src_cell                 ? 
_entity_src_gen.pdbx_gene_src_cellular_location    ? 
_entity_src_gen.host_org_common_name               ? 
_entity_src_gen.pdbx_host_org_scientific_name      'Escherichia coli' 
_entity_src_gen.pdbx_host_org_ncbi_taxonomy_id     469008 
_entity_src_gen.host_org_genus                     ? 
_entity_src_gen.pdbx_host_org_gene                 ? 
_entity_src_gen.pdbx_host_org_organ                ? 
_entity_src_gen.host_org_species                   ? 
_entity_src_gen.pdbx_host_org_tissue               ? 
_entity_src_gen.pdbx_host_org_tissue_fraction      ? 
_entity_src_gen.pdbx_host_org_strain               'BL21(DE3)' 
_entity_src_gen.pdbx_host_org_variant              ? 
_entity_src_gen.pdbx_host_org_cell_line            ? 
_entity_src_gen.pdbx_host_org_atcc                 ? 
_entity_src_gen.pdbx_host_org_culture_collection   ? 
_entity_src_gen.pdbx_host_org_cell                 ? 
_entity_src_gen.pdbx_host_org_organelle            ? 
_entity_src_gen.pdbx_host_org_cellular_location    ? 
_entity_src_gen.pdbx_host_org_vector_type          ? 
_entity_src_gen.pdbx_host_org_vector               ? 
_entity_src_gen.host_org_details                   ? 
_entity_src_gen.expression_system_id               ? 
_entity_src_gen.plasmid_name                       ? 
_entity_src_gen.plasmid_details                    ? 
_entity_src_gen.pdbx_description                   ? 
# 
loop_
_chem_comp.id 
_chem_comp.type 
_chem_comp.mon_nstd_flag 
_chem_comp.name 
_chem_comp.pdbx_synonyms 
_chem_comp.formula 
_chem_comp.formula_weight 
ALA 'L-peptide linking' y ALANINE         ? 'C3 H7 N O2'     89.093  
ARG 'L-peptide linking' y ARGININE        ? 'C6 H15 N4 O2 1' 175.209 
ASN 'L-peptide linking' y ASPARAGINE      ? 'C4 H8 N2 O3'    132.118 
ASP 'L-peptide linking' y 'ASPARTIC ACID' ? 'C4 H7 N O4'     133.103 
CYS 'L-peptide linking' y CYSTEINE        ? 'C3 H7 N O2 S'   121.158 
GLN 'L-peptide linking' y GLUTAMINE       ? 'C5 H10 N2 O3'   146.144 
GLU 'L-peptide linking' y 'GLUTAMIC ACID' ? 'C5 H9 N O4'     147.129 
GLY 'peptide linking'   y GLYCINE         ? 'C2 H5 N O2'     75.067  
HIS 'L-peptide linking' y HISTIDINE       ? 'C6 H10 N3 O2 1' 156.162 
HOH non-polymer         . WATER           ? 'H2 O'           18.015  
ILE 'L-peptide linking' y ISOLEUCINE      ? 'C6 H13 N O2'    131.173 
LEU 'L-peptide linking' y LEUCINE         ? 'C6 H13 N O2'    131.173 
LYS 'L-peptide linking' y LYSINE          ? 'C6 H15 N2 O2 1' 147.195 
MET 'L-peptide linking' y METHIONINE      ? 'C5 H11 N O2 S'  149.211 
PHE 'L-peptide linking' y PHENYLALANINE   ? 'C9 H11 N O2'    165.189 
PRO 'L-peptide linking' y PROLINE         ? 'C5 H9 N O2'     115.130 
SER 'L-peptide linking' y SERINE          ? 'C3 H7 N O3'     105.093 
THR 'L-peptide linking' y THREONINE       ? 'C4 H9 N O3'     119.119 
TRP 'L-peptide linking' y TRYPTOPHAN      ? 'C11 H12 N2 O2'  204.225 
TYR 'L-peptide linking' y TYROSINE        ? 'C9 H11 N O3'    181.189 
VAL 'L-peptide linking' y VALINE          ? 'C5 H11 N O2'    117.146 
# 
loop_
_pdbx_poly_seq_scheme.asym_id 
_pdbx_poly_seq_scheme.entity_id 
_pdbx_poly_seq_scheme.seq_id 
_pdbx_poly_seq_scheme.mon_id 
_pdbx_poly_seq_scheme.ndb_seq_num 
_pdbx_poly_seq_scheme.pdb_seq_num 
_pdbx_poly_seq_scheme.auth_seq_num 
_pdbx_poly_seq_scheme.pdb_mon_id 
_pdbx_poly_seq_scheme.auth_mon_id 
_pdbx_poly_seq_scheme.pdb_strand_id 
_pdbx_poly_seq_scheme.pdb_ins_code 
_pdbx_poly_seq_scheme.hetero 
A 1 1   SER 1   -2  ?   ?   ?   A . n 
A 1 2   ASN 2   -1  ?   ?   ?   A . n 
A 1 3   ALA 3   0   0   ALA ALA A . n 
A 1 4   MET 4   1   1   MET MET A . n 
A 1 5   LYS 5   2   2   LYS LYS A . n 
A 1 6   LEU 6   3   3   LEU LEU A . n 
A 1 7   ARG 7   4   4   ARG ARG A . n 
A 1 8   ALA 8   5   5   ALA ALA A . n 
A 1 9   LEU 9   6   6   LEU LEU A . n 
A 1 10  GLU 10  7   7   GLU GLU A . n 
A 1 11  TYR 11  8   8   TYR TYR A . n 
A 1 12  SER 12  9   9   SER SER A . n 
A 1 13  ASP 13  10  10  ASP ASP A . n 
A 1 14  LEU 14  11  11  LEU LEU A . n 
A 1 15  LEU 15  12  12  LEU LEU A . n 
A 1 16  PHE 16  13  13  PHE PHE A . n 
A 1 17  VAL 17  14  14  VAL VAL A . n 
A 1 18  HIS 18  15  15  HIS HIS A . n 
A 1 19  GLU 19  16  16  GLU GLU A . n 
A 1 20  LEU 20  17  17  LEU LEU A . n 
A 1 21  ASN 21  18  18  ASN ASN A . n 
A 1 22  ASN 22  19  19  ASN ASN A . n 
A 1 23  GLU 23  20  20  GLU GLU A . n 
A 1 24  TYR 24  21  21  TYR TYR A . n 
A 1 25  SER 25  22  22  SER SER A . n 
A 1 26  ILE 26  23  23  ILE ILE A . n 
A 1 27  MET 27  24  24  MET MET A . n 
A 1 28  SER 28  25  25  SER SER A . n 
A 1 29  TYR 29  26  26  TYR TYR A . n 
A 1 30  TRP 30  27  27  TRP TRP A . n 
A 1 31  PHE 31  28  28  PHE PHE A . n 
A 1 32  GLU 32  29  29  GLU GLU A . n 
A 1 33  GLU 33  30  30  GLU GLU A . n 
A 1 34  PRO 34  31  31  PRO PRO A . n 
A 1 35  TYR 35  32  32  TYR TYR A . n 
A 1 36  GLU 36  33  33  GLU GLU A . n 
A 1 37  SER 37  34  34  SER SER A . n 
A 1 38  LEU 38  35  35  LEU LEU A . n 
A 1 39  THR 39  36  36  THR THR A . n 
A 1 40  GLU 40  37  37  GLU GLU A . n 
A 1 41  LEU 41  38  38  LEU LEU A . n 
A 1 42  GLN 42  39  39  GLN GLN A . n 
A 1 43  HIS 43  40  40  HIS HIS A . n 
A 1 44  LEU 44  41  41  LEU LEU A . n 
A 1 45  PHE 45  42  42  PHE PHE A . n 
A 1 46  ASP 46  43  43  ASP ASP A . n 
A 1 47  LYS 47  44  44  LYS LYS A . n 
A 1 48  HIS 48  45  45  HIS HIS A . n 
A 1 49  LEU 49  46  46  LEU LEU A . n 
A 1 50  LEU 50  47  47  LEU LEU A . n 
A 1 51  ASP 51  48  48  ASP ASP A . n 
A 1 52  GLU 52  49  49  GLU GLU A . n 
A 1 53  SER 53  50  50  SER SER A . n 
A 1 54  GLU 54  51  51  GLU GLU A . n 
A 1 55  ARG 55  52  52  ARG ARG A . n 
A 1 56  ARG 56  53  53  ARG ARG A . n 
A 1 57  PHE 57  54  54  PHE PHE A . n 
A 1 58  ILE 58  55  55  ILE ILE A . n 
A 1 59  VAL 59  56  56  VAL VAL A . n 
A 1 60  GLU 60  57  57  GLU GLU A . n 
A 1 61  ASP 61  58  58  ASP ASP A . n 
A 1 62  GLU 62  59  59  GLU GLU A . n 
A 1 63  ASN 63  60  60  ASN ASN A . n 
A 1 64  GLN 64  61  61  GLN GLN A . n 
A 1 65  VAL 65  62  62  VAL VAL A . n 
A 1 66  VAL 66  63  63  VAL VAL A . n 
A 1 67  GLY 67  64  64  GLY GLY A . n 
A 1 68  ILE 68  65  65  ILE ILE A . n 
A 1 69  VAL 69  66  66  VAL VAL A . n 
A 1 70  GLU 70  67  67  GLU GLU A . n 
A 1 71  LEU 71  68  68  LEU LEU A . n 
A 1 72  VAL 72  69  69  VAL VAL A . n 
A 1 73  GLU 73  70  70  GLU GLU A . n 
A 1 74  ILE 74  71  71  ILE ILE A . n 
A 1 75  ASN 75  72  72  ASN ASN A . n 
A 1 76  TYR 76  73  73  TYR TYR A . n 
A 1 77  ILE 77  74  74  ILE ILE A . n 
A 1 78  HIS 78  75  75  HIS HIS A . n 
A 1 79  ARG 79  76  76  ARG ARG A . n 
A 1 80  ASN 80  77  77  ASN ASN A . n 
A 1 81  CYS 81  78  78  CYS CYS A . n 
A 1 82  GLU 82  79  79  GLU GLU A . n 
A 1 83  ILE 83  80  80  ILE ILE A . n 
A 1 84  GLN 84  81  81  GLN GLN A . n 
A 1 85  ILE 85  82  82  ILE ILE A . n 
A 1 86  ILE 86  83  83  ILE ILE A . n 
A 1 87  ILE 87  84  84  ILE ILE A . n 
A 1 88  LYS 88  85  85  LYS LYS A . n 
A 1 89  PRO 89  86  86  PRO PRO A . n 
A 1 90  GLU 90  87  87  GLU GLU A . n 
A 1 91  PHE 91  88  88  PHE PHE A . n 
A 1 92  SER 92  89  89  SER SER A . n 
A 1 93  GLY 93  90  90  GLY GLY A . n 
A 1 94  LYS 94  91  91  LYS LYS A . n 
A 1 95  GLY 95  92  92  GLY GLY A . n 
A 1 96  TYR 96  93  93  TYR TYR A . n 
A 1 97  ALA 97  94  94  ALA ALA A . n 
A 1 98  LYS 98  95  95  LYS LYS A . n 
A 1 99  PHE 99  96  96  PHE PHE A . n 
A 1 100 ALA 100 97  97  ALA ALA A . n 
A 1 101 PHE 101 98  98  PHE PHE A . n 
A 1 102 GLU 102 99  99  GLU GLU A . n 
A 1 103 LYS 103 100 100 LYS LYS A . n 
A 1 104 ALA 104 101 101 ALA ALA A . n 
A 1 105 ILE 105 102 102 ILE ILE A . n 
A 1 106 ILE 106 103 103 ILE ILE A . n 
A 1 107 TYR 107 104 104 TYR TYR A . n 
A 1 108 ALA 108 105 105 ALA ALA A . n 
A 1 109 PHE 109 106 106 PHE PHE A . n 
A 1 110 ASN 110 107 107 ASN ASN A . n 
A 1 111 ILE 111 108 108 ILE ILE A . n 
A 1 112 LEU 112 109 109 LEU LEU A . n 
A 1 113 ASN 113 110 110 ASN ASN A . n 
A 1 114 MET 114 111 111 MET MET A . n 
A 1 115 HIS 115 112 112 HIS HIS A . n 
A 1 116 LYS 116 113 113 LYS LYS A . n 
A 1 117 ILE 117 114 114 ILE ILE A . n 
A 1 118 TYR 118 115 115 TYR TYR A . n 
A 1 119 LEU 119 116 116 LEU LEU A . n 
A 1 120 TYR 120 117 117 TYR TYR A . n 
A 1 121 VAL 121 118 118 VAL VAL A . n 
A 1 122 ASP 122 119 119 ASP ASP A . n 
A 1 123 ALA 123 120 120 ALA ALA A . n 
A 1 124 ASP 124 121 121 ASP ASP A . n 
A 1 125 ASN 125 122 122 ASN ASN A . n 
A 1 126 LYS 126 123 123 LYS LYS A . n 
A 1 127 LYS 127 124 124 LYS LYS A . n 
A 1 128 ALA 128 125 125 ALA ALA A . n 
A 1 129 ILE 129 126 126 ILE ILE A . n 
A 1 130 HIS 130 127 127 HIS HIS A . n 
A 1 131 ILE 131 128 128 ILE ILE A . n 
A 1 132 TYR 132 129 129 TYR TYR A . n 
A 1 133 GLU 133 130 130 GLU GLU A . n 
A 1 134 SER 134 131 131 SER SER A . n 
A 1 135 GLU 135 132 132 GLU GLU A . n 
A 1 136 GLY 136 133 133 GLY GLY A . n 
A 1 137 PHE 137 134 134 PHE PHE A . n 
A 1 138 LYS 138 135 135 LYS LYS A . n 
A 1 139 THR 139 136 136 THR THR A . n 
A 1 140 GLU 140 137 137 GLU GLU A . n 
A 1 141 GLY 141 138 138 GLY GLY A . n 
A 1 142 LEU 142 139 139 LEU LEU A . n 
A 1 143 LEU 143 140 140 LEU LEU A . n 
A 1 144 LYS 144 141 141 LYS LYS A . n 
A 1 145 GLU 145 142 142 GLU GLU A . n 
A 1 146 GLN 146 143 143 GLN GLN A . n 
A 1 147 PHE 147 144 144 PHE PHE A . n 
A 1 148 TYR 148 145 145 TYR TYR A . n 
A 1 149 THR 149 146 146 THR THR A . n 
A 1 150 LYS 150 147 147 LYS LYS A . n 
A 1 151 GLY 151 148 148 GLY GLY A . n 
A 1 152 LYS 152 149 149 LYS LYS A . n 
A 1 153 TYR 153 150 150 TYR TYR A . n 
A 1 154 LYS 154 151 151 LYS LYS A . n 
A 1 155 ASP 155 152 152 ASP ASP A . n 
A 1 156 ALA 156 153 153 ALA ALA A . n 
A 1 157 TYR 157 154 154 TYR TYR A . n 
A 1 158 PHE 158 155 155 PHE PHE A . n 
A 1 159 MET 159 156 156 MET MET A . n 
A 1 160 SER 160 157 157 SER SER A . n 
A 1 161 LEU 161 158 158 LEU LEU A . n 
A 1 162 LEU 162 159 159 LEU LEU A . n 
A 1 163 LYS 163 160 160 LYS LYS A . n 
A 1 164 SER 164 161 161 SER SER A . n 
A 1 165 GLU 165 162 162 GLU GLU A . n 
A 1 166 TYR 166 163 163 TYR TYR A . n 
A 1 167 ILE 167 164 164 ILE ILE A . n 
A 1 168 LEU 168 165 165 LEU LEU A . n 
# 
loop_
_pdbx_nonpoly_scheme.asym_id 
_pdbx_nonpoly_scheme.entity_id 
_pdbx_nonpoly_scheme.mon_id 
_pdbx_nonpoly_scheme.ndb_seq_num 
_pdbx_nonpoly_scheme.pdb_seq_num 
_pdbx_nonpoly_scheme.auth_seq_num 
_pdbx_nonpoly_scheme.pdb_mon_id 
_pdbx_nonpoly_scheme.auth_mon_id 
_pdbx_nonpoly_scheme.pdb_strand_id 
_pdbx_nonpoly_scheme.pdb_ins_code 
B 2 HOH 1   201 81  HOH HOH A . 
B 2 HOH 2   202 28  HOH HOH A . 
B 2 HOH 3   203 13  HOH HOH A . 
B 2 HOH 4   204 62  HOH HOH A . 
B 2 HOH 5   205 102 HOH HOH A . 
B 2 HOH 6   206 95  HOH HOH A . 
B 2 HOH 7   207 45  HOH HOH A . 
B 2 HOH 8   208 90  HOH HOH A . 
B 2 HOH 9   209 5   HOH HOH A . 
B 2 HOH 10  210 35  HOH HOH A . 
B 2 HOH 11  211 64  HOH HOH A . 
B 2 HOH 12  212 27  HOH HOH A . 
B 2 HOH 13  213 30  HOH HOH A . 
B 2 HOH 14  214 88  HOH HOH A . 
B 2 HOH 15  215 65  HOH HOH A . 
B 2 HOH 16  216 61  HOH HOH A . 
B 2 HOH 17  217 21  HOH HOH A . 
B 2 HOH 18  218 23  HOH HOH A . 
B 2 HOH 19  219 3   HOH HOH A . 
B 2 HOH 20  220 14  HOH HOH A . 
B 2 HOH 21  221 22  HOH HOH A . 
B 2 HOH 22  222 33  HOH HOH A . 
B 2 HOH 23  223 87  HOH HOH A . 
B 2 HOH 24  224 34  HOH HOH A . 
B 2 HOH 25  225 72  HOH HOH A . 
B 2 HOH 26  226 54  HOH HOH A . 
B 2 HOH 27  227 32  HOH HOH A . 
B 2 HOH 28  228 71  HOH HOH A . 
B 2 HOH 29  229 75  HOH HOH A . 
B 2 HOH 30  230 66  HOH HOH A . 
B 2 HOH 31  231 2   HOH HOH A . 
B 2 HOH 32  232 47  HOH HOH A . 
B 2 HOH 33  233 15  HOH HOH A . 
B 2 HOH 34  234 76  HOH HOH A . 
B 2 HOH 35  235 70  HOH HOH A . 
B 2 HOH 36  236 25  HOH HOH A . 
B 2 HOH 37  237 29  HOH HOH A . 
B 2 HOH 38  238 17  HOH HOH A . 
B 2 HOH 39  239 48  HOH HOH A . 
B 2 HOH 40  240 19  HOH HOH A . 
B 2 HOH 41  241 69  HOH HOH A . 
B 2 HOH 42  242 53  HOH HOH A . 
B 2 HOH 43  243 79  HOH HOH A . 
B 2 HOH 44  244 107 HOH HOH A . 
B 2 HOH 45  245 83  HOH HOH A . 
B 2 HOH 46  246 78  HOH HOH A . 
B 2 HOH 47  247 50  HOH HOH A . 
B 2 HOH 48  248 4   HOH HOH A . 
B 2 HOH 49  249 100 HOH HOH A . 
B 2 HOH 50  250 106 HOH HOH A . 
B 2 HOH 51  251 74  HOH HOH A . 
B 2 HOH 52  252 52  HOH HOH A . 
B 2 HOH 53  253 26  HOH HOH A . 
B 2 HOH 54  254 112 HOH HOH A . 
B 2 HOH 55  255 97  HOH HOH A . 
B 2 HOH 56  256 108 HOH HOH A . 
B 2 HOH 57  257 85  HOH HOH A . 
B 2 HOH 58  258 1   HOH HOH A . 
B 2 HOH 59  259 51  HOH HOH A . 
B 2 HOH 60  260 12  HOH HOH A . 
B 2 HOH 61  261 40  HOH HOH A . 
B 2 HOH 62  262 18  HOH HOH A . 
B 2 HOH 63  263 60  HOH HOH A . 
B 2 HOH 64  264 36  HOH HOH A . 
B 2 HOH 65  265 16  HOH HOH A . 
B 2 HOH 66  266 93  HOH HOH A . 
B 2 HOH 67  267 41  HOH HOH A . 
B 2 HOH 68  268 8   HOH HOH A . 
B 2 HOH 69  269 73  HOH HOH A . 
B 2 HOH 70  270 55  HOH HOH A . 
B 2 HOH 71  271 11  HOH HOH A . 
B 2 HOH 72  272 80  HOH HOH A . 
B 2 HOH 73  273 43  HOH HOH A . 
B 2 HOH 74  274 58  HOH HOH A . 
B 2 HOH 75  275 96  HOH HOH A . 
B 2 HOH 76  276 49  HOH HOH A . 
B 2 HOH 77  277 89  HOH HOH A . 
B 2 HOH 78  278 99  HOH HOH A . 
B 2 HOH 79  279 110 HOH HOH A . 
B 2 HOH 80  280 77  HOH HOH A . 
B 2 HOH 81  281 7   HOH HOH A . 
B 2 HOH 82  282 37  HOH HOH A . 
B 2 HOH 83  283 94  HOH HOH A . 
B 2 HOH 84  284 92  HOH HOH A . 
B 2 HOH 85  285 91  HOH HOH A . 
B 2 HOH 86  286 20  HOH HOH A . 
B 2 HOH 87  287 9   HOH HOH A . 
B 2 HOH 88  288 44  HOH HOH A . 
B 2 HOH 89  289 63  HOH HOH A . 
B 2 HOH 90  290 56  HOH HOH A . 
B 2 HOH 91  291 39  HOH HOH A . 
B 2 HOH 92  292 109 HOH HOH A . 
B 2 HOH 93  293 101 HOH HOH A . 
B 2 HOH 94  294 42  HOH HOH A . 
B 2 HOH 95  295 24  HOH HOH A . 
B 2 HOH 96  296 84  HOH HOH A . 
B 2 HOH 97  297 38  HOH HOH A . 
B 2 HOH 98  298 98  HOH HOH A . 
B 2 HOH 99  299 105 HOH HOH A . 
B 2 HOH 100 300 67  HOH HOH A . 
B 2 HOH 101 301 86  HOH HOH A . 
B 2 HOH 102 302 31  HOH HOH A . 
B 2 HOH 103 303 82  HOH HOH A . 
B 2 HOH 104 304 59  HOH HOH A . 
B 2 HOH 105 305 103 HOH HOH A . 
B 2 HOH 106 306 57  HOH HOH A . 
B 2 HOH 107 307 68  HOH HOH A . 
B 2 HOH 108 308 104 HOH HOH A . 
B 2 HOH 109 309 46  HOH HOH A . 
B 2 HOH 110 310 111 HOH HOH A . 
# 
loop_
_software.citation_id 
_software.classification 
_software.compiler_name 
_software.compiler_version 
_software.contact_author 
_software.contact_author_email 
_software.date 
_software.description 
_software.dependencies 
_software.hardware 
_software.language 
_software.location 
_software.mods 
_software.name 
_software.os 
_software.os_version 
_software.type 
_software.version 
_software.pdbx_ordinal 
? refinement       ? ? ? ? ? ? ? ? ? ? ? REFMAC  ? ? ? 5.8.0135 1 
? 'data reduction' ? ? ? ? ? ? ? ? ? ? ? iMOSFLM ? ? ? .        2 
? 'data scaling'   ? ? ? ? ? ? ? ? ? ? ? Aimless ? ? ? .        3 
? phasing          ? ? ? ? ? ? ? ? ? ? ? PHENIX  ? ? ? .        4 
# 
_cell.entry_id           5IX3 
_cell.length_a           107.950 
_cell.length_b           107.950 
_cell.length_c           65.230 
_cell.angle_alpha        90.00 
_cell.angle_beta         90.00 
_cell.angle_gamma        120.00 
_cell.Z_PDB              12 
_cell.pdbx_unique_axis   ? 
# 
_symmetry.entry_id                         5IX3 
_symmetry.space_group_name_H-M             'P 6 2 2' 
_symmetry.pdbx_full_space_group_name_H-M   ? 
_symmetry.cell_setting                     ? 
_symmetry.Int_Tables_number                177 
# 
_exptl.absorpt_coefficient_mu     ? 
_exptl.absorpt_correction_T_max   ? 
_exptl.absorpt_correction_T_min   ? 
_exptl.absorpt_correction_type    ? 
_exptl.absorpt_process_details    ? 
_exptl.entry_id                   5IX3 
_exptl.crystals_number            1 
_exptl.details                    ? 
_exptl.method                     'X-RAY DIFFRACTION' 
_exptl.method_details             ? 
# 
_exptl_crystal.colour                      ? 
_exptl_crystal.density_diffrn              ? 
_exptl_crystal.density_Matthews            2.73 
_exptl_crystal.density_method              ? 
_exptl_crystal.density_percent_sol         54.98 
_exptl_crystal.description                 ? 
_exptl_crystal.F_000                       ? 
_exptl_crystal.id                          1 
_exptl_crystal.preparation                 ? 
_exptl_crystal.size_max                    ? 
_exptl_crystal.size_mid                    ? 
_exptl_crystal.size_min                    ? 
_exptl_crystal.size_rad                    ? 
_exptl_crystal.colour_lustre               ? 
_exptl_crystal.colour_modifier             ? 
_exptl_crystal.colour_primary              ? 
_exptl_crystal.density_meas                ? 
_exptl_crystal.density_meas_esd            ? 
_exptl_crystal.density_meas_gt             ? 
_exptl_crystal.density_meas_lt             ? 
_exptl_crystal.density_meas_temp           ? 
_exptl_crystal.density_meas_temp_esd       ? 
_exptl_crystal.density_meas_temp_gt        ? 
_exptl_crystal.density_meas_temp_lt        ? 
_exptl_crystal.pdbx_crystal_image_url      ? 
_exptl_crystal.pdbx_crystal_image_format   ? 
_exptl_crystal.pdbx_mosaicity              ? 
_exptl_crystal.pdbx_mosaicity_esd          ? 
# 
_exptl_crystal_grow.apparatus       ? 
_exptl_crystal_grow.atmosphere      ? 
_exptl_crystal_grow.crystal_id      1 
_exptl_crystal_grow.details         ? 
_exptl_crystal_grow.method          'VAPOR DIFFUSION' 
_exptl_crystal_grow.method_ref      ? 
_exptl_crystal_grow.pH              8 
_exptl_crystal_grow.pressure        ? 
_exptl_crystal_grow.pressure_esd    ? 
_exptl_crystal_grow.seeding         ? 
_exptl_crystal_grow.seeding_ref     ? 
_exptl_crystal_grow.temp            296 
_exptl_crystal_grow.temp_details    ? 
_exptl_crystal_grow.temp_esd        ? 
_exptl_crystal_grow.time            ? 
_exptl_crystal_grow.pdbx_details    '0.1M NaCl, 0.1M HEPES pH8.0, 1.6M Ammonium Sulfate' 
_exptl_crystal_grow.pdbx_pH_range   ? 
# 
_diffrn.ambient_environment    ? 
_diffrn.ambient_temp           100 
_diffrn.ambient_temp_details   ? 
_diffrn.ambient_temp_esd       ? 
_diffrn.crystal_id             1 
_diffrn.crystal_support        ? 
_diffrn.crystal_treatment      ? 
_diffrn.details                ? 
_diffrn.id                     1 
_diffrn.ambient_pressure       ? 
_diffrn.ambient_pressure_esd   ? 
_diffrn.ambient_pressure_gt    ? 
_diffrn.ambient_pressure_lt    ? 
_diffrn.ambient_temp_gt        ? 
_diffrn.ambient_temp_lt        ? 
# 
_diffrn_detector.details                      ? 
_diffrn_detector.detector                     CCD 
_diffrn_detector.diffrn_id                    1 
_diffrn_detector.type                         'ADSC QUANTUM 315r' 
_diffrn_detector.area_resol_mean              ? 
_diffrn_detector.dtime                        ? 
_diffrn_detector.pdbx_frames_total            ? 
_diffrn_detector.pdbx_collection_time_total   ? 
_diffrn_detector.pdbx_collection_date         2015-02-15 
# 
_diffrn_radiation.collimation                      ? 
_diffrn_radiation.diffrn_id                        1 
_diffrn_radiation.filter_edge                      ? 
_diffrn_radiation.inhomogeneity                    ? 
_diffrn_radiation.monochromator                    'silicon double crystal' 
_diffrn_radiation.polarisn_norm                    ? 
_diffrn_radiation.polarisn_ratio                   ? 
_diffrn_radiation.probe                            ? 
_diffrn_radiation.type                             ? 
_diffrn_radiation.xray_symbol                      ? 
_diffrn_radiation.wavelength_id                    1 
_diffrn_radiation.pdbx_monochromatic_or_laue_m_l   M 
_diffrn_radiation.pdbx_wavelength_list             ? 
_diffrn_radiation.pdbx_wavelength                  ? 
_diffrn_radiation.pdbx_diffrn_protocol             'SINGLE WAVELENGTH' 
_diffrn_radiation.pdbx_analyzer                    ? 
_diffrn_radiation.pdbx_scattering_type             x-ray 
# 
_diffrn_radiation_wavelength.id           1 
_diffrn_radiation_wavelength.wavelength   0.9537 
_diffrn_radiation_wavelength.wt           1.0 
# 
_diffrn_source.current                     ? 
_diffrn_source.details                     ? 
_diffrn_source.diffrn_id                   1 
_diffrn_source.power                       ? 
_diffrn_source.size                        ? 
_diffrn_source.source                      SYNCHROTRON 
_diffrn_source.target                      ? 
_diffrn_source.type                        'AUSTRALIAN SYNCHROTRON BEAMLINE MX1' 
_diffrn_source.voltage                     ? 
_diffrn_source.take-off_angle              ? 
_diffrn_source.pdbx_wavelength_list        0.9537 
_diffrn_source.pdbx_wavelength             ? 
_diffrn_source.pdbx_synchrotron_beamline   MX1 
_diffrn_source.pdbx_synchrotron_site       'Australian Synchrotron' 
# 
_reflns.B_iso_Wilson_estimate            ? 
_reflns.entry_id                         5IX3 
_reflns.data_reduction_details           ? 
_reflns.data_reduction_method            ? 
_reflns.d_resolution_high                1.81 
_reflns.d_resolution_low                 38 
_reflns.details                          ? 
_reflns.limit_h_max                      ? 
_reflns.limit_h_min                      ? 
_reflns.limit_k_max                      ? 
_reflns.limit_k_min                      ? 
_reflns.limit_l_max                      ? 
_reflns.limit_l_min                      ? 
_reflns.number_all                       ? 
_reflns.number_obs                       20350 
_reflns.observed_criterion               ? 
_reflns.observed_criterion_F_max         ? 
_reflns.observed_criterion_F_min         ? 
_reflns.observed_criterion_I_max         ? 
_reflns.observed_criterion_I_min         ? 
_reflns.observed_criterion_sigma_F       ? 
_reflns.observed_criterion_sigma_I       ? 
_reflns.percent_possible_obs             97.4 
_reflns.R_free_details                   ? 
_reflns.Rmerge_F_all                     ? 
_reflns.Rmerge_F_obs                     ? 
_reflns.Friedel_coverage                 ? 
_reflns.number_gt                        ? 
_reflns.threshold_expression             ? 
_reflns.pdbx_redundancy                  16.6 
_reflns.pdbx_Rmerge_I_obs                0.020 
_reflns.pdbx_Rmerge_I_all                ? 
_reflns.pdbx_Rsym_value                  ? 
_reflns.pdbx_netI_over_av_sigmaI         ? 
_reflns.pdbx_netI_over_sigmaI            13.19 
_reflns.pdbx_res_netI_over_av_sigmaI_2   ? 
_reflns.pdbx_res_netI_over_sigmaI_2      ? 
_reflns.pdbx_chi_squared                 ? 
_reflns.pdbx_scaling_rejects             ? 
_reflns.pdbx_d_res_high_opt              ? 
_reflns.pdbx_d_res_low_opt               ? 
_reflns.pdbx_d_res_opt_method            ? 
_reflns.phase_calculation_details        ? 
_reflns.pdbx_Rrim_I_all                  ? 
_reflns.pdbx_Rpim_I_all                  ? 
_reflns.pdbx_d_opt                       ? 
_reflns.pdbx_number_measured_all         ? 
_reflns.pdbx_diffrn_id                   1 
_reflns.pdbx_ordinal                     1 
_reflns.pdbx_CC_half                     ? 
_reflns.pdbx_R_split                     ? 
# 
_reflns_shell.d_res_high                  1.81 
_reflns_shell.d_res_low                   1.87 
_reflns_shell.meanI_over_sigI_all         ? 
_reflns_shell.meanI_over_sigI_obs         ? 
_reflns_shell.number_measured_all         ? 
_reflns_shell.number_measured_obs         ? 
_reflns_shell.number_possible             ? 
_reflns_shell.number_unique_all           ? 
_reflns_shell.number_unique_obs           ? 
_reflns_shell.percent_possible_all        95.5 
_reflns_shell.percent_possible_obs        ? 
_reflns_shell.Rmerge_F_all                ? 
_reflns_shell.Rmerge_F_obs                ? 
_reflns_shell.Rmerge_I_all                ? 
_reflns_shell.Rmerge_I_obs                0.29 
_reflns_shell.meanI_over_sigI_gt          ? 
_reflns_shell.meanI_over_uI_all           ? 
_reflns_shell.meanI_over_uI_gt            ? 
_reflns_shell.number_measured_gt          ? 
_reflns_shell.number_unique_gt            ? 
_reflns_shell.percent_possible_gt         ? 
_reflns_shell.Rmerge_F_gt                 ? 
_reflns_shell.Rmerge_I_gt                 ? 
_reflns_shell.pdbx_redundancy             16.4 
_reflns_shell.pdbx_Rsym_value             ? 
_reflns_shell.pdbx_chi_squared            ? 
_reflns_shell.pdbx_netI_over_sigmaI_all   ? 
_reflns_shell.pdbx_netI_over_sigmaI_obs   ? 
_reflns_shell.pdbx_Rrim_I_all             ? 
_reflns_shell.pdbx_Rpim_I_all             ? 
_reflns_shell.pdbx_rejects                ? 
_reflns_shell.pdbx_ordinal                1 
_reflns_shell.pdbx_diffrn_id              1 
_reflns_shell.pdbx_CC_half                ? 
_reflns_shell.pdbx_R_split                ? 
# 
_refine.pdbx_refine_id                           'X-RAY DIFFRACTION' 
_refine.entry_id                                 5IX3 
_refine.pdbx_diffrn_id                           1 
_refine.pdbx_TLS_residual_ADP_flag               ? 
_refine.ls_number_reflns_obs                     19309 
_refine.ls_number_reflns_all                     ? 
_refine.pdbx_ls_sigma_I                          ? 
_refine.pdbx_ls_sigma_F                          ? 
_refine.pdbx_data_cutoff_high_absF               ? 
_refine.pdbx_data_cutoff_low_absF                ? 
_refine.pdbx_data_cutoff_high_rms_absF           ? 
_refine.ls_d_res_low                             37.00 
_refine.ls_d_res_high                            1.81 
_refine.ls_percent_reflns_obs                    96.89 
_refine.ls_R_factor_obs                          0.22300 
_refine.ls_R_factor_all                          ? 
_refine.ls_R_factor_R_work                       0.22171 
_refine.ls_R_factor_R_free                       0.24731 
_refine.ls_R_factor_R_free_error                 ? 
_refine.ls_R_factor_R_free_error_details         ? 
_refine.ls_percent_reflns_R_free                 5.0 
_refine.ls_number_reflns_R_free                  1010 
_refine.ls_number_parameters                     ? 
_refine.ls_number_restraints                     ? 
_refine.occupancy_min                            ? 
_refine.occupancy_max                            ? 
_refine.correlation_coeff_Fo_to_Fc               0.944 
_refine.correlation_coeff_Fo_to_Fc_free          0.933 
_refine.B_iso_mean                               33.166 
_refine.aniso_B[1][1]                            -0.53 
_refine.aniso_B[2][2]                            -0.53 
_refine.aniso_B[3][3]                            1.71 
_refine.aniso_B[1][2]                            -0.26 
_refine.aniso_B[1][3]                            -0.00 
_refine.aniso_B[2][3]                            -0.00 
_refine.solvent_model_details                    MASK 
_refine.solvent_model_param_ksol                 ? 
_refine.solvent_model_param_bsol                 ? 
_refine.pdbx_solvent_vdw_probe_radii             1.20 
_refine.pdbx_solvent_ion_probe_radii             0.80 
_refine.pdbx_solvent_shrinkage_radii             0.80 
_refine.pdbx_ls_cross_valid_method               THROUGHOUT 
_refine.details                                  'HYDROGENS HAVE BEEN ADDED IN THE RIDING POSITIONS' 
_refine.pdbx_starting_model                      ? 
_refine.pdbx_method_to_determine_struct          'MOLECULAR REPLACEMENT' 
_refine.pdbx_isotropic_thermal_model             ? 
_refine.pdbx_stereochemistry_target_values       'MAXIMUM LIKELIHOOD' 
_refine.pdbx_stereochem_target_val_spec_case     ? 
_refine.pdbx_R_Free_selection_details            RANDOM 
_refine.pdbx_overall_ESU_R                       0.140 
_refine.pdbx_overall_ESU_R_Free                  0.129 
_refine.overall_SU_ML                            0.102 
_refine.pdbx_overall_phase_error                 ? 
_refine.overall_SU_B                             3.389 
_refine.overall_SU_R_Cruickshank_DPI             ? 
_refine.pdbx_overall_SU_R_free_Cruickshank_DPI   ? 
_refine.pdbx_overall_SU_R_Blow_DPI               ? 
_refine.pdbx_overall_SU_R_free_Blow_DPI          ? 
# 
_refine_hist.pdbx_refine_id                   'X-RAY DIFFRACTION' 
_refine_hist.cycle_id                         LAST 
_refine_hist.pdbx_number_atoms_protein        1404 
_refine_hist.pdbx_number_atoms_nucleic_acid   0 
_refine_hist.pdbx_number_atoms_ligand         0 
_refine_hist.number_atoms_solvent             110 
_refine_hist.number_atoms_total               1514 
_refine_hist.d_res_high                       1.81 
_refine_hist.d_res_low                        37.00 
# 
loop_
_refine_ls_restr.type 
_refine_ls_restr.dev_ideal 
_refine_ls_restr.dev_ideal_target 
_refine_ls_restr.weight 
_refine_ls_restr.number 
_refine_ls_restr.pdbx_refine_id 
_refine_ls_restr.pdbx_restraint_function 
r_bond_refined_d             0.020  0.019  ? 1447 'X-RAY DIFFRACTION' ? 
r_bond_other_d               0.003  0.020  ? 1372 'X-RAY DIFFRACTION' ? 
r_angle_refined_deg          1.733  1.957  ? 1948 'X-RAY DIFFRACTION' ? 
r_angle_other_deg            1.049  3.000  ? 3164 'X-RAY DIFFRACTION' ? 
r_dihedral_angle_1_deg       5.960  5.000  ? 167  'X-RAY DIFFRACTION' ? 
r_dihedral_angle_2_deg       33.501 24.545 ? 77   'X-RAY DIFFRACTION' ? 
r_dihedral_angle_3_deg       16.337 15.000 ? 272  'X-RAY DIFFRACTION' ? 
r_dihedral_angle_4_deg       22.892 15.000 ? 5    'X-RAY DIFFRACTION' ? 
r_chiral_restr               0.126  0.200  ? 205  'X-RAY DIFFRACTION' ? 
r_gen_planes_refined         0.010  0.020  ? 1608 'X-RAY DIFFRACTION' ? 
r_gen_planes_other           0.002  0.020  ? 349  'X-RAY DIFFRACTION' ? 
r_nbd_refined                ?      ?      ? ?    'X-RAY DIFFRACTION' ? 
r_nbd_other                  ?      ?      ? ?    'X-RAY DIFFRACTION' ? 
r_nbtor_refined              ?      ?      ? ?    'X-RAY DIFFRACTION' ? 
r_nbtor_other                ?      ?      ? ?    'X-RAY DIFFRACTION' ? 
r_xyhbond_nbd_refined        ?      ?      ? ?    'X-RAY DIFFRACTION' ? 
r_xyhbond_nbd_other          ?      ?      ? ?    'X-RAY DIFFRACTION' ? 
r_metal_ion_refined          ?      ?      ? ?    'X-RAY DIFFRACTION' ? 
r_metal_ion_other            ?      ?      ? ?    'X-RAY DIFFRACTION' ? 
r_symmetry_vdw_refined       ?      ?      ? ?    'X-RAY DIFFRACTION' ? 
r_symmetry_vdw_other         ?      ?      ? ?    'X-RAY DIFFRACTION' ? 
r_symmetry_hbond_refined     ?      ?      ? ?    'X-RAY DIFFRACTION' ? 
r_symmetry_hbond_other       ?      ?      ? ?    'X-RAY DIFFRACTION' ? 
r_symmetry_metal_ion_refined ?      ?      ? ?    'X-RAY DIFFRACTION' ? 
r_symmetry_metal_ion_other   ?      ?      ? ?    'X-RAY DIFFRACTION' ? 
r_mcbond_it                  2.975  2.860  ? 665  'X-RAY DIFFRACTION' ? 
r_mcbond_other               2.962  2.855  ? 664  'X-RAY DIFFRACTION' ? 
r_mcangle_it                 3.864  4.263  ? 830  'X-RAY DIFFRACTION' ? 
r_mcangle_other              3.868  4.268  ? 831  'X-RAY DIFFRACTION' ? 
r_scbond_it                  4.521  3.479  ? 782  'X-RAY DIFFRACTION' ? 
r_scbond_other               4.519  3.482  ? 783  'X-RAY DIFFRACTION' ? 
r_scangle_it                 ?      ?      ? ?    'X-RAY DIFFRACTION' ? 
r_scangle_other              6.846  5.003  ? 1117 'X-RAY DIFFRACTION' ? 
r_long_range_B_refined       8.638  28.567 ? 6130 'X-RAY DIFFRACTION' ? 
r_long_range_B_other         8.589  28.425 ? 6056 'X-RAY DIFFRACTION' ? 
r_rigid_bond_restr           ?      ?      ? ?    'X-RAY DIFFRACTION' ? 
r_sphericity_free            ?      ?      ? ?    'X-RAY DIFFRACTION' ? 
r_sphericity_bonded          ?      ?      ? ?    'X-RAY DIFFRACTION' ? 
# 
_refine_ls_shell.pdbx_refine_id                   'X-RAY DIFFRACTION' 
_refine_ls_shell.pdbx_total_number_of_bins_used   20 
_refine_ls_shell.d_res_high                       1.810 
_refine_ls_shell.d_res_low                        1.857 
_refine_ls_shell.number_reflns_R_work             1364 
_refine_ls_shell.R_factor_R_work                  0.298 
_refine_ls_shell.percent_reflns_obs               94.79 
_refine_ls_shell.R_factor_R_free                  0.328 
_refine_ls_shell.R_factor_R_free_error            ? 
_refine_ls_shell.percent_reflns_R_free            ? 
_refine_ls_shell.number_reflns_R_free             73 
_refine_ls_shell.number_reflns_all                ? 
_refine_ls_shell.R_factor_all                     ? 
# 
_struct.entry_id                     5IX3 
_struct.title                        'Crystal structure of N-acetyltransferase from Staphylococcus aureus.' 
_struct.pdbx_model_details           ? 
_struct.pdbx_formula_weight          ? 
_struct.pdbx_formula_weight_method   ? 
_struct.pdbx_model_type_details      ? 
_struct.pdbx_CASP_flag               ? 
# 
_struct_keywords.entry_id        5IX3 
_struct_keywords.text            'N-acetyltransferase, GNATs, SPEG, Staphylococcus aureus, TRANSFERASE' 
_struct_keywords.pdbx_keywords   TRANSFERASE 
# 
loop_
_struct_asym.id 
_struct_asym.pdbx_blank_PDB_chainid_flag 
_struct_asym.pdbx_modified 
_struct_asym.entity_id 
_struct_asym.details 
A N N 1 ? 
B N N 2 ? 
# 
_struct_ref.id                         1 
_struct_ref.db_name                    UNP 
_struct_ref.db_code                    U5NVV0_STAAU 
_struct_ref.pdbx_db_accession          U5NVV0 
_struct_ref.pdbx_db_isoform            ? 
_struct_ref.entity_id                  1 
_struct_ref.pdbx_seq_one_letter_code   
;MKLRALEYSDLLFVHELNNEYSIMSYWFEEPYESLTELQHLFDKHLLDESERRFIVEDENQVVGIVELVEINYIHRNCEI
QIIIKPEFSGKGYAKFAFEKAIIYAFNILNMHKIYLYVDADNKKAIHIYESQGFKTEGLLKEQFYTKGKYKDAYFMSLLK
SEYIL
;
_struct_ref.pdbx_align_begin           1 
# 
_struct_ref_seq.align_id                      1 
_struct_ref_seq.ref_id                        1 
_struct_ref_seq.pdbx_PDB_id_code              5IX3 
_struct_ref_seq.pdbx_strand_id                A 
_struct_ref_seq.seq_align_beg                 4 
_struct_ref_seq.pdbx_seq_align_beg_ins_code   ? 
_struct_ref_seq.seq_align_end                 168 
_struct_ref_seq.pdbx_seq_align_end_ins_code   ? 
_struct_ref_seq.pdbx_db_accession             U5NVV0 
_struct_ref_seq.db_align_beg                  1 
_struct_ref_seq.pdbx_db_align_beg_ins_code    ? 
_struct_ref_seq.db_align_end                  165 
_struct_ref_seq.pdbx_db_align_end_ins_code    ? 
_struct_ref_seq.pdbx_auth_seq_align_beg       1 
_struct_ref_seq.pdbx_auth_seq_align_end       165 
# 
loop_
_struct_ref_seq_dif.align_id 
_struct_ref_seq_dif.pdbx_pdb_id_code 
_struct_ref_seq_dif.mon_id 
_struct_ref_seq_dif.pdbx_pdb_strand_id 
_struct_ref_seq_dif.seq_num 
_struct_ref_seq_dif.pdbx_pdb_ins_code 
_struct_ref_seq_dif.pdbx_seq_db_name 
_struct_ref_seq_dif.pdbx_seq_db_accession_code 
_struct_ref_seq_dif.db_mon_id 
_struct_ref_seq_dif.pdbx_seq_db_seq_num 
_struct_ref_seq_dif.details 
_struct_ref_seq_dif.pdbx_auth_seq_num 
_struct_ref_seq_dif.pdbx_ordinal 
1 5IX3 SER A 1   ? UNP U5NVV0 ?   ?   'expression tag' -2  1 
1 5IX3 ASN A 2   ? UNP U5NVV0 ?   ?   'expression tag' -1  2 
1 5IX3 ALA A 3   ? UNP U5NVV0 ?   ?   'expression tag' 0   3 
1 5IX3 GLU A 135 ? UNP U5NVV0 GLN 132 conflict         132 4 
# 
_pdbx_struct_assembly.id                   1 
_pdbx_struct_assembly.details              author_and_software_defined_assembly 
_pdbx_struct_assembly.method_details       PISA 
_pdbx_struct_assembly.oligomeric_details   dodecameric 
_pdbx_struct_assembly.oligomeric_count     12 
# 
loop_
_pdbx_struct_assembly_prop.biol_id 
_pdbx_struct_assembly_prop.type 
_pdbx_struct_assembly_prop.value 
_pdbx_struct_assembly_prop.details 
1 'ABSA (A^2)' 32360 ? 
1 MORE         -103  ? 
1 'SSA (A^2)'  83180 ? 
# 
_pdbx_struct_assembly_gen.assembly_id       1 
_pdbx_struct_assembly_gen.oper_expression   1,2,3,4,5,6,7,8,9,10,11,12 
_pdbx_struct_assembly_gen.asym_id_list      A,B 
# 
loop_
_pdbx_struct_oper_list.id 
_pdbx_struct_oper_list.type 
_pdbx_struct_oper_list.name 
_pdbx_struct_oper_list.symmetry_operation 
_pdbx_struct_oper_list.matrix[1][1] 
_pdbx_struct_oper_list.matrix[1][2] 
_pdbx_struct_oper_list.matrix[1][3] 
_pdbx_struct_oper_list.vector[1] 
_pdbx_struct_oper_list.matrix[2][1] 
_pdbx_struct_oper_list.matrix[2][2] 
_pdbx_struct_oper_list.matrix[2][3] 
_pdbx_struct_oper_list.vector[2] 
_pdbx_struct_oper_list.matrix[3][1] 
_pdbx_struct_oper_list.matrix[3][2] 
_pdbx_struct_oper_list.matrix[3][3] 
_pdbx_struct_oper_list.vector[3] 
1  'identity operation'         1_555  x,y,z            1.0000000000  0.0000000000  0.0000000000  0.0000000000   0.0000000000  1.0000000000  0.0000000000  0.0000000000  0.0000000000  0.0000000000  1.0000000000  0.0000000000   
2  'crystal symmetry operation' 2_345  -y-2,x-y-1,z     -0.4778665921 0.8497729912  -0.2225519794 -46.4841313107 -0.6880500125 -0.2045832033 0.6962276160  34.9424898022 0.5461050270  0.4858308104  0.6824497954  -11.1057493774 
3  'crystal symmetry operation' 3_435  -x+y-1,-x-2,z    -0.4778665921 -0.6880500125 0.5461050270  7.8938726922   0.8497729912  -0.2045832033 0.4858308104  52.0451210260 -0.2225519794 0.6962276160  0.6824497954  -27.0939454149 
4  'crystal symmetry operation' 4_335  -x-2,-y-2,z      -0.9704887895 0.1078153192  0.2157020317  -25.7268390790 0.1078153192  -0.6061109377 0.7880389509  57.9917405521 0.2157020317  0.7880389509  0.5765997272  -25.4664631949 
5  'crystal symmetry operation' 5_545  y,-x+y-1,z       0.5073778026  -0.7419576721 0.4382540111  20.7572922317  0.7958653317  0.5984722656  0.0918113349  23.0492507499 -0.3304029952 0.3022081405  0.8941499318  -14.3607138174 
6  'crystal symmetry operation' 6_455  x-y-1,x,z        0.5073778026  0.7958653317  -0.3304029952 -33.6207117712 -0.7419576721 0.5984722656  0.3022081405  5.9466195261  0.4382540111  0.0918113349  0.8941499318  1.6274822200   
7  'crystal symmetry operation' 7_557  y,x,-z+2         -0.0850492439 0.8355383528  -0.5428096233 -41.7982270880 0.8355383528  -0.2369815158 -0.4956969055 52.3525821706 -0.5428096233 -0.4956969055 -0.6779692402 10.1311225099  
8  'crystal symmetry operation' 8_437  x-y-1,-y-2,-z+2  -0.8306810457 -0.5069233022 0.2302124367  -2.6206888568  -0.5069233022 0.5176755337  -0.6892320418 10.7376690618 0.2302124367  -0.6892320418 -0.6869944880 25.5716287166  
9  'crystal symmetry operation' 9_347  -x-2,-x+y-1,-z+2 0.8714634738  -0.4903380293 -0.0109558610 15.7229540035  -0.4903380293 -0.8715276112 0.0028705210  60.0448687833 -0.0109558610 0.0028705210  -0.9999358626 -1.5834914037  
10 'crystal symmetry operation' 10_337 -y-2,-x-2,-z+2   0.0555380334  -0.9433536720 0.3271075916  22.6675857938  -0.9433536720 -0.1569075464 -0.2923420453 29.7374978399 0.3271075916  -0.2923420453 -0.8986304869 12.6150507053  
11 'crystal symmetry operation' 11_457 -x+y-1,y,-z+2    0.8011698351  0.3991079831  -0.4459144684 -16.5099524374 0.3991079831  -0.9115645959 -0.0988069091 71.3524109487 -0.4459144684 -0.0988069091 -0.8896052392 -2.8254555014  
12 'crystal symmetry operation' 12_547 x,x-y-1,-z+2     -0.9009746843 0.3825227101  -0.2047461708 -34.8535952978 0.3825227101  0.4776385490  -0.7909094719 22.0452112272 -0.2047461708 -0.7909094719 -0.5766638646 24.3296646189 
# 
loop_
_struct_conf.conf_type_id 
_struct_conf.id 
_struct_conf.pdbx_PDB_helix_id 
_struct_conf.beg_label_comp_id 
_struct_conf.beg_label_asym_id 
_struct_conf.beg_label_seq_id 
_struct_conf.pdbx_beg_PDB_ins_code 
_struct_conf.end_label_comp_id 
_struct_conf.end_label_asym_id 
_struct_conf.end_label_seq_id 
_struct_conf.pdbx_end_PDB_ins_code 
_struct_conf.beg_auth_comp_id 
_struct_conf.beg_auth_asym_id 
_struct_conf.beg_auth_seq_id 
_struct_conf.end_auth_comp_id 
_struct_conf.end_auth_asym_id 
_struct_conf.end_auth_seq_id 
_struct_conf.pdbx_PDB_helix_class 
_struct_conf.details 
_struct_conf.pdbx_PDB_helix_length 
HELX_P HELX_P1 AA1 GLU A 10  ? SER A 12  ? GLU A 7   SER A 9   5 ? 3  
HELX_P HELX_P2 AA2 ASP A 13  ? ASN A 22  ? ASP A 10  ASN A 19  1 ? 10 
HELX_P HELX_P3 AA3 SER A 37  ? HIS A 48  ? SER A 34  HIS A 45  1 ? 12 
HELX_P HELX_P4 AA4 PRO A 89  ? SER A 92  ? PRO A 86  SER A 89  5 ? 4  
HELX_P HELX_P5 AA5 GLY A 95  ? ILE A 111 ? GLY A 92  ILE A 108 1 ? 17 
HELX_P HELX_P6 AA6 ASN A 125 ? GLU A 135 ? ASN A 122 GLU A 132 1 ? 11 
HELX_P HELX_P7 AA7 LYS A 163 ? ILE A 167 ? LYS A 160 ILE A 164 1 ? 5  
# 
_struct_conf_type.id          HELX_P 
_struct_conf_type.criteria    ? 
_struct_conf_type.reference   ? 
# 
loop_
_struct_sheet.id 
_struct_sheet.type 
_struct_sheet.number_strands 
_struct_sheet.details 
AA1 ? 7 ? 
AA2 ? 2 ? 
# 
loop_
_struct_sheet_order.sheet_id 
_struct_sheet_order.range_id_1 
_struct_sheet_order.range_id_2 
_struct_sheet_order.offset 
_struct_sheet_order.sense 
AA1 1 2 ? anti-parallel 
AA1 2 3 ? anti-parallel 
AA1 3 4 ? anti-parallel 
AA1 4 5 ? parallel      
AA1 5 6 ? anti-parallel 
AA1 6 7 ? anti-parallel 
AA2 1 2 ? anti-parallel 
# 
loop_
_struct_sheet_range.sheet_id 
_struct_sheet_range.id 
_struct_sheet_range.beg_label_comp_id 
_struct_sheet_range.beg_label_asym_id 
_struct_sheet_range.beg_label_seq_id 
_struct_sheet_range.pdbx_beg_PDB_ins_code 
_struct_sheet_range.end_label_comp_id 
_struct_sheet_range.end_label_asym_id 
_struct_sheet_range.end_label_seq_id 
_struct_sheet_range.pdbx_end_PDB_ins_code 
_struct_sheet_range.beg_auth_comp_id 
_struct_sheet_range.beg_auth_asym_id 
_struct_sheet_range.beg_auth_seq_id 
_struct_sheet_range.end_auth_comp_id 
_struct_sheet_range.end_auth_asym_id 
_struct_sheet_range.end_auth_seq_id 
AA1 1 MET A 4   ? ALA A 8   ? MET A 1   ALA A 5   
AA1 2 ARG A 55  ? ASP A 61  ? ARG A 52  ASP A 58  
AA1 3 VAL A 65  ? ASN A 75  ? VAL A 62  ASN A 72  
AA1 4 ASN A 80  ? ILE A 87  ? ASN A 77  ILE A 84  
AA1 5 LYS A 116 ? ASP A 122 ? LYS A 113 ASP A 119 
AA1 6 LYS A 152 ? LEU A 162 ? LYS A 149 LEU A 159 
AA1 7 LYS A 138 ? THR A 149 ? LYS A 135 THR A 146 
AA2 1 SER A 28  ? TRP A 30  ? SER A 25  TRP A 27  
AA2 2 GLU A 33  ? TYR A 35  ? GLU A 30  TYR A 32  
# 
loop_
_pdbx_struct_sheet_hbond.sheet_id 
_pdbx_struct_sheet_hbond.range_id_1 
_pdbx_struct_sheet_hbond.range_id_2 
_pdbx_struct_sheet_hbond.range_1_label_atom_id 
_pdbx_struct_sheet_hbond.range_1_label_comp_id 
_pdbx_struct_sheet_hbond.range_1_label_asym_id 
_pdbx_struct_sheet_hbond.range_1_label_seq_id 
_pdbx_struct_sheet_hbond.range_1_PDB_ins_code 
_pdbx_struct_sheet_hbond.range_1_auth_atom_id 
_pdbx_struct_sheet_hbond.range_1_auth_comp_id 
_pdbx_struct_sheet_hbond.range_1_auth_asym_id 
_pdbx_struct_sheet_hbond.range_1_auth_seq_id 
_pdbx_struct_sheet_hbond.range_2_label_atom_id 
_pdbx_struct_sheet_hbond.range_2_label_comp_id 
_pdbx_struct_sheet_hbond.range_2_label_asym_id 
_pdbx_struct_sheet_hbond.range_2_label_seq_id 
_pdbx_struct_sheet_hbond.range_2_PDB_ins_code 
_pdbx_struct_sheet_hbond.range_2_auth_atom_id 
_pdbx_struct_sheet_hbond.range_2_auth_comp_id 
_pdbx_struct_sheet_hbond.range_2_auth_asym_id 
_pdbx_struct_sheet_hbond.range_2_auth_seq_id 
AA1 1 2 N ARG A 7   ? N ARG A 4   O ILE A 58  ? O ILE A 55  
AA1 2 3 N VAL A 59  ? N VAL A 56  O VAL A 66  ? O VAL A 63  
AA1 3 4 N GLU A 70  ? N GLU A 67  O GLN A 84  ? O GLN A 81  
AA1 4 5 N ILE A 83  ? N ILE A 80  O TYR A 118 ? O TYR A 115 
AA1 5 6 N ILE A 117 ? N ILE A 114 O LEU A 161 ? O LEU A 158 
AA1 6 7 O ALA A 156 ? O ALA A 153 N LEU A 143 ? N LEU A 140 
AA2 1 2 N TRP A 30  ? N TRP A 27  O GLU A 33  ? O GLU A 30  
# 
_pdbx_validate_rmsd_angle.id                         1 
_pdbx_validate_rmsd_angle.PDB_model_num              1 
_pdbx_validate_rmsd_angle.auth_atom_id_1             NE 
_pdbx_validate_rmsd_angle.auth_asym_id_1             A 
_pdbx_validate_rmsd_angle.auth_comp_id_1             ARG 
_pdbx_validate_rmsd_angle.auth_seq_id_1              4 
_pdbx_validate_rmsd_angle.PDB_ins_code_1             ? 
_pdbx_validate_rmsd_angle.label_alt_id_1             ? 
_pdbx_validate_rmsd_angle.auth_atom_id_2             CZ 
_pdbx_validate_rmsd_angle.auth_asym_id_2             A 
_pdbx_validate_rmsd_angle.auth_comp_id_2             ARG 
_pdbx_validate_rmsd_angle.auth_seq_id_2              4 
_pdbx_validate_rmsd_angle.PDB_ins_code_2             ? 
_pdbx_validate_rmsd_angle.label_alt_id_2             ? 
_pdbx_validate_rmsd_angle.auth_atom_id_3             NH2 
_pdbx_validate_rmsd_angle.auth_asym_id_3             A 
_pdbx_validate_rmsd_angle.auth_comp_id_3             ARG 
_pdbx_validate_rmsd_angle.auth_seq_id_3              4 
_pdbx_validate_rmsd_angle.PDB_ins_code_3             ? 
_pdbx_validate_rmsd_angle.label_alt_id_3             ? 
_pdbx_validate_rmsd_angle.angle_value                117.24 
_pdbx_validate_rmsd_angle.angle_target_value         120.30 
_pdbx_validate_rmsd_angle.angle_deviation            -3.06 
_pdbx_validate_rmsd_angle.angle_standard_deviation   0.50 
_pdbx_validate_rmsd_angle.linker_flag                N 
# 
_pdbx_struct_special_symmetry.id              1 
_pdbx_struct_special_symmetry.PDB_model_num   1 
_pdbx_struct_special_symmetry.auth_asym_id    A 
_pdbx_struct_special_symmetry.auth_comp_id    HOH 
_pdbx_struct_special_symmetry.auth_seq_id     211 
_pdbx_struct_special_symmetry.PDB_ins_code    ? 
_pdbx_struct_special_symmetry.label_asym_id   B 
_pdbx_struct_special_symmetry.label_comp_id   HOH 
_pdbx_struct_special_symmetry.label_seq_id    . 
# 
loop_
_pdbx_unobs_or_zero_occ_residues.id 
_pdbx_unobs_or_zero_occ_residues.PDB_model_num 
_pdbx_unobs_or_zero_occ_residues.polymer_flag 
_pdbx_unobs_or_zero_occ_residues.occupancy_flag 
_pdbx_unobs_or_zero_occ_residues.auth_asym_id 
_pdbx_unobs_or_zero_occ_residues.auth_comp_id 
_pdbx_unobs_or_zero_occ_residues.auth_seq_id 
_pdbx_unobs_or_zero_occ_residues.PDB_ins_code 
_pdbx_unobs_or_zero_occ_residues.label_asym_id 
_pdbx_unobs_or_zero_occ_residues.label_comp_id 
_pdbx_unobs_or_zero_occ_residues.label_seq_id 
1 1 Y 1 A SER -2 ? A SER 1 
2 1 Y 1 A ASN -1 ? A ASN 2 
# 
loop_
_chem_comp_atom.comp_id 
_chem_comp_atom.atom_id 
_chem_comp_atom.type_symbol 
_chem_comp_atom.pdbx_aromatic_flag 
_chem_comp_atom.pdbx_stereo_config 
_chem_comp_atom.pdbx_ordinal 
ALA N    N N N 1   
ALA CA   C N S 2   
ALA C    C N N 3   
ALA O    O N N 4   
ALA CB   C N N 5   
ALA OXT  O N N 6   
ALA H    H N N 7   
ALA H2   H N N 8   
ALA HA   H N N 9   
ALA HB1  H N N 10  
ALA HB2  H N N 11  
ALA HB3  H N N 12  
ALA HXT  H N N 13  
ARG N    N N N 14  
ARG CA   C N S 15  
ARG C    C N N 16  
ARG O    O N N 17  
ARG CB   C N N 18  
ARG CG   C N N 19  
ARG CD   C N N 20  
ARG NE   N N N 21  
ARG CZ   C N N 22  
ARG NH1  N N N 23  
ARG NH2  N N N 24  
ARG OXT  O N N 25  
ARG H    H N N 26  
ARG H2   H N N 27  
ARG HA   H N N 28  
ARG HB2  H N N 29  
ARG HB3  H N N 30  
ARG HG2  H N N 31  
ARG HG3  H N N 32  
ARG HD2  H N N 33  
ARG HD3  H N N 34  
ARG HE   H N N 35  
ARG HH11 H N N 36  
ARG HH12 H N N 37  
ARG HH21 H N N 38  
ARG HH22 H N N 39  
ARG HXT  H N N 40  
ASN N    N N N 41  
ASN CA   C N S 42  
ASN C    C N N 43  
ASN O    O N N 44  
ASN CB   C N N 45  
ASN CG   C N N 46  
ASN OD1  O N N 47  
ASN ND2  N N N 48  
ASN OXT  O N N 49  
ASN H    H N N 50  
ASN H2   H N N 51  
ASN HA   H N N 52  
ASN HB2  H N N 53  
ASN HB3  H N N 54  
ASN HD21 H N N 55  
ASN HD22 H N N 56  
ASN HXT  H N N 57  
ASP N    N N N 58  
ASP CA   C N S 59  
ASP C    C N N 60  
ASP O    O N N 61  
ASP CB   C N N 62  
ASP CG   C N N 63  
ASP OD1  O N N 64  
ASP OD2  O N N 65  
ASP OXT  O N N 66  
ASP H    H N N 67  
ASP H2   H N N 68  
ASP HA   H N N 69  
ASP HB2  H N N 70  
ASP HB3  H N N 71  
ASP HD2  H N N 72  
ASP HXT  H N N 73  
CYS N    N N N 74  
CYS CA   C N R 75  
CYS C    C N N 76  
CYS O    O N N 77  
CYS CB   C N N 78  
CYS SG   S N N 79  
CYS OXT  O N N 80  
CYS H    H N N 81  
CYS H2   H N N 82  
CYS HA   H N N 83  
CYS HB2  H N N 84  
CYS HB3  H N N 85  
CYS HG   H N N 86  
CYS HXT  H N N 87  
GLN N    N N N 88  
GLN CA   C N S 89  
GLN C    C N N 90  
GLN O    O N N 91  
GLN CB   C N N 92  
GLN CG   C N N 93  
GLN CD   C N N 94  
GLN OE1  O N N 95  
GLN NE2  N N N 96  
GLN OXT  O N N 97  
GLN H    H N N 98  
GLN H2   H N N 99  
GLN HA   H N N 100 
GLN HB2  H N N 101 
GLN HB3  H N N 102 
GLN HG2  H N N 103 
GLN HG3  H N N 104 
GLN HE21 H N N 105 
GLN HE22 H N N 106 
GLN HXT  H N N 107 
GLU N    N N N 108 
GLU CA   C N S 109 
GLU C    C N N 110 
GLU O    O N N 111 
GLU CB   C N N 112 
GLU CG   C N N 113 
GLU CD   C N N 114 
GLU OE1  O N N 115 
GLU OE2  O N N 116 
GLU OXT  O N N 117 
GLU H    H N N 118 
GLU H2   H N N 119 
GLU HA   H N N 120 
GLU HB2  H N N 121 
GLU HB3  H N N 122 
GLU HG2  H N N 123 
GLU HG3  H N N 124 
GLU HE2  H N N 125 
GLU HXT  H N N 126 
GLY N    N N N 127 
GLY CA   C N N 128 
GLY C    C N N 129 
GLY O    O N N 130 
GLY OXT  O N N 131 
GLY H    H N N 132 
GLY H2   H N N 133 
GLY HA2  H N N 134 
GLY HA3  H N N 135 
GLY HXT  H N N 136 
HIS N    N N N 137 
HIS CA   C N S 138 
HIS C    C N N 139 
HIS O    O N N 140 
HIS CB   C N N 141 
HIS CG   C Y N 142 
HIS ND1  N Y N 143 
HIS CD2  C Y N 144 
HIS CE1  C Y N 145 
HIS NE2  N Y N 146 
HIS OXT  O N N 147 
HIS H    H N N 148 
HIS H2   H N N 149 
HIS HA   H N N 150 
HIS HB2  H N N 151 
HIS HB3  H N N 152 
HIS HD1  H N N 153 
HIS HD2  H N N 154 
HIS HE1  H N N 155 
HIS HE2  H N N 156 
HIS HXT  H N N 157 
HOH O    O N N 158 
HOH H1   H N N 159 
HOH H2   H N N 160 
ILE N    N N N 161 
ILE CA   C N S 162 
ILE C    C N N 163 
ILE O    O N N 164 
ILE CB   C N S 165 
ILE CG1  C N N 166 
ILE CG2  C N N 167 
ILE CD1  C N N 168 
ILE OXT  O N N 169 
ILE H    H N N 170 
ILE H2   H N N 171 
ILE HA   H N N 172 
ILE HB   H N N 173 
ILE HG12 H N N 174 
ILE HG13 H N N 175 
ILE HG21 H N N 176 
ILE HG22 H N N 177 
ILE HG23 H N N 178 
ILE HD11 H N N 179 
ILE HD12 H N N 180 
ILE HD13 H N N 181 
ILE HXT  H N N 182 
LEU N    N N N 183 
LEU CA   C N S 184 
LEU C    C N N 185 
LEU O    O N N 186 
LEU CB   C N N 187 
LEU CG   C N N 188 
LEU CD1  C N N 189 
LEU CD2  C N N 190 
LEU OXT  O N N 191 
LEU H    H N N 192 
LEU H2   H N N 193 
LEU HA   H N N 194 
LEU HB2  H N N 195 
LEU HB3  H N N 196 
LEU HG   H N N 197 
LEU HD11 H N N 198 
LEU HD12 H N N 199 
LEU HD13 H N N 200 
LEU HD21 H N N 201 
LEU HD22 H N N 202 
LEU HD23 H N N 203 
LEU HXT  H N N 204 
LYS N    N N N 205 
LYS CA   C N S 206 
LYS C    C N N 207 
LYS O    O N N 208 
LYS CB   C N N 209 
LYS CG   C N N 210 
LYS CD   C N N 211 
LYS CE   C N N 212 
LYS NZ   N N N 213 
LYS OXT  O N N 214 
LYS H    H N N 215 
LYS H2   H N N 216 
LYS HA   H N N 217 
LYS HB2  H N N 218 
LYS HB3  H N N 219 
LYS HG2  H N N 220 
LYS HG3  H N N 221 
LYS HD2  H N N 222 
LYS HD3  H N N 223 
LYS HE2  H N N 224 
LYS HE3  H N N 225 
LYS HZ1  H N N 226 
LYS HZ2  H N N 227 
LYS HZ3  H N N 228 
LYS HXT  H N N 229 
MET N    N N N 230 
MET CA   C N S 231 
MET C    C N N 232 
MET O    O N N 233 
MET CB   C N N 234 
MET CG   C N N 235 
MET SD   S N N 236 
MET CE   C N N 237 
MET OXT  O N N 238 
MET H    H N N 239 
MET H2   H N N 240 
MET HA   H N N 241 
MET HB2  H N N 242 
MET HB3  H N N 243 
MET HG2  H N N 244 
MET HG3  H N N 245 
MET HE1  H N N 246 
MET HE2  H N N 247 
MET HE3  H N N 248 
MET HXT  H N N 249 
PHE N    N N N 250 
PHE CA   C N S 251 
PHE C    C N N 252 
PHE O    O N N 253 
PHE CB   C N N 254 
PHE CG   C Y N 255 
PHE CD1  C Y N 256 
PHE CD2  C Y N 257 
PHE CE1  C Y N 258 
PHE CE2  C Y N 259 
PHE CZ   C Y N 260 
PHE OXT  O N N 261 
PHE H    H N N 262 
PHE H2   H N N 263 
PHE HA   H N N 264 
PHE HB2  H N N 265 
PHE HB3  H N N 266 
PHE HD1  H N N 267 
PHE HD2  H N N 268 
PHE HE1  H N N 269 
PHE HE2  H N N 270 
PHE HZ   H N N 271 
PHE HXT  H N N 272 
PRO N    N N N 273 
PRO CA   C N S 274 
PRO C    C N N 275 
PRO O    O N N 276 
PRO CB   C N N 277 
PRO CG   C N N 278 
PRO CD   C N N 279 
PRO OXT  O N N 280 
PRO H    H N N 281 
PRO HA   H N N 282 
PRO HB2  H N N 283 
PRO HB3  H N N 284 
PRO HG2  H N N 285 
PRO HG3  H N N 286 
PRO HD2  H N N 287 
PRO HD3  H N N 288 
PRO HXT  H N N 289 
SER N    N N N 290 
SER CA   C N S 291 
SER C    C N N 292 
SER O    O N N 293 
SER CB   C N N 294 
SER OG   O N N 295 
SER OXT  O N N 296 
SER H    H N N 297 
SER H2   H N N 298 
SER HA   H N N 299 
SER HB2  H N N 300 
SER HB3  H N N 301 
SER HG   H N N 302 
SER HXT  H N N 303 
THR N    N N N 304 
THR CA   C N S 305 
THR C    C N N 306 
THR O    O N N 307 
THR CB   C N R 308 
THR OG1  O N N 309 
THR CG2  C N N 310 
THR OXT  O N N 311 
THR H    H N N 312 
THR H2   H N N 313 
THR HA   H N N 314 
THR HB   H N N 315 
THR HG1  H N N 316 
THR HG21 H N N 317 
THR HG22 H N N 318 
THR HG23 H N N 319 
THR HXT  H N N 320 
TRP N    N N N 321 
TRP CA   C N S 322 
TRP C    C N N 323 
TRP O    O N N 324 
TRP CB   C N N 325 
TRP CG   C Y N 326 
TRP CD1  C Y N 327 
TRP CD2  C Y N 328 
TRP NE1  N Y N 329 
TRP CE2  C Y N 330 
TRP CE3  C Y N 331 
TRP CZ2  C Y N 332 
TRP CZ3  C Y N 333 
TRP CH2  C Y N 334 
TRP OXT  O N N 335 
TRP H    H N N 336 
TRP H2   H N N 337 
TRP HA   H N N 338 
TRP HB2  H N N 339 
TRP HB3  H N N 340 
TRP HD1  H N N 341 
TRP HE1  H N N 342 
TRP HE3  H N N 343 
TRP HZ2  H N N 344 
TRP HZ3  H N N 345 
TRP HH2  H N N 346 
TRP HXT  H N N 347 
TYR N    N N N 348 
TYR CA   C N S 349 
TYR C    C N N 350 
TYR O    O N N 351 
TYR CB   C N N 352 
TYR CG   C Y N 353 
TYR CD1  C Y N 354 
TYR CD2  C Y N 355 
TYR CE1  C Y N 356 
TYR CE2  C Y N 357 
TYR CZ   C Y N 358 
TYR OH   O N N 359 
TYR OXT  O N N 360 
TYR H    H N N 361 
TYR H2   H N N 362 
TYR HA   H N N 363 
TYR HB2  H N N 364 
TYR HB3  H N N 365 
TYR HD1  H N N 366 
TYR HD2  H N N 367 
TYR HE1  H N N 368 
TYR HE2  H N N 369 
TYR HH   H N N 370 
TYR HXT  H N N 371 
VAL N    N N N 372 
VAL CA   C N S 373 
VAL C    C N N 374 
VAL O    O N N 375 
VAL CB   C N N 376 
VAL CG1  C N N 377 
VAL CG2  C N N 378 
VAL OXT  O N N 379 
VAL H    H N N 380 
VAL H2   H N N 381 
VAL HA   H N N 382 
VAL HB   H N N 383 
VAL HG11 H N N 384 
VAL HG12 H N N 385 
VAL HG13 H N N 386 
VAL HG21 H N N 387 
VAL HG22 H N N 388 
VAL HG23 H N N 389 
VAL HXT  H N N 390 
# 
loop_
_chem_comp_bond.comp_id 
_chem_comp_bond.atom_id_1 
_chem_comp_bond.atom_id_2 
_chem_comp_bond.value_order 
_chem_comp_bond.pdbx_aromatic_flag 
_chem_comp_bond.pdbx_stereo_config 
_chem_comp_bond.pdbx_ordinal 
ALA N   CA   sing N N 1   
ALA N   H    sing N N 2   
ALA N   H2   sing N N 3   
ALA CA  C    sing N N 4   
ALA CA  CB   sing N N 5   
ALA CA  HA   sing N N 6   
ALA C   O    doub N N 7   
ALA C   OXT  sing N N 8   
ALA CB  HB1  sing N N 9   
ALA CB  HB2  sing N N 10  
ALA CB  HB3  sing N N 11  
ALA OXT HXT  sing N N 12  
ARG N   CA   sing N N 13  
ARG N   H    sing N N 14  
ARG N   H2   sing N N 15  
ARG CA  C    sing N N 16  
ARG CA  CB   sing N N 17  
ARG CA  HA   sing N N 18  
ARG C   O    doub N N 19  
ARG C   OXT  sing N N 20  
ARG CB  CG   sing N N 21  
ARG CB  HB2  sing N N 22  
ARG CB  HB3  sing N N 23  
ARG CG  CD   sing N N 24  
ARG CG  HG2  sing N N 25  
ARG CG  HG3  sing N N 26  
ARG CD  NE   sing N N 27  
ARG CD  HD2  sing N N 28  
ARG CD  HD3  sing N N 29  
ARG NE  CZ   sing N N 30  
ARG NE  HE   sing N N 31  
ARG CZ  NH1  sing N N 32  
ARG CZ  NH2  doub N N 33  
ARG NH1 HH11 sing N N 34  
ARG NH1 HH12 sing N N 35  
ARG NH2 HH21 sing N N 36  
ARG NH2 HH22 sing N N 37  
ARG OXT HXT  sing N N 38  
ASN N   CA   sing N N 39  
ASN N   H    sing N N 40  
ASN N   H2   sing N N 41  
ASN CA  C    sing N N 42  
ASN CA  CB   sing N N 43  
ASN CA  HA   sing N N 44  
ASN C   O    doub N N 45  
ASN C   OXT  sing N N 46  
ASN CB  CG   sing N N 47  
ASN CB  HB2  sing N N 48  
ASN CB  HB3  sing N N 49  
ASN CG  OD1  doub N N 50  
ASN CG  ND2  sing N N 51  
ASN ND2 HD21 sing N N 52  
ASN ND2 HD22 sing N N 53  
ASN OXT HXT  sing N N 54  
ASP N   CA   sing N N 55  
ASP N   H    sing N N 56  
ASP N   H2   sing N N 57  
ASP CA  C    sing N N 58  
ASP CA  CB   sing N N 59  
ASP CA  HA   sing N N 60  
ASP C   O    doub N N 61  
ASP C   OXT  sing N N 62  
ASP CB  CG   sing N N 63  
ASP CB  HB2  sing N N 64  
ASP CB  HB3  sing N N 65  
ASP CG  OD1  doub N N 66  
ASP CG  OD2  sing N N 67  
ASP OD2 HD2  sing N N 68  
ASP OXT HXT  sing N N 69  
CYS N   CA   sing N N 70  
CYS N   H    sing N N 71  
CYS N   H2   sing N N 72  
CYS CA  C    sing N N 73  
CYS CA  CB   sing N N 74  
CYS CA  HA   sing N N 75  
CYS C   O    doub N N 76  
CYS C   OXT  sing N N 77  
CYS CB  SG   sing N N 78  
CYS CB  HB2  sing N N 79  
CYS CB  HB3  sing N N 80  
CYS SG  HG   sing N N 81  
CYS OXT HXT  sing N N 82  
GLN N   CA   sing N N 83  
GLN N   H    sing N N 84  
GLN N   H2   sing N N 85  
GLN CA  C    sing N N 86  
GLN CA  CB   sing N N 87  
GLN CA  HA   sing N N 88  
GLN C   O    doub N N 89  
GLN C   OXT  sing N N 90  
GLN CB  CG   sing N N 91  
GLN CB  HB2  sing N N 92  
GLN CB  HB3  sing N N 93  
GLN CG  CD   sing N N 94  
GLN CG  HG2  sing N N 95  
GLN CG  HG3  sing N N 96  
GLN CD  OE1  doub N N 97  
GLN CD  NE2  sing N N 98  
GLN NE2 HE21 sing N N 99  
GLN NE2 HE22 sing N N 100 
GLN OXT HXT  sing N N 101 
GLU N   CA   sing N N 102 
GLU N   H    sing N N 103 
GLU N   H2   sing N N 104 
GLU CA  C    sing N N 105 
GLU CA  CB   sing N N 106 
GLU CA  HA   sing N N 107 
GLU C   O    doub N N 108 
GLU C   OXT  sing N N 109 
GLU CB  CG   sing N N 110 
GLU CB  HB2  sing N N 111 
GLU CB  HB3  sing N N 112 
GLU CG  CD   sing N N 113 
GLU CG  HG2  sing N N 114 
GLU CG  HG3  sing N N 115 
GLU CD  OE1  doub N N 116 
GLU CD  OE2  sing N N 117 
GLU OE2 HE2  sing N N 118 
GLU OXT HXT  sing N N 119 
GLY N   CA   sing N N 120 
GLY N   H    sing N N 121 
GLY N   H2   sing N N 122 
GLY CA  C    sing N N 123 
GLY CA  HA2  sing N N 124 
GLY CA  HA3  sing N N 125 
GLY C   O    doub N N 126 
GLY C   OXT  sing N N 127 
GLY OXT HXT  sing N N 128 
HIS N   CA   sing N N 129 
HIS N   H    sing N N 130 
HIS N   H2   sing N N 131 
HIS CA  C    sing N N 132 
HIS CA  CB   sing N N 133 
HIS CA  HA   sing N N 134 
HIS C   O    doub N N 135 
HIS C   OXT  sing N N 136 
HIS CB  CG   sing N N 137 
HIS CB  HB2  sing N N 138 
HIS CB  HB3  sing N N 139 
HIS CG  ND1  sing Y N 140 
HIS CG  CD2  doub Y N 141 
HIS ND1 CE1  doub Y N 142 
HIS ND1 HD1  sing N N 143 
HIS CD2 NE2  sing Y N 144 
HIS CD2 HD2  sing N N 145 
HIS CE1 NE2  sing Y N 146 
HIS CE1 HE1  sing N N 147 
HIS NE2 HE2  sing N N 148 
HIS OXT HXT  sing N N 149 
HOH O   H1   sing N N 150 
HOH O   H2   sing N N 151 
ILE N   CA   sing N N 152 
ILE N   H    sing N N 153 
ILE N   H2   sing N N 154 
ILE CA  C    sing N N 155 
ILE CA  CB   sing N N 156 
ILE CA  HA   sing N N 157 
ILE C   O    doub N N 158 
ILE C   OXT  sing N N 159 
ILE CB  CG1  sing N N 160 
ILE CB  CG2  sing N N 161 
ILE CB  HB   sing N N 162 
ILE CG1 CD1  sing N N 163 
ILE CG1 HG12 sing N N 164 
ILE CG1 HG13 sing N N 165 
ILE CG2 HG21 sing N N 166 
ILE CG2 HG22 sing N N 167 
ILE CG2 HG23 sing N N 168 
ILE CD1 HD11 sing N N 169 
ILE CD1 HD12 sing N N 170 
ILE CD1 HD13 sing N N 171 
ILE OXT HXT  sing N N 172 
LEU N   CA   sing N N 173 
LEU N   H    sing N N 174 
LEU N   H2   sing N N 175 
LEU CA  C    sing N N 176 
LEU CA  CB   sing N N 177 
LEU CA  HA   sing N N 178 
LEU C   O    doub N N 179 
LEU C   OXT  sing N N 180 
LEU CB  CG   sing N N 181 
LEU CB  HB2  sing N N 182 
LEU CB  HB3  sing N N 183 
LEU CG  CD1  sing N N 184 
LEU CG  CD2  sing N N 185 
LEU CG  HG   sing N N 186 
LEU CD1 HD11 sing N N 187 
LEU CD1 HD12 sing N N 188 
LEU CD1 HD13 sing N N 189 
LEU CD2 HD21 sing N N 190 
LEU CD2 HD22 sing N N 191 
LEU CD2 HD23 sing N N 192 
LEU OXT HXT  sing N N 193 
LYS N   CA   sing N N 194 
LYS N   H    sing N N 195 
LYS N   H2   sing N N 196 
LYS CA  C    sing N N 197 
LYS CA  CB   sing N N 198 
LYS CA  HA   sing N N 199 
LYS C   O    doub N N 200 
LYS C   OXT  sing N N 201 
LYS CB  CG   sing N N 202 
LYS CB  HB2  sing N N 203 
LYS CB  HB3  sing N N 204 
LYS CG  CD   sing N N 205 
LYS CG  HG2  sing N N 206 
LYS CG  HG3  sing N N 207 
LYS CD  CE   sing N N 208 
LYS CD  HD2  sing N N 209 
LYS CD  HD3  sing N N 210 
LYS CE  NZ   sing N N 211 
LYS CE  HE2  sing N N 212 
LYS CE  HE3  sing N N 213 
LYS NZ  HZ1  sing N N 214 
LYS NZ  HZ2  sing N N 215 
LYS NZ  HZ3  sing N N 216 
LYS OXT HXT  sing N N 217 
MET N   CA   sing N N 218 
MET N   H    sing N N 219 
MET N   H2   sing N N 220 
MET CA  C    sing N N 221 
MET CA  CB   sing N N 222 
MET CA  HA   sing N N 223 
MET C   O    doub N N 224 
MET C   OXT  sing N N 225 
MET CB  CG   sing N N 226 
MET CB  HB2  sing N N 227 
MET CB  HB3  sing N N 228 
MET CG  SD   sing N N 229 
MET CG  HG2  sing N N 230 
MET CG  HG3  sing N N 231 
MET SD  CE   sing N N 232 
MET CE  HE1  sing N N 233 
MET CE  HE2  sing N N 234 
MET CE  HE3  sing N N 235 
MET OXT HXT  sing N N 236 
PHE N   CA   sing N N 237 
PHE N   H    sing N N 238 
PHE N   H2   sing N N 239 
PHE CA  C    sing N N 240 
PHE CA  CB   sing N N 241 
PHE CA  HA   sing N N 242 
PHE C   O    doub N N 243 
PHE C   OXT  sing N N 244 
PHE CB  CG   sing N N 245 
PHE CB  HB2  sing N N 246 
PHE CB  HB3  sing N N 247 
PHE CG  CD1  doub Y N 248 
PHE CG  CD2  sing Y N 249 
PHE CD1 CE1  sing Y N 250 
PHE CD1 HD1  sing N N 251 
PHE CD2 CE2  doub Y N 252 
PHE CD2 HD2  sing N N 253 
PHE CE1 CZ   doub Y N 254 
PHE CE1 HE1  sing N N 255 
PHE CE2 CZ   sing Y N 256 
PHE CE2 HE2  sing N N 257 
PHE CZ  HZ   sing N N 258 
PHE OXT HXT  sing N N 259 
PRO N   CA   sing N N 260 
PRO N   CD   sing N N 261 
PRO N   H    sing N N 262 
PRO CA  C    sing N N 263 
PRO CA  CB   sing N N 264 
PRO CA  HA   sing N N 265 
PRO C   O    doub N N 266 
PRO C   OXT  sing N N 267 
PRO CB  CG   sing N N 268 
PRO CB  HB2  sing N N 269 
PRO CB  HB3  sing N N 270 
PRO CG  CD   sing N N 271 
PRO CG  HG2  sing N N 272 
PRO CG  HG3  sing N N 273 
PRO CD  HD2  sing N N 274 
PRO CD  HD3  sing N N 275 
PRO OXT HXT  sing N N 276 
SER N   CA   sing N N 277 
SER N   H    sing N N 278 
SER N   H2   sing N N 279 
SER CA  C    sing N N 280 
SER CA  CB   sing N N 281 
SER CA  HA   sing N N 282 
SER C   O    doub N N 283 
SER C   OXT  sing N N 284 
SER CB  OG   sing N N 285 
SER CB  HB2  sing N N 286 
SER CB  HB3  sing N N 287 
SER OG  HG   sing N N 288 
SER OXT HXT  sing N N 289 
THR N   CA   sing N N 290 
THR N   H    sing N N 291 
THR N   H2   sing N N 292 
THR CA  C    sing N N 293 
THR CA  CB   sing N N 294 
THR CA  HA   sing N N 295 
THR C   O    doub N N 296 
THR C   OXT  sing N N 297 
THR CB  OG1  sing N N 298 
THR CB  CG2  sing N N 299 
THR CB  HB   sing N N 300 
THR OG1 HG1  sing N N 301 
THR CG2 HG21 sing N N 302 
THR CG2 HG22 sing N N 303 
THR CG2 HG23 sing N N 304 
THR OXT HXT  sing N N 305 
TRP N   CA   sing N N 306 
TRP N   H    sing N N 307 
TRP N   H2   sing N N 308 
TRP CA  C    sing N N 309 
TRP CA  CB   sing N N 310 
TRP CA  HA   sing N N 311 
TRP C   O    doub N N 312 
TRP C   OXT  sing N N 313 
TRP CB  CG   sing N N 314 
TRP CB  HB2  sing N N 315 
TRP CB  HB3  sing N N 316 
TRP CG  CD1  doub Y N 317 
TRP CG  CD2  sing Y N 318 
TRP CD1 NE1  sing Y N 319 
TRP CD1 HD1  sing N N 320 
TRP CD2 CE2  doub Y N 321 
TRP CD2 CE3  sing Y N 322 
TRP NE1 CE2  sing Y N 323 
TRP NE1 HE1  sing N N 324 
TRP CE2 CZ2  sing Y N 325 
TRP CE3 CZ3  doub Y N 326 
TRP CE3 HE3  sing N N 327 
TRP CZ2 CH2  doub Y N 328 
TRP CZ2 HZ2  sing N N 329 
TRP CZ3 CH2  sing Y N 330 
TRP CZ3 HZ3  sing N N 331 
TRP CH2 HH2  sing N N 332 
TRP OXT HXT  sing N N 333 
TYR N   CA   sing N N 334 
TYR N   H    sing N N 335 
TYR N   H2   sing N N 336 
TYR CA  C    sing N N 337 
TYR CA  CB   sing N N 338 
TYR CA  HA   sing N N 339 
TYR C   O    doub N N 340 
TYR C   OXT  sing N N 341 
TYR CB  CG   sing N N 342 
TYR CB  HB2  sing N N 343 
TYR CB  HB3  sing N N 344 
TYR CG  CD1  doub Y N 345 
TYR CG  CD2  sing Y N 346 
TYR CD1 CE1  sing Y N 347 
TYR CD1 HD1  sing N N 348 
TYR CD2 CE2  doub Y N 349 
TYR CD2 HD2  sing N N 350 
TYR CE1 CZ   doub Y N 351 
TYR CE1 HE1  sing N N 352 
TYR CE2 CZ   sing Y N 353 
TYR CE2 HE2  sing N N 354 
TYR CZ  OH   sing N N 355 
TYR OH  HH   sing N N 356 
TYR OXT HXT  sing N N 357 
VAL N   CA   sing N N 358 
VAL N   H    sing N N 359 
VAL N   H2   sing N N 360 
VAL CA  C    sing N N 361 
VAL CA  CB   sing N N 362 
VAL CA  HA   sing N N 363 
VAL C   O    doub N N 364 
VAL C   OXT  sing N N 365 
VAL CB  CG1  sing N N 366 
VAL CB  CG2  sing N N 367 
VAL CB  HB   sing N N 368 
VAL CG1 HG11 sing N N 369 
VAL CG1 HG12 sing N N 370 
VAL CG1 HG13 sing N N 371 
VAL CG2 HG21 sing N N 372 
VAL CG2 HG22 sing N N 373 
VAL CG2 HG23 sing N N 374 
VAL OXT HXT  sing N N 375 
# 
_atom_sites.entry_id                    5IX3 
_atom_sites.fract_transf_matrix[1][1]   -0.00237973 
_atom_sites.fract_transf_matrix[1][2]   -0.00919457 
_atom_sites.fract_transf_matrix[1][3]   0.00492134 
_atom_sites.fract_transf_matrix[2][1]   -0.01015136 
_atom_sites.fract_transf_matrix[2][2]   -0.00224937 
_atom_sites.fract_transf_matrix[2][3]   0.00251317 
_atom_sites.fract_transf_matrix[3][1]   -0.00186218 
_atom_sites.fract_transf_matrix[3][2]   -0.00680321 
_atom_sites.fract_transf_matrix[3][3]   -0.01361093 
_atom_sites.fract_transf_vector[1]      -0.701338 
_atom_sites.fract_transf_vector[2]      -1.033393 
_atom_sites.fract_transf_vector[3]      1.208088 
# 
loop_
_atom_type.symbol 
C 
N 
O 
S 
# 
loop_
_atom_site.group_PDB 
_atom_site.id 
_atom_site.type_symbol 
_atom_site.label_atom_id 
_atom_site.label_alt_id 
_atom_site.label_comp_id 
_atom_site.label_asym_id 
_atom_site.label_entity_id 
_atom_site.label_seq_id 
_atom_site.pdbx_PDB_ins_code 
_atom_site.Cartn_x 
_atom_site.Cartn_y 
_atom_site.Cartn_z 
_atom_site.occupancy 
_atom_site.B_iso_or_equiv 
_atom_site.pdbx_formal_charge 
_atom_site.auth_seq_id 
_atom_site.auth_comp_id 
_atom_site.auth_asym_id 
_atom_site.auth_atom_id 
_atom_site.pdbx_PDB_model_num 
ATOM   1    N N   . ALA A 1 3   ? 7.449   -5.754  -19.582 1.00 53.12 ? 0   ALA A N   1 
ATOM   2    C CA  . ALA A 1 3   ? 8.235   -4.881  -18.662 1.00 53.95 ? 0   ALA A CA  1 
ATOM   3    C C   . ALA A 1 3   ? 7.264   -4.214  -17.715 1.00 52.50 ? 0   ALA A C   1 
ATOM   4    O O   . ALA A 1 3   ? 6.318   -3.525  -18.123 1.00 46.51 ? 0   ALA A O   1 
ATOM   5    C CB  . ALA A 1 3   ? 9.040   -3.814  -19.398 1.00 53.70 ? 0   ALA A CB  1 
ATOM   6    N N   . MET A 1 4   ? 7.487   -4.449  -16.446 1.00 45.65 ? 1   MET A N   1 
ATOM   7    C CA  . MET A 1 4   ? 6.691   -3.783  -15.463 1.00 45.26 ? 1   MET A CA  1 
ATOM   8    C C   . MET A 1 4   ? 7.377   -2.509  -15.059 1.00 38.34 ? 1   MET A C   1 
ATOM   9    O O   . MET A 1 4   ? 8.563   -2.326  -15.259 1.00 40.96 ? 1   MET A O   1 
ATOM   10   C CB  . MET A 1 4   ? 6.515   -4.680  -14.280 1.00 43.82 ? 1   MET A CB  1 
ATOM   11   C CG  . MET A 1 4   ? 5.867   -6.011  -14.624 1.00 43.68 ? 1   MET A CG  1 
ATOM   12   S SD  . MET A 1 4   ? 5.672   -6.883  -13.069 1.00 54.90 ? 1   MET A SD  1 
ATOM   13   C CE  . MET A 1 4   ? 4.472   -5.686  -12.405 1.00 60.48 ? 1   MET A CE  1 
ATOM   14   N N   . LYS A 1 5   ? 6.606   -1.609  -14.492 1.00 36.32 ? 2   LYS A N   1 
ATOM   15   C CA  . LYS A 1 5   ? 7.209   -0.428  -13.883 1.00 36.06 ? 2   LYS A CA  1 
ATOM   16   C C   . LYS A 1 5   ? 6.299   0.254   -12.889 1.00 30.46 ? 2   LYS A C   1 
ATOM   17   O O   . LYS A 1 5   ? 5.083   0.028   -12.898 1.00 31.06 ? 2   LYS A O   1 
ATOM   18   C CB  . LYS A 1 5   ? 7.604   0.563   -14.966 1.00 44.28 ? 2   LYS A CB  1 
ATOM   19   C CG  . LYS A 1 5   ? 6.430   1.280   -15.565 1.00 48.07 ? 2   LYS A CG  1 
ATOM   20   C CD  . LYS A 1 5   ? 6.938   2.427   -16.426 1.00 52.96 ? 2   LYS A CD  1 
ATOM   21   C CE  . LYS A 1 5   ? 6.077   3.662   -16.302 1.00 54.18 ? 2   LYS A CE  1 
ATOM   22   N NZ  . LYS A 1 5   ? 5.899   4.334   -17.605 1.00 63.23 ? 2   LYS A NZ  1 
ATOM   23   N N   . LEU A 1 6   ? 6.887   1.044   -12.019 1.00 29.33 ? 3   LEU A N   1 
ATOM   24   C CA  . LEU A 1 6   ? 6.104   1.916   -11.125 1.00 28.23 ? 3   LEU A CA  1 
ATOM   25   C C   . LEU A 1 6   ? 6.197   3.322   -11.712 1.00 33.10 ? 3   LEU A C   1 
ATOM   26   O O   . LEU A 1 6   ? 7.281   3.750   -12.138 1.00 32.79 ? 3   LEU A O   1 
ATOM   27   C CB  . LEU A 1 6   ? 6.672   1.976   -9.723  1.00 33.68 ? 3   LEU A CB  1 
ATOM   28   C CG  . LEU A 1 6   ? 6.605   0.820   -8.744  1.00 36.73 ? 3   LEU A CG  1 
ATOM   29   C CD1 . LEU A 1 6   ? 6.999   1.254   -7.333  1.00 38.40 ? 3   LEU A CD1 1 
ATOM   30   C CD2 . LEU A 1 6   ? 5.202   0.260   -8.723  1.00 41.11 ? 3   LEU A CD2 1 
ATOM   31   N N   . ARG A 1 7   ? 5.077   4.023   -11.717 1.00 27.64 ? 4   ARG A N   1 
ATOM   32   C CA  . ARG A 1 7   ? 4.972   5.369   -12.254 1.00 31.34 ? 4   ARG A CA  1 
ATOM   33   C C   . ARG A 1 7   ? 4.214   6.271   -11.254 1.00 29.34 ? 4   ARG A C   1 
ATOM   34   O O   . ARG A 1 7   ? 3.221   5.865   -10.636 1.00 27.64 ? 4   ARG A O   1 
ATOM   35   C CB  . ARG A 1 7   ? 4.287   5.209   -13.611 1.00 32.31 ? 4   ARG A CB  1 
ATOM   36   C CG  . ARG A 1 7   ? 3.421   6.306   -14.117 1.00 35.29 ? 4   ARG A CG  1 
ATOM   37   C CD  . ARG A 1 7   ? 2.388   5.823   -15.092 1.00 39.44 ? 4   ARG A CD  1 
ATOM   38   N NE  . ARG A 1 7   ? 1.190   6.610   -14.832 1.00 40.58 ? 4   ARG A NE  1 
ATOM   39   C CZ  . ARG A 1 7   ? -0.034  6.170   -14.909 1.00 38.36 ? 4   ARG A CZ  1 
ATOM   40   N NH1 . ARG A 1 7   ? -0.332  4.969   -15.273 1.00 49.10 ? 4   ARG A NH1 1 
ATOM   41   N NH2 . ARG A 1 7   ? -0.977  7.018   -14.697 1.00 56.63 ? 4   ARG A NH2 1 
ATOM   42   N N   . ALA A 1 8   ? 4.585   7.539   -11.156 1.00 28.57 ? 5   ALA A N   1 
ATOM   43   C CA  . ALA A 1 8   ? 3.952   8.369   -10.125 1.00 28.42 ? 5   ALA A CA  1 
ATOM   44   C C   . ALA A 1 8   ? 2.469   8.584   -10.456 1.00 25.29 ? 5   ALA A C   1 
ATOM   45   O O   . ALA A 1 8   ? 2.066   8.620   -11.630 1.00 24.83 ? 5   ALA A O   1 
ATOM   46   C CB  . ALA A 1 8   ? 4.672   9.707   -9.957  1.00 31.88 ? 5   ALA A CB  1 
ATOM   47   N N   . LEU A 1 9   ? 1.638   8.618   -9.433  1.00 24.61 ? 6   LEU A N   1 
ATOM   48   C CA  . LEU A 1 9   ? 0.194   8.680   -9.651  1.00 22.78 ? 6   LEU A CA  1 
ATOM   49   C C   . LEU A 1 9   ? -0.196  10.088  -10.146 1.00 26.19 ? 6   LEU A C   1 
ATOM   50   O O   . LEU A 1 9   ? 0.186   11.096  -9.547  1.00 25.63 ? 6   LEU A O   1 
ATOM   51   C CB  . LEU A 1 9   ? -0.524  8.345   -8.376  1.00 27.10 ? 6   LEU A CB  1 
ATOM   52   C CG  . LEU A 1 9   ? -2.057  8.252   -8.385  1.00 27.84 ? 6   LEU A CG  1 
ATOM   53   C CD1 . LEU A 1 9   ? -2.444  7.217   -7.347  1.00 32.76 ? 6   LEU A CD1 1 
ATOM   54   C CD2 . LEU A 1 9   ? -2.639  9.601   -8.047  1.00 33.73 ? 6   LEU A CD2 1 
ATOM   55   N N   . GLU A 1 10  ? -0.942  10.157  -11.226 1.00 23.50 ? 7   GLU A N   1 
ATOM   56   C CA  . GLU A 1 10  ? -1.445  11.433  -11.738 1.00 23.55 ? 7   GLU A CA  1 
ATOM   57   C C   . GLU A 1 10  ? -2.947  11.622  -11.404 1.00 24.28 ? 7   GLU A C   1 
ATOM   58   O O   . GLU A 1 10  ? -3.619  10.672  -11.064 1.00 23.30 ? 7   GLU A O   1 
ATOM   59   C CB  . GLU A 1 10  ? -1.258  11.444  -13.253 1.00 24.45 ? 7   GLU A CB  1 
ATOM   60   C CG  . GLU A 1 10  ? 0.166   11.213  -13.723 1.00 31.61 ? 7   GLU A CG  1 
ATOM   61   C CD  . GLU A 1 10  ? 1.117   12.368  -13.480 1.00 31.66 ? 7   GLU A CD  1 
ATOM   62   O OE1 . GLU A 1 10  ? 0.628   13.422  -13.069 1.00 28.52 ? 7   GLU A OE1 1 
ATOM   63   O OE2 . GLU A 1 10  ? 2.376   12.205  -13.722 1.00 31.65 ? 7   GLU A OE2 1 
ATOM   64   N N   . TYR A 1 11  ? -3.461  12.825  -11.596 1.00 22.19 ? 8   TYR A N   1 
ATOM   65   C CA  . TYR A 1 11  ? -4.886  13.069  -11.469 1.00 24.83 ? 8   TYR A CA  1 
ATOM   66   C C   . TYR A 1 11  ? -5.692  12.114  -12.340 1.00 24.97 ? 8   TYR A C   1 
ATOM   67   O O   . TYR A 1 11  ? -6.726  11.580  -11.904 1.00 26.50 ? 8   TYR A O   1 
ATOM   68   C CB  . TYR A 1 11  ? -5.189  14.512  -11.802 1.00 26.69 ? 8   TYR A CB  1 
ATOM   69   C CG  . TYR A 1 11  ? -6.639  14.886  -11.616 1.00 27.87 ? 8   TYR A CG  1 
ATOM   70   C CD1 . TYR A 1 11  ? -7.121  15.228  -10.363 1.00 32.56 ? 8   TYR A CD1 1 
ATOM   71   C CD2 . TYR A 1 11  ? -7.518  14.936  -12.690 1.00 31.45 ? 8   TYR A CD2 1 
ATOM   72   C CE1 . TYR A 1 11  ? -8.454  15.583  -10.170 1.00 31.68 ? 8   TYR A CE1 1 
ATOM   73   C CE2 . TYR A 1 11  ? -8.854  15.293  -12.512 1.00 33.86 ? 8   TYR A CE2 1 
ATOM   74   C CZ  . TYR A 1 11  ? -9.299  15.638  -11.235 1.00 34.88 ? 8   TYR A CZ  1 
ATOM   75   O OH  . TYR A 1 11  ? -10.605 15.979  -10.983 1.00 36.52 ? 8   TYR A OH  1 
ATOM   76   N N   . SER A 1 12  ? -5.195  11.805  -13.527 1.00 24.98 ? 9   SER A N   1 
ATOM   77   C CA  . SER A 1 12  ? -5.925  10.983  -14.467 1.00 26.94 ? 9   SER A CA  1 
ATOM   78   C C   . SER A 1 12  ? -5.962  9.519   -14.022 1.00 30.91 ? 9   SER A C   1 
ATOM   79   O O   . SER A 1 12  ? -6.623  8.668   -14.692 1.00 28.48 ? 9   SER A O   1 
ATOM   80   C CB  . SER A 1 12  ? -5.273  11.060  -15.844 1.00 30.50 ? 9   SER A CB  1 
ATOM   81   O OG  . SER A 1 12  ? -3.892  10.746  -15.733 1.00 28.66 ? 9   SER A OG  1 
ATOM   82   N N   . ASP A 1 13  ? -5.200  9.184   -12.962 1.00 24.24 ? 10  ASP A N   1 
ATOM   83   C CA  . ASP A 1 13  ? -5.255  7.820   -12.406 1.00 24.95 ? 10  ASP A CA  1 
ATOM   84   C C   . ASP A 1 13  ? -6.372  7.539   -11.436 1.00 23.71 ? 10  ASP A C   1 
ATOM   85   O O   . ASP A 1 13  ? -6.518  6.360   -10.977 1.00 22.76 ? 10  ASP A O   1 
ATOM   86   C CB  . ASP A 1 13  ? -3.930  7.442   -11.774 1.00 21.84 ? 10  ASP A CB  1 
ATOM   87   C CG  . ASP A 1 13  ? -2.848  7.395   -12.796 1.00 26.28 ? 10  ASP A CG  1 
ATOM   88   O OD1 . ASP A 1 13  ? -3.032  6.681   -13.867 1.00 27.46 ? 10  ASP A OD1 1 
ATOM   89   O OD2 . ASP A 1 13  ? -1.775  8.008   -12.592 1.00 23.87 ? 10  ASP A OD2 1 
ATOM   90   N N   . LEU A 1 14  ? -7.166  8.534   -11.129 1.00 25.08 ? 11  LEU A N   1 
ATOM   91   C CA  . LEU A 1 14  ? -8.027  8.397   -9.997  1.00 29.19 ? 11  LEU A CA  1 
ATOM   92   C C   . LEU A 1 14  ? -9.204  7.461   -10.262 1.00 32.76 ? 11  LEU A C   1 
ATOM   93   O O   . LEU A 1 14  ? -9.754  6.876   -9.323  1.00 29.29 ? 11  LEU A O   1 
ATOM   94   C CB  . LEU A 1 14  ? -8.477  9.748   -9.508  1.00 26.54 ? 11  LEU A CB  1 
ATOM   95   C CG  . LEU A 1 14  ? -7.349  10.619  -8.926  1.00 28.31 ? 11  LEU A CG  1 
ATOM   96   C CD1 . LEU A 1 14  ? -7.906  11.938  -8.533  1.00 24.92 ? 11  LEU A CD1 1 
ATOM   97   C CD2 . LEU A 1 14  ? -6.634  9.958   -7.737  1.00 27.27 ? 11  LEU A CD2 1 
ATOM   98   N N   . LEU A 1 15  ? -9.570  7.289   -11.525 1.00 33.16 ? 12  LEU A N   1 
ATOM   99   C CA  . LEU A 1 15  ? -10.654 6.348   -11.860 1.00 32.18 ? 12  LEU A CA  1 
ATOM   100  C C   . LEU A 1 15  ? -10.205 4.932   -11.614 1.00 34.85 ? 12  LEU A C   1 
ATOM   101  O O   . LEU A 1 15  ? -10.968 4.111   -11.019 1.00 28.35 ? 12  LEU A O   1 
ATOM   102  C CB  . LEU A 1 15  ? -11.107 6.501   -13.309 1.00 35.63 ? 12  LEU A CB  1 
ATOM   103  C CG  . LEU A 1 15  ? -12.108 5.410   -13.723 1.00 36.75 ? 12  LEU A CG  1 
ATOM   104  C CD1 . LEU A 1 15  ? -13.422 5.664   -12.998 1.00 39.90 ? 12  LEU A CD1 1 
ATOM   105  C CD2 . LEU A 1 15  ? -12.265 5.382   -15.241 1.00 39.58 ? 12  LEU A CD2 1 
ATOM   106  N N   . PHE A 1 16  ? -8.958  4.630   -11.986 1.00 28.24 ? 13  PHE A N   1 
ATOM   107  C CA  . PHE A 1 16  ? -8.429  3.364   -11.675 1.00 28.76 ? 13  PHE A CA  1 
ATOM   108  C C   . PHE A 1 16  ? -8.353  3.128   -10.195 1.00 30.51 ? 13  PHE A C   1 
ATOM   109  O O   . PHE A 1 16  ? -8.690  1.995   -9.709  1.00 28.21 ? 13  PHE A O   1 
ATOM   110  C CB  . PHE A 1 16  ? -7.056  3.192   -12.288 1.00 30.84 ? 13  PHE A CB  1 
ATOM   111  C CG  . PHE A 1 16  ? -6.415  1.920   -11.884 1.00 33.53 ? 13  PHE A CG  1 
ATOM   112  C CD1 . PHE A 1 16  ? -6.897  0.693   -12.397 1.00 37.37 ? 13  PHE A CD1 1 
ATOM   113  C CD2 . PHE A 1 16  ? -5.370  1.907   -10.986 1.00 34.49 ? 13  PHE A CD2 1 
ATOM   114  C CE1 . PHE A 1 16  ? -6.321  -0.506  -12.006 1.00 35.43 ? 13  PHE A CE1 1 
ATOM   115  C CE2 . PHE A 1 16  ? -4.809  0.715   -10.566 1.00 35.99 ? 13  PHE A CE2 1 
ATOM   116  C CZ  . PHE A 1 16  ? -5.252  -0.493  -11.103 1.00 40.75 ? 13  PHE A CZ  1 
ATOM   117  N N   . VAL A 1 17  ? -7.893  4.176   -9.458  1.00 28.16 ? 14  VAL A N   1 
ATOM   118  C CA  . VAL A 1 17  ? -7.784  4.068   -8.017  1.00 27.69 ? 14  VAL A CA  1 
ATOM   119  C C   . VAL A 1 17  ? -9.163  3.759   -7.396  1.00 28.34 ? 14  VAL A C   1 
ATOM   120  O O   . VAL A 1 17  ? -9.297  2.920   -6.512  1.00 26.72 ? 14  VAL A O   1 
ATOM   121  C CB  . VAL A 1 17  ? -7.198  5.334   -7.434  1.00 29.33 ? 14  VAL A CB  1 
ATOM   122  C CG1 . VAL A 1 17  ? -7.346  5.381   -5.934  1.00 29.57 ? 14  VAL A CG1 1 
ATOM   123  C CG2 . VAL A 1 17  ? -5.721  5.435   -7.867  1.00 29.65 ? 14  VAL A CG2 1 
ATOM   124  N N   . HIS A 1 18  ? -10.125 4.504   -7.846  1.00 29.53 ? 15  HIS A N   1 
ATOM   125  C CA  . HIS A 1 18  ? -11.496 4.314   -7.395  1.00 36.40 ? 15  HIS A CA  1 
ATOM   126  C C   . HIS A 1 18  ? -11.993 2.907   -7.645  1.00 39.10 ? 15  HIS A C   1 
ATOM   127  O O   . HIS A 1 18  ? -12.596 2.313   -6.742  1.00 39.37 ? 15  HIS A O   1 
ATOM   128  C CB  . HIS A 1 18  ? -12.396 5.302   -8.055  1.00 40.55 ? 15  HIS A CB  1 
ATOM   129  C CG  . HIS A 1 18  ? -13.843 5.045   -7.784  1.00 49.84 ? 15  HIS A CG  1 
ATOM   130  N ND1 . HIS A 1 18  ? -14.839 5.351   -8.685  1.00 56.99 ? 15  HIS A ND1 1 
ATOM   131  C CD2 . HIS A 1 18  ? -14.456 4.493   -6.716  1.00 56.07 ? 15  HIS A CD2 1 
ATOM   132  C CE1 . HIS A 1 18  ? -16.005 5.000   -8.177  1.00 57.84 ? 15  HIS A CE1 1 
ATOM   133  N NE2 . HIS A 1 18  ? -15.796 4.469   -6.988  1.00 53.95 ? 15  HIS A NE2 1 
ATOM   134  N N   . GLU A 1 19  ? -11.753 2.372   -8.836  1.00 33.62 ? 16  GLU A N   1 
ATOM   135  C CA  . GLU A 1 19  ? -12.205 1.069   -9.226  1.00 40.74 ? 16  GLU A CA  1 
ATOM   136  C C   . GLU A 1 19  ? -11.558 -0.031  -8.387  1.00 40.68 ? 16  GLU A C   1 
ATOM   137  O O   . GLU A 1 19  ? -12.211 -0.958  -7.927  1.00 35.79 ? 16  GLU A O   1 
ATOM   138  C CB  . GLU A 1 19  ? -11.833 0.886   -10.703 1.00 46.72 ? 16  GLU A CB  1 
ATOM   139  C CG  . GLU A 1 19  ? -12.569 -0.236  -11.432 1.00 58.46 ? 16  GLU A CG  1 
ATOM   140  C CD  . GLU A 1 19  ? -11.828 -1.578  -11.443 1.00 69.19 ? 16  GLU A CD  1 
ATOM   141  O OE1 . GLU A 1 19  ? -10.579 -1.610  -11.351 1.00 79.11 ? 16  GLU A OE1 1 
ATOM   142  O OE2 . GLU A 1 19  ? -12.513 -2.619  -11.528 1.00 84.57 ? 16  GLU A OE2 1 
ATOM   143  N N   . LEU A 1 20  ? -10.262 0.078   -8.206  1.00 34.54 ? 17  LEU A N   1 
ATOM   144  C CA  . LEU A 1 20  ? -9.515  -0.895  -7.457  1.00 40.62 ? 17  LEU A CA  1 
ATOM   145  C C   . LEU A 1 20  ? -9.972  -0.993  -6.030  1.00 42.65 ? 17  LEU A C   1 
ATOM   146  O O   . LEU A 1 20  ? -10.171 -2.119  -5.496  1.00 37.54 ? 17  LEU A O   1 
ATOM   147  C CB  . LEU A 1 20  ? -8.018  -0.566  -7.502  1.00 47.18 ? 17  LEU A CB  1 
ATOM   148  C CG  . LEU A 1 20  ? -7.042  -1.696  -7.283  1.00 53.40 ? 17  LEU A CG  1 
ATOM   149  C CD1 . LEU A 1 20  ? -7.481  -2.912  -8.092  1.00 60.27 ? 17  LEU A CD1 1 
ATOM   150  C CD2 . LEU A 1 20  ? -5.621  -1.271  -7.663  1.00 58.43 ? 17  LEU A CD2 1 
ATOM   151  N N   . ASN A 1 21  ? -10.123 0.164   -5.388  1.00 39.16 ? 18  ASN A N   1 
ATOM   152  C CA  . ASN A 1 21  ? -10.524 0.164   -3.993  1.00 45.92 ? 18  ASN A CA  1 
ATOM   153  C C   . ASN A 1 21  ? -11.953 -0.272  -3.850  1.00 48.91 ? 18  ASN A C   1 
ATOM   154  O O   . ASN A 1 21  ? -12.356 -0.754  -2.777  1.00 49.34 ? 18  ASN A O   1 
ATOM   155  C CB  . ASN A 1 21  ? -10.333 1.544   -3.345  1.00 44.88 ? 18  ASN A CB  1 
ATOM   156  C CG  . ASN A 1 21  ? -8.899  1.792   -2.959  1.00 46.84 ? 18  ASN A CG  1 
ATOM   157  O OD1 . ASN A 1 21  ? -8.466  1.407   -1.878  1.00 45.96 ? 18  ASN A OD1 1 
ATOM   158  N ND2 . ASN A 1 21  ? -8.115  2.343   -3.887  1.00 52.08 ? 18  ASN A ND2 1 
ATOM   159  N N   . ASN A 1 22  ? -12.716 -0.102  -4.926  1.00 46.13 ? 19  ASN A N   1 
ATOM   160  C CA  . ASN A 1 22  ? -14.115 -0.529  -4.947  1.00 51.48 ? 19  ASN A CA  1 
ATOM   161  C C   . ASN A 1 22  ? -14.272 -2.038  -4.939  1.00 54.29 ? 19  ASN A C   1 
ATOM   162  O O   . ASN A 1 22  ? -15.349 -2.543  -4.714  1.00 57.22 ? 19  ASN A O   1 
ATOM   163  C CB  . ASN A 1 22  ? -14.806 -0.001  -6.187  1.00 52.95 ? 19  ASN A CB  1 
ATOM   164  C CG  . ASN A 1 22  ? -16.044 0.760   -5.859  1.00 58.99 ? 19  ASN A CG  1 
ATOM   165  O OD1 . ASN A 1 22  ? -16.161 1.924   -6.206  1.00 66.15 ? 19  ASN A OD1 1 
ATOM   166  N ND2 . ASN A 1 22  ? -16.989 0.107   -5.190  1.00 52.96 ? 19  ASN A ND2 1 
ATOM   167  N N   . GLU A 1 23  ? -13.190 -2.743  -5.235  1.00 56.53 ? 20  GLU A N   1 
ATOM   168  C CA  . GLU A 1 23  ? -13.174 -4.191  -5.222  1.00 60.58 ? 20  GLU A CA  1 
ATOM   169  C C   . GLU A 1 23  ? -13.080 -4.752  -3.809  1.00 58.62 ? 20  GLU A C   1 
ATOM   170  O O   . GLU A 1 23  ? -13.063 -5.970  -3.628  1.00 58.73 ? 20  GLU A O   1 
ATOM   171  C CB  . GLU A 1 23  ? -12.012 -4.710  -6.084  1.00 66.71 ? 20  GLU A CB  1 
ATOM   172  C CG  . GLU A 1 23  ? -12.425 -5.097  -7.505  1.00 75.34 ? 20  GLU A CG  1 
ATOM   173  C CD  . GLU A 1 23  ? -12.953 -6.524  -7.604  1.00 79.14 ? 20  GLU A CD  1 
ATOM   174  O OE1 . GLU A 1 23  ? -12.294 -7.443  -7.071  1.00 84.09 ? 20  GLU A OE1 1 
ATOM   175  O OE2 . GLU A 1 23  ? -14.019 -6.730  -8.226  1.00 85.99 ? 20  GLU A OE2 1 
ATOM   176  N N   . TYR A 1 24  ? -12.996 -3.873  -2.811  1.00 56.57 ? 21  TYR A N   1 
ATOM   177  C CA  . TYR A 1 24  ? -12.851 -4.263  -1.416  1.00 59.03 ? 21  TYR A CA  1 
ATOM   178  C C   . TYR A 1 24  ? -13.909 -3.541  -0.575  1.00 59.34 ? 21  TYR A C   1 
ATOM   179  O O   . TYR A 1 24  ? -14.197 -2.371  -0.803  1.00 51.31 ? 21  TYR A O   1 
ATOM   180  C CB  . TYR A 1 24  ? -11.422 -3.968  -0.930  1.00 65.16 ? 21  TYR A CB  1 
ATOM   181  C CG  . TYR A 1 24  ? -10.350 -4.741  -1.717  1.00 75.88 ? 21  TYR A CG  1 
ATOM   182  C CD1 . TYR A 1 24  ? -9.905  -4.292  -2.965  1.00 78.47 ? 21  TYR A CD1 1 
ATOM   183  C CD2 . TYR A 1 24  ? -9.799  -5.933  -1.224  1.00 80.75 ? 21  TYR A CD2 1 
ATOM   184  C CE1 . TYR A 1 24  ? -8.950  -4.991  -3.694  1.00 78.85 ? 21  TYR A CE1 1 
ATOM   185  C CE2 . TYR A 1 24  ? -8.834  -6.638  -1.948  1.00 78.42 ? 21  TYR A CE2 1 
ATOM   186  C CZ  . TYR A 1 24  ? -8.416  -6.160  -3.181  1.00 80.85 ? 21  TYR A CZ  1 
ATOM   187  O OH  . TYR A 1 24  ? -7.474  -6.834  -3.924  1.00 85.18 ? 21  TYR A OH  1 
ATOM   188  N N   . SER A 1 25  ? -14.499 -4.263  0.383   1.00 57.88 ? 22  SER A N   1 
ATOM   189  C CA  . SER A 1 25  ? -15.590 -3.734  1.221   1.00 58.51 ? 22  SER A CA  1 
ATOM   190  C C   . SER A 1 25  ? -15.095 -2.781  2.296   1.00 53.97 ? 22  SER A C   1 
ATOM   191  O O   . SER A 1 25  ? -15.819 -1.906  2.719   1.00 52.42 ? 22  SER A O   1 
ATOM   192  C CB  . SER A 1 25  ? -16.371 -4.871  1.877   1.00 61.13 ? 22  SER A CB  1 
ATOM   193  O OG  . SER A 1 25  ? -17.143 -5.518  0.890   1.00 67.11 ? 22  SER A OG  1 
ATOM   194  N N   . ILE A 1 26  ? -13.853 -2.952  2.727   1.00 53.49 ? 23  ILE A N   1 
ATOM   195  C CA  . ILE A 1 26  ? -13.248 -2.033  3.665   1.00 55.36 ? 23  ILE A CA  1 
ATOM   196  C C   . ILE A 1 26  ? -13.231 -0.610  3.070   1.00 52.71 ? 23  ILE A C   1 
ATOM   197  O O   . ILE A 1 26  ? -12.864 -0.405  1.901   1.00 48.15 ? 23  ILE A O   1 
ATOM   198  C CB  . ILE A 1 26  ? -11.813 -2.479  4.082   1.00 58.85 ? 23  ILE A CB  1 
ATOM   199  C CG1 . ILE A 1 26  ? -11.409 -1.822  5.433   1.00 57.53 ? 23  ILE A CG1 1 
ATOM   200  C CG2 . ILE A 1 26  ? -10.796 -2.259  2.959   1.00 62.49 ? 23  ILE A CG2 1 
ATOM   201  C CD1 . ILE A 1 26  ? -11.959 -2.576  6.638   1.00 54.55 ? 23  ILE A CD1 1 
ATOM   202  N N   . MET A 1 27  ? -13.592 0.357   3.900   1.00 53.86 ? 24  MET A N   1 
ATOM   203  C CA  . MET A 1 27  ? -13.670 1.756   3.466   1.00 50.73 ? 24  MET A CA  1 
ATOM   204  C C   . MET A 1 27  ? -12.303 2.276   3.086   1.00 47.73 ? 24  MET A C   1 
ATOM   205  O O   . MET A 1 27  ? -11.271 1.891   3.703   1.00 44.60 ? 24  MET A O   1 
ATOM   206  C CB  . MET A 1 27  ? -14.252 2.580   4.589   1.00 52.04 ? 24  MET A CB  1 
ATOM   207  C CG  . MET A 1 27  ? -15.658 2.131   4.917   1.00 56.29 ? 24  MET A CG  1 
ATOM   208  S SD  . MET A 1 27  ? -16.614 3.489   5.558   1.00 72.34 ? 24  MET A SD  1 
ATOM   209  C CE  . MET A 1 27  ? -16.343 4.625   4.180   1.00 69.65 ? 24  MET A CE  1 
ATOM   210  N N   . SER A 1 28  ? -12.284 3.156   2.095   1.00 42.49 ? 25  SER A N   1 
ATOM   211  C CA  . SER A 1 28  ? -11.018 3.646   1.526   1.00 42.48 ? 25  SER A CA  1 
ATOM   212  C C   . SER A 1 28  ? -10.700 5.078   1.937   1.00 39.15 ? 25  SER A C   1 
ATOM   213  O O   . SER A 1 28  ? -11.612 5.894   2.074   1.00 29.74 ? 25  SER A O   1 
ATOM   214  C CB  . SER A 1 28  ? -11.049 3.545   0.004   1.00 47.84 ? 25  SER A CB  1 
ATOM   215  O OG  . SER A 1 28  ? -10.598 2.268   -0.390  1.00 54.46 ? 25  SER A OG  1 
ATOM   216  N N   . TYR A 1 29  ? -9.408  5.388   2.078   1.00 35.10 ? 26  TYR A N   1 
ATOM   217  C CA  . TYR A 1 29  ? -9.010  6.704   2.564   1.00 31.99 ? 26  TYR A CA  1 
ATOM   218  C C   . TYR A 1 29  ? -7.984  7.340   1.627   1.00 28.18 ? 26  TYR A C   1 
ATOM   219  O O   . TYR A 1 29  ? -7.092  6.654   1.092   1.00 36.20 ? 26  TYR A O   1 
ATOM   220  C CB  . TYR A 1 29  ? -8.443  6.608   3.979   1.00 36.32 ? 26  TYR A CB  1 
ATOM   221  C CG  . TYR A 1 29  ? -9.449  6.114   5.001   1.00 34.51 ? 26  TYR A CG  1 
ATOM   222  C CD1 . TYR A 1 29  ? -10.283 7.003   5.685   1.00 38.93 ? 26  TYR A CD1 1 
ATOM   223  C CD2 . TYR A 1 29  ? -9.594  4.745   5.258   1.00 40.75 ? 26  TYR A CD2 1 
ATOM   224  C CE1 . TYR A 1 29  ? -11.219 6.531   6.644   1.00 41.34 ? 26  TYR A CE1 1 
ATOM   225  C CE2 . TYR A 1 29  ? -10.511 4.272   6.195   1.00 40.48 ? 26  TYR A CE2 1 
ATOM   226  C CZ  . TYR A 1 29  ? -11.326 5.153   6.867   1.00 43.16 ? 26  TYR A CZ  1 
ATOM   227  O OH  . TYR A 1 29  ? -12.213 4.603   7.764   1.00 53.66 ? 26  TYR A OH  1 
ATOM   228  N N   . TRP A 1 30  ? -8.085  8.640   1.524   1.00 25.97 ? 27  TRP A N   1 
ATOM   229  C CA  . TRP A 1 30  ? -7.098  9.484   0.840   1.00 27.27 ? 27  TRP A CA  1 
ATOM   230  C C   . TRP A 1 30  ? -6.617  10.560  1.827   1.00 23.61 ? 27  TRP A C   1 
ATOM   231  O O   . TRP A 1 30  ? -7.410  11.422  2.252   1.00 24.93 ? 27  TRP A O   1 
ATOM   232  C CB  . TRP A 1 30  ? -7.729  10.163  -0.349  1.00 25.53 ? 27  TRP A CB  1 
ATOM   233  C CG  . TRP A 1 30  ? -6.704  10.740  -1.318  1.00 25.20 ? 27  TRP A CG  1 
ATOM   234  C CD1 . TRP A 1 30  ? -6.345  12.001  -1.395  1.00 27.02 ? 27  TRP A CD1 1 
ATOM   235  C CD2 . TRP A 1 30  ? -6.035  10.063  -2.352  1.00 27.62 ? 27  TRP A CD2 1 
ATOM   236  N NE1 . TRP A 1 30  ? -5.418  12.192  -2.373  1.00 24.49 ? 27  TRP A NE1 1 
ATOM   237  C CE2 . TRP A 1 30  ? -5.221  11.004  -2.998  1.00 27.57 ? 27  TRP A CE2 1 
ATOM   238  C CE3 . TRP A 1 30  ? -6.037  8.745   -2.802  1.00 31.37 ? 27  TRP A CE3 1 
ATOM   239  C CZ2 . TRP A 1 30  ? -4.403  10.668  -4.056  1.00 29.08 ? 27  TRP A CZ2 1 
ATOM   240  C CZ3 . TRP A 1 30  ? -5.244  8.406   -3.848  1.00 34.85 ? 27  TRP A CZ3 1 
ATOM   241  C CH2 . TRP A 1 30  ? -4.445  9.365   -4.486  1.00 30.67 ? 27  TRP A CH2 1 
ATOM   242  N N   . PHE A 1 31  ? -5.353  10.466  2.208   1.00 27.72 ? 28  PHE A N   1 
ATOM   243  C CA  . PHE A 1 31  ? -4.803  11.316  3.307   1.00 27.71 ? 28  PHE A CA  1 
ATOM   244  C C   . PHE A 1 31  ? -5.682  11.289  4.518   1.00 27.10 ? 28  PHE A C   1 
ATOM   245  O O   . PHE A 1 31  ? -6.008  12.315  5.079   1.00 28.93 ? 28  PHE A O   1 
ATOM   246  C CB  . PHE A 1 31  ? -4.547  12.732  2.793   1.00 28.48 ? 28  PHE A CB  1 
ATOM   247  C CG  . PHE A 1 31  ? -3.390  12.794  1.827   1.00 24.86 ? 28  PHE A CG  1 
ATOM   248  C CD1 . PHE A 1 31  ? -3.527  12.375  0.521   1.00 24.44 ? 28  PHE A CD1 1 
ATOM   249  C CD2 . PHE A 1 31  ? -2.137  13.234  2.262   1.00 24.56 ? 28  PHE A CD2 1 
ATOM   250  C CE1 . PHE A 1 31  ? -2.442  12.398  -0.348  1.00 24.93 ? 28  PHE A CE1 1 
ATOM   251  C CE2 . PHE A 1 31  ? -1.042  13.289  1.416   1.00 25.41 ? 28  PHE A CE2 1 
ATOM   252  C CZ  . PHE A 1 31  ? -1.183  12.869  0.082   1.00 26.22 ? 28  PHE A CZ  1 
ATOM   253  N N   . GLU A 1 32  ? -6.070  10.073  4.916   1.00 25.54 ? 29  GLU A N   1 
ATOM   254  C CA  . GLU A 1 32  ? -6.857  9.829   6.104   1.00 28.35 ? 29  GLU A CA  1 
ATOM   255  C C   . GLU A 1 32  ? -8.285  10.376  6.056   1.00 28.03 ? 29  GLU A C   1 
ATOM   256  O O   . GLU A 1 32  ? -8.965  10.314  7.033   1.00 33.15 ? 29  GLU A O   1 
ATOM   257  C CB  . GLU A 1 32  ? -6.102  10.298  7.375   1.00 31.14 ? 29  GLU A CB  1 
ATOM   258  C CG  . GLU A 1 32  ? -4.625  9.831   7.392   1.00 32.98 ? 29  GLU A CG  1 
ATOM   259  C CD  . GLU A 1 32  ? -3.876  10.008  8.766   1.00 33.67 ? 29  GLU A CD  1 
ATOM   260  O OE1 . GLU A 1 32  ? -4.566  10.282  9.776   1.00 33.93 ? 29  GLU A OE1 1 
ATOM   261  O OE2 . GLU A 1 32  ? -2.601  9.885   8.872   1.00 49.99 ? 29  GLU A OE2 1 
ATOM   262  N N   . GLU A 1 33  ? -8.765  10.848  4.920   1.00 31.71 ? 30  GLU A N   1 
ATOM   263  C CA  . GLU A 1 33  ? -10.164 11.244  4.732   1.00 31.71 ? 30  GLU A CA  1 
ATOM   264  C C   . GLU A 1 33  ? -10.875 10.166  3.876   1.00 31.70 ? 30  GLU A C   1 
ATOM   265  O O   . GLU A 1 33  ? -10.344 9.716   2.856   1.00 32.92 ? 30  GLU A O   1 
ATOM   266  C CB  . GLU A 1 33  ? -10.246 12.619  4.048   1.00 35.24 ? 30  GLU A CB  1 
ATOM   267  C CG  . GLU A 1 33  ? -9.525  13.702  4.822   1.00 37.19 ? 30  GLU A CG  1 
ATOM   268  C CD  . GLU A 1 33  ? -9.849  15.118  4.378   1.00 43.73 ? 30  GLU A CD  1 
ATOM   269  O OE1 . GLU A 1 33  ? -8.913  15.825  3.940   1.00 45.15 ? 30  GLU A OE1 1 
ATOM   270  O OE2 . GLU A 1 33  ? -11.007 15.563  4.447   1.00 48.38 ? 30  GLU A OE2 1 
ATOM   271  N N   . PRO A 1 34  ? -12.072 9.728   4.303   1.00 33.55 ? 31  PRO A N   1 
ATOM   272  C CA  . PRO A 1 34  ? -12.699 8.604   3.625   1.00 34.28 ? 31  PRO A CA  1 
ATOM   273  C C   . PRO A 1 34  ? -13.303 9.011   2.289   1.00 34.70 ? 31  PRO A C   1 
ATOM   274  O O   . PRO A 1 34  ? -13.770 10.112  2.141   1.00 29.56 ? 31  PRO A O   1 
ATOM   275  C CB  . PRO A 1 34  ? -13.824 8.178   4.599   1.00 34.11 ? 31  PRO A CB  1 
ATOM   276  C CG  . PRO A 1 34  ? -14.182 9.446   5.330   1.00 36.69 ? 31  PRO A CG  1 
ATOM   277  C CD  . PRO A 1 34  ? -12.886 10.212  5.448   1.00 36.62 ? 31  PRO A CD  1 
ATOM   278  N N   . TYR A 1 35  ? -13.284 8.092   1.330   1.00 39.77 ? 32  TYR A N   1 
ATOM   279  C CA  . TYR A 1 35  ? -13.988 8.319   0.078   1.00 38.05 ? 32  TYR A CA  1 
ATOM   280  C C   . TYR A 1 35  ? -14.604 7.019   -0.384  1.00 34.50 ? 32  TYR A C   1 
ATOM   281  O O   . TYR A 1 35  ? -14.020 5.913   -0.270  1.00 30.41 ? 32  TYR A O   1 
ATOM   282  C CB  . TYR A 1 35  ? -13.088 8.925   -1.050  1.00 34.65 ? 32  TYR A CB  1 
ATOM   283  C CG  . TYR A 1 35  ? -12.092 7.955   -1.537  1.00 33.71 ? 32  TYR A CG  1 
ATOM   284  C CD1 . TYR A 1 35  ? -12.350 7.178   -2.661  1.00 33.11 ? 32  TYR A CD1 1 
ATOM   285  C CD2 . TYR A 1 35  ? -10.880 7.772   -0.879  1.00 32.27 ? 32  TYR A CD2 1 
ATOM   286  C CE1 . TYR A 1 35  ? -11.441 6.237   -3.113  1.00 32.28 ? 32  TYR A CE1 1 
ATOM   287  C CE2 . TYR A 1 35  ? -9.972  6.816   -1.309  1.00 34.21 ? 32  TYR A CE2 1 
ATOM   288  C CZ  . TYR A 1 35  ? -10.259 6.069   -2.452  1.00 33.87 ? 32  TYR A CZ  1 
ATOM   289  O OH  . TYR A 1 35  ? -9.318  5.148   -2.845  1.00 33.90 ? 32  TYR A OH  1 
ATOM   290  N N   . GLU A 1 36  ? -15.775 7.154   -0.974  1.00 34.76 ? 33  GLU A N   1 
ATOM   291  C CA  . GLU A 1 36  ? -16.390 6.002   -1.695  1.00 39.88 ? 33  GLU A CA  1 
ATOM   292  C C   . GLU A 1 36  ? -16.648 6.206   -3.159  1.00 33.13 ? 33  GLU A C   1 
ATOM   293  O O   . GLU A 1 36  ? -16.829 5.241   -3.818  1.00 36.72 ? 33  GLU A O   1 
ATOM   294  C CB  . GLU A 1 36  ? -17.669 5.493   -1.021  1.00 47.16 ? 33  GLU A CB  1 
ATOM   295  C CG  . GLU A 1 36  ? -18.229 6.406   0.039   1.00 60.26 ? 33  GLU A CG  1 
ATOM   296  C CD  . GLU A 1 36  ? -19.412 5.781   0.744   1.00 67.46 ? 33  GLU A CD  1 
ATOM   297  O OE1 . GLU A 1 36  ? -19.309 4.577   1.086   1.00 68.31 ? 33  GLU A OE1 1 
ATOM   298  O OE2 . GLU A 1 36  ? -20.428 6.491   0.954   1.00 70.56 ? 33  GLU A OE2 1 
ATOM   299  N N   . SER A 1 37  ? -16.679 7.452   -3.645  1.00 31.42 ? 34  SER A N   1 
ATOM   300  C CA  . SER A 1 37  ? -16.892 7.721   -5.040  1.00 29.16 ? 34  SER A CA  1 
ATOM   301  C C   . SER A 1 37  ? -15.665 8.342   -5.710  1.00 29.26 ? 34  SER A C   1 
ATOM   302  O O   . SER A 1 37  ? -14.836 8.896   -5.059  1.00 26.39 ? 34  SER A O   1 
ATOM   303  C CB  . SER A 1 37  ? -18.086 8.664   -5.230  1.00 29.04 ? 34  SER A CB  1 
ATOM   304  O OG  . SER A 1 37  ? -17.792 9.930   -4.804  1.00 23.94 ? 34  SER A OG  1 
ATOM   305  N N   . LEU A 1 38  ? -15.624 8.284   -7.023  1.00 31.27 ? 35  LEU A N   1 
ATOM   306  C CA  . LEU A 1 38  ? -14.619 9.030   -7.802  1.00 28.96 ? 35  LEU A CA  1 
ATOM   307  C C   . LEU A 1 38  ? -14.748 10.501  -7.596  1.00 26.52 ? 35  LEU A C   1 
ATOM   308  O O   . LEU A 1 38  ? -13.748 11.196  -7.523  1.00 29.03 ? 35  LEU A O   1 
ATOM   309  C CB  . LEU A 1 38  ? -14.688 8.665   -9.317  1.00 26.88 ? 35  LEU A CB  1 
ATOM   310  C CG  . LEU A 1 38  ? -13.731 9.438   -10.211 1.00 30.30 ? 35  LEU A CG  1 
ATOM   311  C CD1 . LEU A 1 38  ? -12.289 9.081   -9.842  1.00 30.05 ? 35  LEU A CD1 1 
ATOM   312  C CD2 . LEU A 1 38  ? -13.993 9.135   -11.690 1.00 31.36 ? 35  LEU A CD2 1 
ATOM   313  N N   . THR A 1 39  ? -15.948 11.019  -7.456  1.00 26.82 ? 36  THR A N   1 
ATOM   314  C CA  . THR A 1 39  ? -16.076 12.466  -7.285  1.00 26.20 ? 36  THR A CA  1 
ATOM   315  C C   . THR A 1 39  ? -15.469 12.964  -5.921  1.00 30.84 ? 36  THR A C   1 
ATOM   316  O O   . THR A 1 39  ? -14.835 14.071  -5.816  1.00 29.04 ? 36  THR A O   1 
ATOM   317  C CB  . THR A 1 39  ? -17.569 12.899  -7.364  1.00 30.57 ? 36  THR A CB  1 
ATOM   318  O OG1 . THR A 1 39  ? -18.221 12.361  -8.572  1.00 26.01 ? 36  THR A OG1 1 
ATOM   319  C CG2 . THR A 1 39  ? -17.657 14.442  -7.260  1.00 31.47 ? 36  THR A CG2 1 
ATOM   320  N N   . GLU A 1 40  ? -15.588 12.112  -4.894  1.00 27.93 ? 37  GLU A N   1 
ATOM   321  C CA  . GLU A 1 40  ? -15.001 12.476  -3.593  1.00 33.86 ? 37  GLU A CA  1 
ATOM   322  C C   . GLU A 1 40  ? -13.457 12.405  -3.730  1.00 31.65 ? 37  GLU A C   1 
ATOM   323  O O   . GLU A 1 40  ? -12.751 13.264  -3.248  1.00 33.62 ? 37  GLU A O   1 
ATOM   324  C CB  . GLU A 1 40  ? -15.501 11.537  -2.484  1.00 33.42 ? 37  GLU A CB  1 
ATOM   325  C CG  . GLU A 1 40  ? -16.939 11.863  -1.992  1.00 38.07 ? 37  GLU A CG  1 
ATOM   326  C CD  . GLU A 1 40  ? -17.629 10.685  -1.319  1.00 41.48 ? 37  GLU A CD  1 
ATOM   327  O OE1 . GLU A 1 40  ? -18.843 10.835  -1.135  1.00 42.50 ? 37  GLU A OE1 1 
ATOM   328  O OE2 . GLU A 1 40  ? -17.036 9.567   -1.091  1.00 32.63 ? 37  GLU A OE2 1 
ATOM   329  N N   . LEU A 1 41  ? -12.993 11.390  -4.440  1.00 32.18 ? 38  LEU A N   1 
ATOM   330  C CA  . LEU A 1 41  ? -11.584 11.139  -4.568  1.00 30.11 ? 38  LEU A CA  1 
ATOM   331  C C   . LEU A 1 41  ? -10.892 12.269  -5.292  1.00 32.70 ? 38  LEU A C   1 
ATOM   332  O O   . LEU A 1 41  ? -9.821  12.699  -4.863  1.00 29.70 ? 38  LEU A O   1 
ATOM   333  C CB  . LEU A 1 41  ? -11.333 9.796   -5.218  1.00 28.46 ? 38  LEU A CB  1 
ATOM   334  C CG  . LEU A 1 41  ? -9.951  9.403   -5.588  1.00 27.64 ? 38  LEU A CG  1 
ATOM   335  C CD1 . LEU A 1 41  ? -9.089  9.434   -4.336  1.00 29.70 ? 38  LEU A CD1 1 
ATOM   336  C CD2 . LEU A 1 41  ? -9.962  8.104   -6.272  1.00 28.02 ? 38  LEU A CD2 1 
ATOM   337  N N   . GLN A 1 42  ? -11.539 12.818  -6.313  1.00 27.89 ? 39  GLN A N   1 
ATOM   338  C CA  . GLN A 1 42  ? -11.001 13.934  -7.063  1.00 28.26 ? 39  GLN A CA  1 
ATOM   339  C C   . GLN A 1 42  ? -10.871 15.154  -6.204  1.00 28.78 ? 39  GLN A C   1 
ATOM   340  O O   . GLN A 1 42  ? -9.839  15.867  -6.250  1.00 26.70 ? 39  GLN A O   1 
ATOM   341  C CB  . GLN A 1 42  ? -11.810 14.184  -8.350  1.00 28.52 ? 39  GLN A CB  1 
ATOM   342  C CG  . GLN A 1 42  ? -11.665 13.024  -9.295  1.00 28.98 ? 39  GLN A CG  1 
ATOM   343  C CD  . GLN A 1 42  ? -12.522 13.148  -10.537 1.00 33.25 ? 39  GLN A CD  1 
ATOM   344  O OE1 . GLN A 1 42  ? -13.599 13.672  -10.469 1.00 34.61 ? 39  GLN A OE1 1 
ATOM   345  N NE2 . GLN A 1 42  ? -12.057 12.586  -11.659 1.00 34.80 ? 39  GLN A NE2 1 
ATOM   346  N N   . HIS A 1 43  ? -11.859 15.406  -5.369  1.00 30.69 ? 40  HIS A N   1 
ATOM   347  C CA  . HIS A 1 43  ? -11.830 16.598  -4.505  1.00 30.74 ? 40  HIS A CA  1 
ATOM   348  C C   . HIS A 1 43  ? -10.750 16.464  -3.389  1.00 28.40 ? 40  HIS A C   1 
ATOM   349  O O   . HIS A 1 43  ? -10.068 17.421  -3.071  1.00 32.70 ? 40  HIS A O   1 
ATOM   350  C CB  . HIS A 1 43  ? -13.204 16.849  -3.832  1.00 38.27 ? 40  HIS A CB  1 
ATOM   351  C CG  . HIS A 1 43  ? -13.235 18.074  -2.967  1.00 47.09 ? 40  HIS A CG  1 
ATOM   352  N ND1 . HIS A 1 43  ? -13.155 19.349  -3.488  1.00 54.35 ? 40  HIS A ND1 1 
ATOM   353  C CD2 . HIS A 1 43  ? -13.337 18.227  -1.622  1.00 51.71 ? 40  HIS A CD2 1 
ATOM   354  C CE1 . HIS A 1 43  ? -13.188 20.233  -2.506  1.00 49.36 ? 40  HIS A CE1 1 
ATOM   355  N NE2 . HIS A 1 43  ? -13.298 19.577  -1.363  1.00 53.09 ? 40  HIS A NE2 1 
ATOM   356  N N   . LEU A 1 44  ? -10.604 15.276  -2.830  1.00 27.20 ? 41  LEU A N   1 
ATOM   357  C CA  . LEU A 1 44  ? -9.562  15.036  -1.781  1.00 28.37 ? 41  LEU A CA  1 
ATOM   358  C C   . LEU A 1 44  ? -8.153  15.146  -2.420  1.00 28.17 ? 41  LEU A C   1 
ATOM   359  O O   . LEU A 1 44  ? -7.226  15.686  -1.825  1.00 25.84 ? 41  LEU A O   1 
ATOM   360  C CB  . LEU A 1 44  ? -9.756  13.676  -1.163  1.00 29.98 ? 41  LEU A CB  1 
ATOM   361  C CG  . LEU A 1 44  ? -10.964 13.508  -0.245  1.00 28.07 ? 41  LEU A CG  1 
ATOM   362  C CD1 . LEU A 1 44  ? -10.973 12.070  0.234   1.00 29.55 ? 41  LEU A CD1 1 
ATOM   363  C CD2 . LEU A 1 44  ? -10.816 14.481  0.908   1.00 29.02 ? 41  LEU A CD2 1 
ATOM   364  N N   . PHE A 1 45  ? -8.031  14.630  -3.637  1.00 24.06 ? 42  PHE A N   1 
ATOM   365  C CA  . PHE A 1 45  ? -6.788  14.712  -4.381  1.00 26.05 ? 42  PHE A CA  1 
ATOM   366  C C   . PHE A 1 45  ? -6.301  16.153  -4.495  1.00 30.46 ? 42  PHE A C   1 
ATOM   367  O O   . PHE A 1 45  ? -5.117  16.453  -4.216  1.00 24.96 ? 42  PHE A O   1 
ATOM   368  C CB  . PHE A 1 45  ? -6.957  14.106  -5.812  1.00 24.64 ? 42  PHE A CB  1 
ATOM   369  C CG  . PHE A 1 45  ? -5.721  14.192  -6.628  1.00 25.34 ? 42  PHE A CG  1 
ATOM   370  C CD1 . PHE A 1 45  ? -4.769  13.205  -6.527  1.00 25.38 ? 42  PHE A CD1 1 
ATOM   371  C CD2 . PHE A 1 45  ? -5.459  15.308  -7.384  1.00 30.56 ? 42  PHE A CD2 1 
ATOM   372  C CE1 . PHE A 1 45  ? -3.578  13.287  -7.209  1.00 31.59 ? 42  PHE A CE1 1 
ATOM   373  C CE2 . PHE A 1 45  ? -4.267  15.398  -8.095  1.00 29.77 ? 42  PHE A CE2 1 
ATOM   374  C CZ  . PHE A 1 45  ? -3.350  14.380  -8.015  1.00 27.24 ? 42  PHE A CZ  1 
ATOM   375  N N   . ASP A 1 46  ? -7.193  17.061  -4.932  1.00 30.68 ? 43  ASP A N   1 
ATOM   376  C CA  . ASP A 1 46  ? -6.825  18.477  -5.046  1.00 30.25 ? 43  ASP A CA  1 
ATOM   377  C C   . ASP A 1 46  ? -6.540  19.121  -3.676  1.00 27.72 ? 43  ASP A C   1 
ATOM   378  O O   . ASP A 1 46  ? -5.673  19.954  -3.553  1.00 30.96 ? 43  ASP A O   1 
ATOM   379  C CB  . ASP A 1 46  ? -7.911  19.321  -5.753  1.00 39.47 ? 43  ASP A CB  1 
ATOM   380  C CG  . ASP A 1 46  ? -8.013  19.021  -7.252  1.00 50.06 ? 43  ASP A CG  1 
ATOM   381  O OD1 . ASP A 1 46  ? -7.093  18.374  -7.849  1.00 48.05 ? 43  ASP A OD1 1 
ATOM   382  O OD2 . ASP A 1 46  ? -9.060  19.418  -7.812  1.00 62.07 ? 43  ASP A OD2 1 
ATOM   383  N N   . LYS A 1 47  ? -7.230  18.690  -2.634  1.00 29.01 ? 44  LYS A N   1 
ATOM   384  C CA  . LYS A 1 47  ? -7.016  19.260  -1.299  1.00 32.35 ? 44  LYS A CA  1 
ATOM   385  C C   . LYS A 1 47  ? -5.642  18.912  -0.744  1.00 31.89 ? 44  LYS A C   1 
ATOM   386  O O   . LYS A 1 47  ? -5.032  19.720  -0.047  1.00 35.42 ? 44  LYS A O   1 
ATOM   387  C CB  . LYS A 1 47  ? -8.123  18.785  -0.362  1.00 37.28 ? 44  LYS A CB  1 
ATOM   388  C CG  . LYS A 1 47  ? -7.955  19.196  1.083   1.00 45.18 ? 44  LYS A CG  1 
ATOM   389  C CD  . LYS A 1 47  ? -9.010  18.550  1.955   1.00 48.55 ? 44  LYS A CD  1 
ATOM   390  C CE  . LYS A 1 47  ? -8.929  19.096  3.355   1.00 57.21 ? 44  LYS A CE  1 
ATOM   391  N NZ  . LYS A 1 47  ? -9.697  18.243  4.310   1.00 66.62 ? 44  LYS A NZ  1 
ATOM   392  N N   . HIS A 1 48  ? -5.141  17.734  -1.086  1.00 31.48 ? 45  HIS A N   1 
ATOM   393  C CA  . HIS A 1 48  ? -3.895  17.193  -0.478  1.00 30.92 ? 45  HIS A CA  1 
ATOM   394  C C   . HIS A 1 48  ? -2.745  17.140  -1.464  1.00 27.21 ? 45  HIS A C   1 
ATOM   395  O O   . HIS A 1 48  ? -1.744  16.412  -1.289  1.00 26.13 ? 45  HIS A O   1 
ATOM   396  C CB  . HIS A 1 48  ? -4.177  15.798  0.099   1.00 29.54 ? 45  HIS A CB  1 
ATOM   397  C CG  . HIS A 1 48  ? -5.166  15.823  1.226   1.00 28.60 ? 45  HIS A CG  1 
ATOM   398  N ND1 . HIS A 1 48  ? -4.863  16.339  2.476   1.00 36.06 ? 45  HIS A ND1 1 
ATOM   399  C CD2 . HIS A 1 48  ? -6.470  15.486  1.275   1.00 31.44 ? 45  HIS A CD2 1 
ATOM   400  C CE1 . HIS A 1 48  ? -5.917  16.246  3.263   1.00 31.91 ? 45  HIS A CE1 1 
ATOM   401  N NE2 . HIS A 1 48  ? -6.909  15.740  2.552   1.00 35.86 ? 45  HIS A NE2 1 
ATOM   402  N N   . LEU A 1 49  ? -2.824  17.958  -2.492  1.00 25.00 ? 46  LEU A N   1 
ATOM   403  C CA  . LEU A 1 49  ? -1.962  17.781  -3.641  1.00 38.51 ? 46  LEU A CA  1 
ATOM   404  C C   . LEU A 1 49  ? -0.457  17.862  -3.319  1.00 41.35 ? 46  LEU A C   1 
ATOM   405  O O   . LEU A 1 49  ? 0.372   17.111  -3.920  1.00 44.68 ? 46  LEU A O   1 
ATOM   406  C CB  . LEU A 1 49  ? -2.339  18.771  -4.724  1.00 40.03 ? 46  LEU A CB  1 
ATOM   407  C CG  . LEU A 1 49  ? -1.632  18.484  -6.054  1.00 46.71 ? 46  LEU A CG  1 
ATOM   408  C CD1 . LEU A 1 49  ? -1.588  17.014  -6.452  1.00 47.54 ? 46  LEU A CD1 1 
ATOM   409  C CD2 . LEU A 1 49  ? -2.346  19.287  -7.137  1.00 52.37 ? 46  LEU A CD2 1 
ATOM   410  N N   . LEU A 1 50  ? -0.092  18.712  -2.362  1.00 34.87 ? 47  LEU A N   1 
ATOM   411  C CA  . LEU A 1 50  ? 1.346   18.859  -2.036  1.00 37.51 ? 47  LEU A CA  1 
ATOM   412  C C   . LEU A 1 50  ? 1.715   18.361  -0.659  1.00 36.25 ? 47  LEU A C   1 
ATOM   413  O O   . LEU A 1 50  ? 2.657   18.809  -0.075  1.00 41.33 ? 47  LEU A O   1 
ATOM   414  C CB  . LEU A 1 50  ? 1.756   20.339  -2.126  1.00 40.23 ? 47  LEU A CB  1 
ATOM   415  C CG  . LEU A 1 50  ? 1.539   20.948  -3.498  1.00 44.72 ? 47  LEU A CG  1 
ATOM   416  C CD1 . LEU A 1 50  ? 1.993   22.414  -3.437  1.00 51.46 ? 47  LEU A CD1 1 
ATOM   417  C CD2 . LEU A 1 50  ? 2.237   20.108  -4.588  1.00 44.01 ? 47  LEU A CD2 1 
ATOM   418  N N   . ASP A 1 51  ? 0.915   17.478  -0.110  1.00 31.89 ? 48  ASP A N   1 
ATOM   419  C CA  . ASP A 1 51  ? 1.165   16.916  1.206   1.00 29.13 ? 48  ASP A CA  1 
ATOM   420  C C   . ASP A 1 51  ? 2.111   15.740  1.057   1.00 28.14 ? 48  ASP A C   1 
ATOM   421  O O   . ASP A 1 51  ? 1.852   14.846  0.243   1.00 26.91 ? 48  ASP A O   1 
ATOM   422  C CB  . ASP A 1 51  ? -0.181  16.472  1.732   1.00 32.00 ? 48  ASP A CB  1 
ATOM   423  C CG  . ASP A 1 51  ? -0.127  15.942  3.151   1.00 35.01 ? 48  ASP A CG  1 
ATOM   424  O OD1 . ASP A 1 51  ? 0.903   15.423  3.631   1.00 33.36 ? 48  ASP A OD1 1 
ATOM   425  O OD2 . ASP A 1 51  ? -1.195  15.984  3.742   1.00 39.35 ? 48  ASP A OD2 1 
ATOM   426  N N   . GLU A 1 52  ? 3.175   15.721  1.828   1.00 24.39 ? 49  GLU A N   1 
ATOM   427  C CA  . GLU A 1 52  ? 4.237   14.751  1.624   1.00 26.39 ? 49  GLU A CA  1 
ATOM   428  C C   . GLU A 1 52  ? 4.072   13.523  2.575   1.00 23.50 ? 49  GLU A C   1 
ATOM   429  O O   . GLU A 1 52  ? 4.960   12.724  2.707   1.00 27.82 ? 49  GLU A O   1 
ATOM   430  C CB  . GLU A 1 52  ? 5.572   15.377  1.827   1.00 37.77 ? 49  GLU A CB  1 
ATOM   431  C CG  . GLU A 1 52  ? 5.813   16.588  0.908   1.00 49.88 ? 49  GLU A CG  1 
ATOM   432  C CD  . GLU A 1 52  ? 6.680   17.660  1.582   1.00 65.68 ? 49  GLU A CD  1 
ATOM   433  O OE1 . GLU A 1 52  ? 7.428   17.297  2.520   1.00 76.72 ? 49  GLU A OE1 1 
ATOM   434  O OE2 . GLU A 1 52  ? 6.637   18.863  1.188   1.00 70.28 ? 49  GLU A OE2 1 
ATOM   435  N N   . SER A 1 53  ? 2.969   13.427  3.254   1.00 22.82 ? 50  SER A N   1 
ATOM   436  C CA  . SER A 1 53  ? 2.800   12.347  4.230   1.00 25.82 ? 50  SER A CA  1 
ATOM   437  C C   . SER A 1 53  ? 2.403   11.046  3.582   1.00 24.16 ? 50  SER A C   1 
ATOM   438  O O   . SER A 1 53  ? 2.407   9.994   4.259   1.00 23.24 ? 50  SER A O   1 
ATOM   439  C CB  . SER A 1 53  ? 1.786   12.744  5.281   1.00 27.55 ? 50  SER A CB  1 
ATOM   440  O OG  . SER A 1 53  ? 0.521   12.968  4.753   1.00 26.97 ? 50  SER A OG  1 
ATOM   441  N N   . GLU A 1 54  ? 1.989   11.101  2.312   1.00 22.72 ? 51  GLU A N   1 
ATOM   442  C CA  . GLU A 1 54  ? 1.653   9.948   1.502   1.00 20.62 ? 51  GLU A CA  1 
ATOM   443  C C   . GLU A 1 54  ? 2.195   10.068  0.129   1.00 26.09 ? 51  GLU A C   1 
ATOM   444  O O   . GLU A 1 54  ? 2.352   11.172  -0.404  1.00 27.77 ? 51  GLU A O   1 
ATOM   445  C CB  . GLU A 1 54  ? 0.121   9.740   1.400   1.00 21.73 ? 51  GLU A CB  1 
ATOM   446  C CG  . GLU A 1 54  ? -0.532  9.642   2.741   1.00 23.46 ? 51  GLU A CG  1 
ATOM   447  C CD  . GLU A 1 54  ? -2.007  9.272   2.762   1.00 26.75 ? 51  GLU A CD  1 
ATOM   448  O OE1 . GLU A 1 54  ? -2.494  8.919   3.863   1.00 27.24 ? 51  GLU A OE1 1 
ATOM   449  O OE2 . GLU A 1 54  ? -2.688  9.302   1.729   1.00 29.47 ? 51  GLU A OE2 1 
ATOM   450  N N   . ARG A 1 55  ? 2.558   8.947   -0.456  1.00 24.21 ? 52  ARG A N   1 
ATOM   451  C CA  . ARG A 1 55  ? 3.109   8.901   -1.776  1.00 23.42 ? 52  ARG A CA  1 
ATOM   452  C C   . ARG A 1 55  ? 2.588   7.676   -2.474  1.00 25.03 ? 52  ARG A C   1 
ATOM   453  O O   . ARG A 1 55  ? 2.637   6.599   -1.918  1.00 21.92 ? 52  ARG A O   1 
ATOM   454  C CB  . ARG A 1 55  ? 4.611   8.862   -1.763  1.00 25.79 ? 52  ARG A CB  1 
ATOM   455  C CG  . ARG A 1 55  ? 5.245   10.086  -1.186  1.00 33.95 ? 52  ARG A CG  1 
ATOM   456  C CD  . ARG A 1 55  ? 6.744   10.073  -1.269  1.00 46.16 ? 52  ARG A CD  1 
ATOM   457  N NE  . ARG A 1 55  ? 7.158   11.297  -1.971  1.00 59.20 ? 52  ARG A NE  1 
ATOM   458  C CZ  . ARG A 1 55  ? 7.485   12.445  -1.396  1.00 66.40 ? 52  ARG A CZ  1 
ATOM   459  N NH1 . ARG A 1 55  ? 7.508   12.583  -0.059  1.00 71.07 ? 52  ARG A NH1 1 
ATOM   460  N NH2 . ARG A 1 55  ? 7.816   13.466  -2.185  1.00 74.33 ? 52  ARG A NH2 1 
ATOM   461  N N   . ARG A 1 56  ? 2.158   7.832   -3.724  1.00 23.05 ? 53  ARG A N   1 
ATOM   462  C CA  . ARG A 1 56  ? 1.475   6.762   -4.423  1.00 23.04 ? 53  ARG A CA  1 
ATOM   463  C C   . ARG A 1 56  ? 2.001   6.553   -5.810  1.00 23.83 ? 53  ARG A C   1 
ATOM   464  O O   . ARG A 1 56  ? 2.477   7.509   -6.482  1.00 24.00 ? 53  ARG A O   1 
ATOM   465  C CB  . ARG A 1 56  ? -0.004  7.030   -4.488  1.00 24.63 ? 53  ARG A CB  1 
ATOM   466  C CG  . ARG A 1 56  ? -0.701  6.957   -3.172  1.00 25.96 ? 53  ARG A CG  1 
ATOM   467  C CD  . ARG A 1 56  ? -2.182  7.141   -3.364  1.00 28.86 ? 53  ARG A CD  1 
ATOM   468  N NE  . ARG A 1 56  ? -2.914  6.887   -2.132  1.00 29.97 ? 53  ARG A NE  1 
ATOM   469  C CZ  . ARG A 1 56  ? -2.928  7.706   -1.090  1.00 30.83 ? 53  ARG A CZ  1 
ATOM   470  N NH1 . ARG A 1 56  ? -2.258  8.838   -1.142  1.00 29.33 ? 53  ARG A NH1 1 
ATOM   471  N NH2 . ARG A 1 56  ? -3.602  7.372   0.011   1.00 28.58 ? 53  ARG A NH2 1 
ATOM   472  N N   . PHE A 1 57  ? 2.045   5.305   -6.212  1.00 20.85 ? 54  PHE A N   1 
ATOM   473  C CA  . PHE A 1 57  ? 2.527   4.914   -7.501  1.00 22.30 ? 54  PHE A CA  1 
ATOM   474  C C   . PHE A 1 57  ? 1.544   3.994   -8.131  1.00 22.22 ? 54  PHE A C   1 
ATOM   475  O O   . PHE A 1 57  ? 0.878   3.215   -7.449  1.00 25.89 ? 54  PHE A O   1 
ATOM   476  C CB  . PHE A 1 57  ? 3.829   4.175   -7.411  1.00 26.99 ? 54  PHE A CB  1 
ATOM   477  C CG  . PHE A 1 57  ? 4.904   4.969   -6.765  1.00 30.52 ? 54  PHE A CG  1 
ATOM   478  C CD1 . PHE A 1 57  ? 5.636   5.848   -7.516  1.00 31.55 ? 54  PHE A CD1 1 
ATOM   479  C CD2 . PHE A 1 57  ? 5.071   4.941   -5.369  1.00 35.52 ? 54  PHE A CD2 1 
ATOM   480  C CE1 . PHE A 1 57  ? 6.596   6.677   -6.920  1.00 40.42 ? 54  PHE A CE1 1 
ATOM   481  C CE2 . PHE A 1 57  ? 6.028   5.755   -4.766  1.00 37.69 ? 54  PHE A CE2 1 
ATOM   482  C CZ  . PHE A 1 57  ? 6.785   6.624   -5.535  1.00 37.94 ? 54  PHE A CZ  1 
ATOM   483  N N   . ILE A 1 58  ? 1.450   4.082   -9.422  1.00 22.56 ? 55  ILE A N   1 
ATOM   484  C CA  . ILE A 1 58  ? 0.668   3.140   -10.259 1.00 22.98 ? 55  ILE A CA  1 
ATOM   485  C C   . ILE A 1 58  ? 1.608   2.063   -10.725 1.00 23.57 ? 55  ILE A C   1 
ATOM   486  O O   . ILE A 1 58  ? 2.731   2.330   -11.150 1.00 24.27 ? 55  ILE A O   1 
ATOM   487  C CB  . ILE A 1 58  ? 0.085   3.858   -11.465 1.00 25.25 ? 55  ILE A CB  1 
ATOM   488  C CG1 . ILE A 1 58  ? -0.858  4.987   -11.029 1.00 25.63 ? 55  ILE A CG1 1 
ATOM   489  C CG2 . ILE A 1 58  ? -0.647  2.858   -12.383 1.00 28.22 ? 55  ILE A CG2 1 
ATOM   490  C CD1 . ILE A 1 58  ? -2.033  4.519   -10.220 1.00 27.00 ? 55  ILE A CD1 1 
ATOM   491  N N   . VAL A 1 59  ? 1.195   0.824   -10.545 1.00 22.44 ? 56  VAL A N   1 
ATOM   492  C CA  . VAL A 1 59  ? 1.914   -0.343  -11.058 1.00 26.99 ? 56  VAL A CA  1 
ATOM   493  C C   . VAL A 1 59  ? 1.359   -0.679  -12.449 1.00 25.04 ? 56  VAL A C   1 
ATOM   494  O O   . VAL A 1 59  ? 0.174   -0.800  -12.596 1.00 25.52 ? 56  VAL A O   1 
ATOM   495  C CB  . VAL A 1 59  ? 1.730   -1.591  -10.157 1.00 26.70 ? 56  VAL A CB  1 
ATOM   496  C CG1 . VAL A 1 59  ? 2.756   -2.635  -10.522 1.00 28.29 ? 56  VAL A CG1 1 
ATOM   497  C CG2 . VAL A 1 59  ? 1.878   -1.171  -8.714  1.00 28.09 ? 56  VAL A CG2 1 
ATOM   498  N N   . GLU A 1 60  ? 2.268   -0.800  -13.395 1.00 29.78 ? 57  GLU A N   1 
ATOM   499  C CA  . GLU A 1 60  ? 1.965   -1.018  -14.818 1.00 35.12 ? 57  GLU A CA  1 
ATOM   500  C C   . GLU A 1 60  ? 2.824   -2.088  -15.408 1.00 35.89 ? 57  GLU A C   1 
ATOM   501  O O   . GLU A 1 60  ? 3.928   -2.345  -14.950 1.00 36.57 ? 57  GLU A O   1 
ATOM   502  C CB  . GLU A 1 60  ? 2.322   0.210   -15.643 1.00 39.58 ? 57  GLU A CB  1 
ATOM   503  C CG  . GLU A 1 60  ? 1.434   1.386   -15.409 1.00 45.81 ? 57  GLU A CG  1 
ATOM   504  C CD  . GLU A 1 60  ? 1.678   2.505   -16.430 1.00 47.86 ? 57  GLU A CD  1 
ATOM   505  O OE1 . GLU A 1 60  ? 0.696   3.207   -16.754 1.00 53.50 ? 57  GLU A OE1 1 
ATOM   506  O OE2 . GLU A 1 60  ? 2.834   2.681   -16.902 1.00 47.05 ? 57  GLU A OE2 1 
ATOM   507  N N   . ASP A 1 61  ? 2.315   -2.665  -16.490 1.00 40.00 ? 58  ASP A N   1 
ATOM   508  C CA  . ASP A 1 61  ? 3.112   -3.389  -17.481 1.00 45.45 ? 58  ASP A CA  1 
ATOM   509  C C   . ASP A 1 61  ? 2.897   -2.513  -18.720 1.00 54.48 ? 58  ASP A C   1 
ATOM   510  O O   . ASP A 1 61  ? 2.146   -1.533  -18.652 1.00 60.07 ? 58  ASP A O   1 
ATOM   511  C CB  . ASP A 1 61  ? 2.572   -4.800  -17.655 1.00 45.82 ? 58  ASP A CB  1 
ATOM   512  C CG  . ASP A 1 61  ? 1.101   -4.841  -18.097 1.00 48.51 ? 58  ASP A CG  1 
ATOM   513  O OD1 . ASP A 1 61  ? 0.379   -5.814  -17.711 1.00 59.68 ? 58  ASP A OD1 1 
ATOM   514  O OD2 . ASP A 1 61  ? 0.622   -3.931  -18.823 1.00 46.97 ? 58  ASP A OD2 1 
ATOM   515  N N   . GLU A 1 62  ? 3.516   -2.849  -19.834 1.00 65.38 ? 59  GLU A N   1 
ATOM   516  C CA  . GLU A 1 62  ? 3.380   -2.043  -21.057 1.00 65.15 ? 59  GLU A CA  1 
ATOM   517  C C   . GLU A 1 62  ? 1.932   -1.881  -21.504 1.00 65.27 ? 59  GLU A C   1 
ATOM   518  O O   . GLU A 1 62  ? 1.560   -0.856  -22.048 1.00 67.86 ? 59  GLU A O   1 
ATOM   519  C CB  . GLU A 1 62  ? 4.157   -2.693  -22.203 1.00 75.91 ? 59  GLU A CB  1 
ATOM   520  C CG  . GLU A 1 62  ? 5.667   -2.500  -22.158 1.00 77.09 ? 59  GLU A CG  1 
ATOM   521  C CD  . GLU A 1 62  ? 6.387   -3.505  -23.030 1.00 78.81 ? 59  GLU A CD  1 
ATOM   522  O OE1 . GLU A 1 62  ? 5.794   -3.976  -24.024 1.00 82.66 ? 59  GLU A OE1 1 
ATOM   523  O OE2 . GLU A 1 62  ? 7.537   -3.844  -22.725 1.00 67.61 ? 59  GLU A OE2 1 
ATOM   524  N N   . ASN A 1 63  ? 1.123   -2.910  -21.291 1.00 64.88 ? 60  ASN A N   1 
ATOM   525  C CA  . ASN A 1 63  ? -0.300  -2.905  -21.708 1.00 63.57 ? 60  ASN A CA  1 
ATOM   526  C C   . ASN A 1 63  ? -1.361  -2.252  -20.837 1.00 59.55 ? 60  ASN A C   1 
ATOM   527  O O   . ASN A 1 63  ? -2.308  -1.667  -21.388 1.00 52.50 ? 60  ASN A O   1 
ATOM   528  C CB  . ASN A 1 63  ? -0.693  -4.323  -22.111 1.00 63.80 ? 60  ASN A CB  1 
ATOM   529  C CG  . ASN A 1 63  ? 0.205   -4.822  -23.228 1.00 66.86 ? 60  ASN A CG  1 
ATOM   530  O OD1 . ASN A 1 63  ? 0.431   -4.096  -24.200 1.00 61.36 ? 60  ASN A OD1 1 
ATOM   531  N ND2 . ASN A 1 63  ? 0.772   -6.012  -23.077 1.00 69.44 ? 60  ASN A ND2 1 
ATOM   532  N N   . GLN A 1 64  ? -1.254  -2.325  -19.512 1.00 50.69 ? 61  GLN A N   1 
ATOM   533  C CA  . GLN A 1 64  ? -2.227  -1.651  -18.691 1.00 46.98 ? 61  GLN A CA  1 
ATOM   534  C C   . GLN A 1 64  ? -1.731  -1.375  -17.289 1.00 36.34 ? 61  GLN A C   1 
ATOM   535  O O   . GLN A 1 64  ? -0.711  -1.883  -16.853 1.00 35.33 ? 61  GLN A O   1 
ATOM   536  C CB  . GLN A 1 64  ? -3.524  -2.469  -18.588 1.00 57.26 ? 61  GLN A CB  1 
ATOM   537  C CG  . GLN A 1 64  ? -3.739  -3.536  -19.641 1.00 60.87 ? 61  GLN A CG  1 
ATOM   538  C CD  . GLN A 1 64  ? -3.536  -4.911  -19.110 1.00 60.96 ? 61  GLN A CD  1 
ATOM   539  O OE1 . GLN A 1 64  ? -4.500  -5.653  -19.032 1.00 65.37 ? 61  GLN A OE1 1 
ATOM   540  N NE2 . GLN A 1 64  ? -2.307  -5.268  -18.722 1.00 62.59 ? 61  GLN A NE2 1 
ATOM   541  N N   . VAL A 1 65  ? -2.525  -0.601  -16.588 1.00 39.90 ? 62  VAL A N   1 
ATOM   542  C CA  . VAL A 1 65  ? -2.338  -0.355  -15.176 1.00 34.21 ? 62  VAL A CA  1 
ATOM   543  C C   . VAL A 1 65  ? -2.872  -1.574  -14.438 1.00 34.82 ? 62  VAL A C   1 
ATOM   544  O O   . VAL A 1 65  ? -3.956  -2.050  -14.729 1.00 33.57 ? 62  VAL A O   1 
ATOM   545  C CB  . VAL A 1 65  ? -3.170  0.843   -14.771 1.00 34.96 ? 62  VAL A CB  1 
ATOM   546  C CG1 . VAL A 1 65  ? -3.192  0.948   -13.287 1.00 41.95 ? 62  VAL A CG1 1 
ATOM   547  C CG2 . VAL A 1 65  ? -2.607  2.134   -15.372 1.00 36.05 ? 62  VAL A CG2 1 
ATOM   548  N N   . VAL A 1 66  ? -2.106  -2.075  -13.499 1.00 36.10 ? 63  VAL A N   1 
ATOM   549  C CA  . VAL A 1 66  ? -2.449  -3.327  -12.826 1.00 35.88 ? 63  VAL A CA  1 
ATOM   550  C C   . VAL A 1 66  ? -2.581  -3.221  -11.312 1.00 39.32 ? 63  VAL A C   1 
ATOM   551  O O   . VAL A 1 66  ? -2.907  -4.232  -10.651 1.00 38.34 ? 63  VAL A O   1 
ATOM   552  C CB  . VAL A 1 66  ? -1.428  -4.424  -13.127 1.00 36.94 ? 63  VAL A CB  1 
ATOM   553  C CG1 . VAL A 1 66  ? -1.234  -4.601  -14.636 1.00 36.22 ? 63  VAL A CG1 1 
ATOM   554  C CG2 . VAL A 1 66  ? -0.111  -4.209  -12.383 1.00 37.61 ? 63  VAL A CG2 1 
ATOM   555  N N   . GLY A 1 67  ? -2.270  -2.048  -10.746 1.00 29.58 ? 64  GLY A N   1 
ATOM   556  C CA  . GLY A 1 67  ? -2.307  -1.893  -9.333  1.00 27.73 ? 64  GLY A CA  1 
ATOM   557  C C   . GLY A 1 67  ? -1.765  -0.566  -8.842  1.00 29.63 ? 64  GLY A C   1 
ATOM   558  O O   . GLY A 1 67  ? -1.409  0.329   -9.624  1.00 24.84 ? 64  GLY A O   1 
ATOM   559  N N   . ILE A 1 68  ? -1.687  -0.444  -7.527  1.00 26.01 ? 65  ILE A N   1 
ATOM   560  C CA  . ILE A 1 68  ? -1.259  0.794   -6.874  1.00 28.08 ? 65  ILE A CA  1 
ATOM   561  C C   . ILE A 1 68  ? -0.397  0.446   -5.677  1.00 28.79 ? 65  ILE A C   1 
ATOM   562  O O   . ILE A 1 68  ? -0.680  -0.488  -4.921  1.00 25.82 ? 65  ILE A O   1 
ATOM   563  C CB  . ILE A 1 68  ? -2.464  1.577   -6.332  1.00 34.88 ? 65  ILE A CB  1 
ATOM   564  C CG1 . ILE A 1 68  ? -3.505  1.769   -7.422  1.00 43.46 ? 65  ILE A CG1 1 
ATOM   565  C CG2 . ILE A 1 68  ? -2.048  2.951   -5.829  1.00 38.72 ? 65  ILE A CG2 1 
ATOM   566  C CD1 . ILE A 1 68  ? -4.876  2.118   -6.882  1.00 47.89 ? 65  ILE A CD1 1 
ATOM   567  N N   . VAL A 1 69  ? 0.614   1.239   -5.493  1.00 25.27 ? 66  VAL A N   1 
ATOM   568  C CA  . VAL A 1 69  ? 1.452   1.183   -4.317  1.00 29.31 ? 66  VAL A CA  1 
ATOM   569  C C   . VAL A 1 69  ? 1.200   2.464   -3.541  1.00 26.54 ? 66  VAL A C   1 
ATOM   570  O O   . VAL A 1 69  ? 1.213   3.576   -4.122  1.00 27.60 ? 66  VAL A O   1 
ATOM   571  C CB  . VAL A 1 69  ? 2.939   1.195   -4.712  1.00 32.01 ? 66  VAL A CB  1 
ATOM   572  C CG1 . VAL A 1 69  ? 3.819   1.561   -3.488  1.00 34.13 ? 66  VAL A CG1 1 
ATOM   573  C CG2 . VAL A 1 69  ? 3.335   -0.128  -5.264  1.00 33.22 ? 66  VAL A CG2 1 
ATOM   574  N N   . GLU A 1 70  ? 0.933   2.340   -2.271  1.00 25.12 ? 67  GLU A N   1 
ATOM   575  C CA  . GLU A 1 70  ? 0.759   3.521   -1.431  1.00 26.32 ? 67  GLU A CA  1 
ATOM   576  C C   . GLU A 1 70  ? 1.769   3.450   -0.279  1.00 27.14 ? 67  GLU A C   1 
ATOM   577  O O   . GLU A 1 70  ? 1.879   2.422   0.425   1.00 26.59 ? 67  GLU A O   1 
ATOM   578  C CB  . GLU A 1 70  ? -0.676  3.624   -0.910  1.00 28.55 ? 67  GLU A CB  1 
ATOM   579  C CG  . GLU A 1 70  ? -1.783  3.661   -1.967  1.00 36.60 ? 67  GLU A CG  1 
ATOM   580  C CD  . GLU A 1 70  ? -3.196  3.745   -1.354  1.00 43.02 ? 67  GLU A CD  1 
ATOM   581  O OE1 . GLU A 1 70  ? -3.563  2.868   -0.530  1.00 54.53 ? 67  GLU A OE1 1 
ATOM   582  O OE2 . GLU A 1 70  ? -3.967  4.693   -1.636  1.00 44.74 ? 67  GLU A OE2 1 
ATOM   583  N N   . LEU A 1 71  ? 2.528   4.509   -0.083  1.00 19.92 ? 68  LEU A N   1 
ATOM   584  C CA  . LEU A 1 71  ? 3.249   4.733   1.168   1.00 20.49 ? 68  LEU A CA  1 
ATOM   585  C C   . LEU A 1 71  ? 2.523   5.774   1.926   1.00 20.95 ? 68  LEU A C   1 
ATOM   586  O O   . LEU A 1 71  ? 2.350   6.914   1.437   1.00 22.93 ? 68  LEU A O   1 
ATOM   587  C CB  . LEU A 1 71  ? 4.683   5.132   0.937   1.00 21.55 ? 68  LEU A CB  1 
ATOM   588  C CG  . LEU A 1 71  ? 5.597   4.229   0.162   1.00 26.77 ? 68  LEU A CG  1 
ATOM   589  C CD1 . LEU A 1 71  ? 6.972   4.890   0.014   1.00 27.23 ? 68  LEU A CD1 1 
ATOM   590  C CD2 . LEU A 1 71  ? 5.755   2.892   0.820   1.00 25.39 ? 68  LEU A CD2 1 
ATOM   591  N N   . VAL A 1 72  ? 2.077   5.464   3.137   1.00 19.70 ? 69  VAL A N   1 
ATOM   592  C CA  . VAL A 1 72  ? 1.340   6.415   3.945   1.00 20.28 ? 69  VAL A CA  1 
ATOM   593  C C   . VAL A 1 72  ? 1.958   6.568   5.294   1.00 18.72 ? 69  VAL A C   1 
ATOM   594  O O   . VAL A 1 72  ? 2.900   5.824   5.650   1.00 19.90 ? 69  VAL A O   1 
ATOM   595  C CB  . VAL A 1 72  ? -0.174  6.055   4.017   1.00 22.24 ? 69  VAL A CB  1 
ATOM   596  C CG1 . VAL A 1 72  ? -0.748  5.901   2.588   1.00 22.69 ? 69  VAL A CG1 1 
ATOM   597  C CG2 . VAL A 1 72  ? -0.347  4.700   4.733   1.00 22.29 ? 69  VAL A CG2 1 
ATOM   598  N N   . GLU A 1 73  ? 1.403   7.452   6.096   1.00 19.15 ? 70  GLU A N   1 
ATOM   599  C CA  . GLU A 1 73  ? 1.941   7.842   7.426   1.00 21.15 ? 70  GLU A CA  1 
ATOM   600  C C   . GLU A 1 73  ? 3.414   8.021   7.363   1.00 22.78 ? 70  GLU A C   1 
ATOM   601  O O   . GLU A 1 73  ? 4.123   7.557   8.241   1.00 19.39 ? 70  GLU A O   1 
ATOM   602  C CB  . GLU A 1 73  ? 1.593   6.782   8.524   1.00 25.22 ? 70  GLU A CB  1 
ATOM   603  C CG  . GLU A 1 73  ? 0.081   6.481   8.597   1.00 31.51 ? 70  GLU A CG  1 
ATOM   604  C CD  . GLU A 1 73  ? -0.752  7.568   9.317   1.00 33.86 ? 70  GLU A CD  1 
ATOM   605  O OE1 . GLU A 1 73  ? -0.219  8.658   9.532   1.00 36.10 ? 70  GLU A OE1 1 
ATOM   606  O OE2 . GLU A 1 73  ? -1.952  7.302   9.668   1.00 45.88 ? 70  GLU A OE2 1 
ATOM   607  N N   . ILE A 1 74  ? 3.911   8.661   6.298   1.00 23.03 ? 71  ILE A N   1 
ATOM   608  C CA  . ILE A 1 74  ? 5.368   8.813   6.106   1.00 20.22 ? 71  ILE A CA  1 
ATOM   609  C C   . ILE A 1 74  ? 5.831   9.783   7.183   1.00 21.46 ? 71  ILE A C   1 
ATOM   610  O O   . ILE A 1 74  ? 5.337   10.888  7.311   1.00 24.70 ? 71  ILE A O   1 
ATOM   611  C CB  . ILE A 1 74  ? 5.784   9.298   4.722   1.00 22.10 ? 71  ILE A CB  1 
ATOM   612  C CG1 . ILE A 1 74  ? 5.258   8.348   3.620   1.00 21.46 ? 71  ILE A CG1 1 
ATOM   613  C CG2 . ILE A 1 74  ? 7.294   9.432   4.665   1.00 23.71 ? 71  ILE A CG2 1 
ATOM   614  C CD1 . ILE A 1 74  ? 5.432   8.806   2.213   1.00 22.22 ? 71  ILE A CD1 1 
ATOM   615  N N   . ASN A 1 75  ? 6.796   9.379   7.952   1.00 18.30 ? 72  ASN A N   1 
ATOM   616  C CA  . ASN A 1 75  ? 7.310   10.212  9.027   1.00 19.22 ? 72  ASN A CA  1 
ATOM   617  C C   . ASN A 1 75  ? 8.787   10.378  8.815   1.00 18.33 ? 72  ASN A C   1 
ATOM   618  O O   . ASN A 1 75  ? 9.537   9.431   8.907   1.00 19.26 ? 72  ASN A O   1 
ATOM   619  C CB  . ASN A 1 75  ? 7.037   9.624   10.393  1.00 22.79 ? 72  ASN A CB  1 
ATOM   620  C CG  . ASN A 1 75  ? 7.471   10.576  11.535  1.00 25.16 ? 72  ASN A CG  1 
ATOM   621  O OD1 . ASN A 1 75  ? 8.646   10.863  11.755  1.00 21.32 ? 72  ASN A OD1 1 
ATOM   622  N ND2 . ASN A 1 75  ? 6.520   10.989  12.283  1.00 31.26 ? 72  ASN A ND2 1 
ATOM   623  N N   . TYR A 1 76  ? 9.224   11.625  8.564   1.00 18.55 ? 73  TYR A N   1 
ATOM   624  C CA  . TYR A 1 76  ? 10.646  11.891  8.239   1.00 20.71 ? 73  TYR A CA  1 
ATOM   625  C C   . TYR A 1 76  ? 11.535  12.160  9.446   1.00 23.37 ? 73  TYR A C   1 
ATOM   626  O O   . TYR A 1 76  ? 12.689  12.503  9.270   1.00 27.05 ? 73  TYR A O   1 
ATOM   627  C CB  . TYR A 1 76  ? 10.740  13.034  7.223   1.00 23.09 ? 73  TYR A CB  1 
ATOM   628  C CG  . TYR A 1 76  ? 10.078  12.777  5.870   1.00 22.32 ? 73  TYR A CG  1 
ATOM   629  C CD1 . TYR A 1 76  ? 10.725  12.139  4.834   1.00 26.01 ? 73  TYR A CD1 1 
ATOM   630  C CD2 . TYR A 1 76  ? 8.762   13.057  5.721   1.00 26.66 ? 73  TYR A CD2 1 
ATOM   631  C CE1 . TYR A 1 76  ? 10.036  11.865  3.611   1.00 24.62 ? 73  TYR A CE1 1 
ATOM   632  C CE2 . TYR A 1 76  ? 8.073   12.791  4.570   1.00 25.39 ? 73  TYR A CE2 1 
ATOM   633  C CZ  . TYR A 1 76  ? 8.696   12.223  3.495   1.00 30.41 ? 73  TYR A CZ  1 
ATOM   634  O OH  . TYR A 1 76  ? 7.843   12.003  2.387   1.00 35.90 ? 73  TYR A OH  1 
ATOM   635  N N   . ILE A 1 77  ? 11.022  12.007  10.658  1.00 20.02 ? 74  ILE A N   1 
ATOM   636  C CA  . ILE A 1 77  ? 11.833  12.082  11.847  1.00 20.47 ? 74  ILE A CA  1 
ATOM   637  C C   . ILE A 1 77  ? 12.172  10.646  12.291  1.00 18.65 ? 74  ILE A C   1 
ATOM   638  O O   . ILE A 1 77  ? 13.339  10.266  12.481  1.00 20.67 ? 74  ILE A O   1 
ATOM   639  C CB  . ILE A 1 77  ? 11.189  12.877  12.985  1.00 22.55 ? 74  ILE A CB  1 
ATOM   640  C CG1 . ILE A 1 77  ? 10.938  14.339  12.635  1.00 28.11 ? 74  ILE A CG1 1 
ATOM   641  C CG2 . ILE A 1 77  ? 11.993  12.687  14.286  1.00 24.36 ? 74  ILE A CG2 1 
ATOM   642  C CD1 . ILE A 1 77  ? 12.163  15.076  12.258  1.00 29.10 ? 74  ILE A CD1 1 
ATOM   643  N N   . HIS A 1 78  ? 11.157  9.841   12.471  1.00 18.19 ? 75  HIS A N   1 
ATOM   644  C CA  . HIS A 1 78  ? 11.355  8.474   12.879  1.00 18.06 ? 75  HIS A CA  1 
ATOM   645  C C   . HIS A 1 78  ? 11.700  7.584   11.667  1.00 20.04 ? 75  HIS A C   1 
ATOM   646  O O   . HIS A 1 78  ? 12.234  6.457   11.810  1.00 18.67 ? 75  HIS A O   1 
ATOM   647  C CB  . HIS A 1 78  ? 10.079  7.982   13.561  1.00 19.81 ? 75  HIS A CB  1 
ATOM   648  C CG  . HIS A 1 78  ? 9.696   8.805   14.727  1.00 20.08 ? 75  HIS A CG  1 
ATOM   649  N ND1 . HIS A 1 78  ? 10.562  9.030   15.764  1.00 21.89 ? 75  HIS A ND1 1 
ATOM   650  C CD2 . HIS A 1 78  ? 8.602   9.551   14.981  1.00 22.71 ? 75  HIS A CD2 1 
ATOM   651  C CE1 . HIS A 1 78  ? 10.014  9.853   16.631  1.00 22.43 ? 75  HIS A CE1 1 
ATOM   652  N NE2 . HIS A 1 78  ? 8.823   10.193  16.171  1.00 24.21 ? 75  HIS A NE2 1 
ATOM   653  N N   . ARG A 1 79  ? 11.478  8.153   10.487  1.00 16.91 ? 76  ARG A N   1 
ATOM   654  C CA  A ARG A 1 79  ? 11.870  7.468   9.234   0.50 17.39 ? 76  ARG A CA  1 
ATOM   655  C CA  B ARG A 1 79  ? 11.679  7.516   9.165   0.50 19.85 ? 76  ARG A CA  1 
ATOM   656  C C   . ARG A 1 79  ? 11.216  6.109   9.033   1.00 17.81 ? 76  ARG A C   1 
ATOM   657  O O   . ARG A 1 79  ? 11.890  5.081   8.896   1.00 19.67 ? 76  ARG A O   1 
ATOM   658  C CB  A ARG A 1 79  ? 13.412  7.440   9.115   0.50 16.91 ? 76  ARG A CB  1 
ATOM   659  C CB  B ARG A 1 79  ? 13.034  7.782   8.572   0.50 23.62 ? 76  ARG A CB  1 
ATOM   660  C CG  A ARG A 1 79  ? 13.995  8.879   9.276   0.50 17.93 ? 76  ARG A CG  1 
ATOM   661  C CG  B ARG A 1 79  ? 14.143  7.914   9.599   0.50 27.11 ? 76  ARG A CG  1 
ATOM   662  C CD  A ARG A 1 79  ? 15.240  9.101   8.446   0.50 20.03 ? 76  ARG A CD  1 
ATOM   663  C CD  B ARG A 1 79  ? 15.186  8.933   9.187   0.50 26.36 ? 76  ARG A CD  1 
ATOM   664  N NE  A ARG A 1 79  ? 14.880  9.269   7.045   0.50 21.63 ? 76  ARG A NE  1 
ATOM   665  N NE  B ARG A 1 79  ? 16.131  8.420   8.185   0.50 26.54 ? 76  ARG A NE  1 
ATOM   666  C CZ  A ARG A 1 79  ? 14.604  10.448  6.486   0.50 20.40 ? 76  ARG A CZ  1 
ATOM   667  C CZ  B ARG A 1 79  ? 17.449  8.383   8.364   0.50 28.91 ? 76  ARG A CZ  1 
ATOM   668  N NH1 A ARG A 1 79  ? 14.236  10.521  5.225   0.50 15.15 ? 76  ARG A NH1 1 
ATOM   669  N NH1 B ARG A 1 79  ? 18.237  7.954   7.403   0.50 30.07 ? 76  ARG A NH1 1 
ATOM   670  N NH2 A ARG A 1 79  ? 14.677  11.544  7.210   0.50 21.12 ? 76  ARG A NH2 1 
ATOM   671  N NH2 B ARG A 1 79  ? 17.991  8.819   9.499   0.50 30.35 ? 76  ARG A NH2 1 
ATOM   672  N N   . ASN A 1 80  ? 9.912   6.123   9.086   1.00 20.19 ? 77  ASN A N   1 
ATOM   673  C CA  . ASN A 1 80  ? 9.161   4.963   8.792   1.00 19.29 ? 77  ASN A CA  1 
ATOM   674  C C   . ASN A 1 80  ? 7.883   5.325   8.143   1.00 19.86 ? 77  ASN A C   1 
ATOM   675  O O   . ASN A 1 80  ? 7.420   6.502   8.175   1.00 19.72 ? 77  ASN A O   1 
ATOM   676  C CB  . ASN A 1 80  ? 8.977   4.037   10.025  1.00 19.09 ? 77  ASN A CB  1 
ATOM   677  C CG  . ASN A 1 80  ? 8.343   4.700   11.164  1.00 21.07 ? 77  ASN A CG  1 
ATOM   678  O OD1 . ASN A 1 80  ? 7.289   5.293   11.038  1.00 24.36 ? 77  ASN A OD1 1 
ATOM   679  N ND2 . ASN A 1 80  ? 8.963   4.597   12.291  1.00 23.34 ? 77  ASN A ND2 1 
ATOM   680  N N   . CYS A 1 81  ? 7.307   4.352   7.437   1.00 20.28 ? 78  CYS A N   1 
ATOM   681  C CA  . CYS A 1 81  ? 6.081   4.561   6.736   1.00 20.78 ? 78  CYS A CA  1 
ATOM   682  C C   . CYS A 1 81  ? 5.358   3.243   6.613   1.00 17.77 ? 78  CYS A C   1 
ATOM   683  O O   . CYS A 1 81  ? 5.962   2.204   6.787   1.00 18.57 ? 78  CYS A O   1 
ATOM   684  C CB  . CYS A 1 81  ? 6.294   5.108   5.361   1.00 23.12 ? 78  CYS A CB  1 
ATOM   685  S SG  . CYS A 1 81  ? 7.269   4.101   4.253   1.00 25.38 ? 78  CYS A SG  1 
ATOM   686  N N   . GLU A 1 82  ? 4.091   3.360   6.363   1.00 15.57 ? 79  GLU A N   1 
ATOM   687  C CA  . GLU A 1 82  ? 3.199   2.173   6.230   1.00 17.81 ? 79  GLU A CA  1 
ATOM   688  C C   . GLU A 1 82  ? 3.067   1.934   4.714   1.00 18.47 ? 79  GLU A C   1 
ATOM   689  O O   . GLU A 1 82  ? 2.867   2.886   3.914   1.00 20.82 ? 79  GLU A O   1 
ATOM   690  C CB  . GLU A 1 82  ? 1.891   2.448   6.870   1.00 19.79 ? 79  GLU A CB  1 
ATOM   691  C CG  . GLU A 1 82  ? 0.838   1.362   6.663   1.00 21.09 ? 79  GLU A CG  1 
ATOM   692  C CD  . GLU A 1 82  ? -0.574  1.729   7.052   1.00 25.91 ? 79  GLU A CD  1 
ATOM   693  O OE1 . GLU A 1 82  ? -0.776  2.671   7.773   1.00 28.00 ? 79  GLU A OE1 1 
ATOM   694  O OE2 . GLU A 1 82  ? -1.514  0.982   6.694   1.00 27.83 ? 79  GLU A OE2 1 
ATOM   695  N N   . ILE A 1 83  ? 3.120   0.703   4.312   1.00 18.99 ? 80  ILE A N   1 
ATOM   696  C CA  . ILE A 1 83  ? 2.996   0.337   2.885   1.00 20.24 ? 80  ILE A CA  1 
ATOM   697  C C   . ILE A 1 83  ? 1.697   -0.396  2.649   1.00 26.15 ? 80  ILE A C   1 
ATOM   698  O O   . ILE A 1 83  ? 1.254   -1.176  3.487   1.00 20.65 ? 80  ILE A O   1 
ATOM   699  C CB  . ILE A 1 83  ? 4.183   -0.424  2.348   1.00 22.02 ? 80  ILE A CB  1 
ATOM   700  C CG1 . ILE A 1 83  ? 3.996   -0.674  0.815   1.00 25.96 ? 80  ILE A CG1 1 
ATOM   701  C CG2 . ILE A 1 83  ? 4.395   -1.752  3.044   1.00 22.84 ? 80  ILE A CG2 1 
ATOM   702  C CD1 . ILE A 1 83  ? 5.220   -1.256  0.190   1.00 27.86 ? 80  ILE A CD1 1 
ATOM   703  N N   . GLN A 1 84  ? 1.014   -0.024  1.572   1.00 23.12 ? 81  GLN A N   1 
ATOM   704  C CA  . GLN A 1 84  ? -0.256  -0.680  1.144   1.00 26.54 ? 81  GLN A CA  1 
ATOM   705  C C   . GLN A 1 84  ? -0.088  -0.951  -0.315  1.00 28.54 ? 81  GLN A C   1 
ATOM   706  O O   . GLN A 1 84  ? 0.186   -0.016  -1.104  1.00 25.90 ? 81  GLN A O   1 
ATOM   707  C CB  . GLN A 1 84  ? -1.503  0.224   1.394   1.00 28.95 ? 81  GLN A CB  1 
ATOM   708  C CG  . GLN A 1 84  ? -1.628  0.731   2.826   1.00 31.13 ? 81  GLN A CG  1 
ATOM   709  C CD  . GLN A 1 84  ? -2.694  1.789   3.104   1.00 37.21 ? 81  GLN A CD  1 
ATOM   710  O OE1 . GLN A 1 84  ? -3.205  2.480   2.204   1.00 43.41 ? 81  GLN A OE1 1 
ATOM   711  N NE2 . GLN A 1 84  ? -2.981  1.973   4.397   1.00 30.64 ? 81  GLN A NE2 1 
ATOM   712  N N   . ILE A 1 85  ? -0.330  -2.191  -0.728  1.00 27.77 ? 82  ILE A N   1 
ATOM   713  C CA  . ILE A 1 85  ? -0.286  -2.503  -2.185  1.00 30.41 ? 82  ILE A CA  1 
ATOM   714  C C   . ILE A 1 85  ? -1.529  -3.252  -2.571  1.00 34.79 ? 82  ILE A C   1 
ATOM   715  O O   . ILE A 1 85  ? -1.906  -4.181  -1.875  1.00 30.38 ? 82  ILE A O   1 
ATOM   716  C CB  . ILE A 1 85  ? 0.966   -3.284  -2.571  1.00 30.96 ? 82  ILE A CB  1 
ATOM   717  C CG1 . ILE A 1 85  ? 2.188   -2.364  -2.363  1.00 35.41 ? 82  ILE A CG1 1 
ATOM   718  C CG2 . ILE A 1 85  ? 0.923   -3.762  -4.035  1.00 31.94 ? 82  ILE A CG2 1 
ATOM   719  C CD1 . ILE A 1 85  ? 3.506   -2.906  -2.856  1.00 39.17 ? 82  ILE A CD1 1 
ATOM   720  N N   . ILE A 1 86  ? -2.204  -2.818  -3.636  1.00 28.53 ? 83  ILE A N   1 
ATOM   721  C CA  . ILE A 1 86  ? -3.392  -3.496  -4.130  1.00 32.37 ? 83  ILE A CA  1 
ATOM   722  C C   . ILE A 1 86  ? -3.143  -3.796  -5.617  1.00 32.45 ? 83  ILE A C   1 
ATOM   723  O O   . ILE A 1 86  ? -2.755  -2.924  -6.396  1.00 26.95 ? 83  ILE A O   1 
ATOM   724  C CB  . ILE A 1 86  ? -4.685  -2.669  -3.965  1.00 36.49 ? 83  ILE A CB  1 
ATOM   725  C CG1 . ILE A 1 86  ? -4.897  -2.311  -2.504  1.00 41.83 ? 83  ILE A CG1 1 
ATOM   726  C CG2 . ILE A 1 86  ? -5.901  -3.455  -4.460  1.00 39.31 ? 83  ILE A CG2 1 
ATOM   727  C CD1 . ILE A 1 86  ? -6.189  -1.555  -2.211  1.00 43.37 ? 83  ILE A CD1 1 
ATOM   728  N N   . ILE A 1 87  ? -3.275  -5.066  -5.979  1.00 31.28 ? 84  ILE A N   1 
ATOM   729  C CA  . ILE A 1 87  ? -3.129  -5.521  -7.352  1.00 28.13 ? 84  ILE A CA  1 
ATOM   730  C C   . ILE A 1 87  ? -4.517  -5.935  -7.779  1.00 28.89 ? 84  ILE A C   1 
ATOM   731  O O   . ILE A 1 87  ? -5.251  -6.530  -7.025  1.00 28.05 ? 84  ILE A O   1 
ATOM   732  C CB  . ILE A 1 87  ? -2.155  -6.694  -7.473  1.00 33.07 ? 84  ILE A CB  1 
ATOM   733  C CG1 . ILE A 1 87  ? -0.748  -6.305  -6.967  1.00 34.03 ? 84  ILE A CG1 1 
ATOM   734  C CG2 . ILE A 1 87  ? -2.047  -7.184  -8.910  1.00 30.42 ? 84  ILE A CG2 1 
ATOM   735  C CD1 . ILE A 1 87  ? -0.133  -5.139  -7.727  1.00 34.56 ? 84  ILE A CD1 1 
ATOM   736  N N   . LYS A 1 88  ? -4.933  -5.579  -8.983  1.00 30.74 ? 85  LYS A N   1 
ATOM   737  C CA  . LYS A 1 88  ? -6.188  -6.084  -9.528  1.00 36.14 ? 85  LYS A CA  1 
ATOM   738  C C   . LYS A 1 88  ? -6.254  -7.624  -9.332  1.00 30.31 ? 85  LYS A C   1 
ATOM   739  O O   . LYS A 1 88  ? -5.273  -8.362  -9.576  1.00 27.01 ? 85  LYS A O   1 
ATOM   740  C CB  . LYS A 1 88  ? -6.320  -5.719  -10.998 1.00 41.00 ? 85  LYS A CB  1 
ATOM   741  C CG  . LYS A 1 88  ? -6.575  -4.261  -11.309 1.00 47.48 ? 85  LYS A CG  1 
ATOM   742  C CD  . LYS A 1 88  ? -8.053  -3.986  -11.491 1.00 57.66 ? 85  LYS A CD  1 
ATOM   743  C CE  . LYS A 1 88  ? -8.509  -4.414  -12.897 1.00 63.94 ? 85  LYS A CE  1 
ATOM   744  N NZ  . LYS A 1 88  ? -9.972  -4.692  -12.904 1.00 72.55 ? 85  LYS A NZ  1 
ATOM   745  N N   . PRO A 1 89  ? -7.362  -8.113  -8.753  1.00 35.82 ? 86  PRO A N   1 
ATOM   746  C CA  . PRO A 1 89  ? -7.428  -9.529  -8.438  1.00 36.21 ? 86  PRO A CA  1 
ATOM   747  C C   . PRO A 1 89  ? -7.290  -10.455 -9.672  1.00 38.32 ? 86  PRO A C   1 
ATOM   748  O O   . PRO A 1 89  ? -6.779  -11.557 -9.533  1.00 43.19 ? 86  PRO A O   1 
ATOM   749  C CB  . PRO A 1 89  ? -8.818  -9.685  -7.789  1.00 43.00 ? 86  PRO A CB  1 
ATOM   750  C CG  . PRO A 1 89  ? -9.226  -8.321  -7.362  1.00 45.45 ? 86  PRO A CG  1 
ATOM   751  C CD  . PRO A 1 89  ? -8.543  -7.359  -8.286  1.00 38.68 ? 86  PRO A CD  1 
ATOM   752  N N   . GLU A 1 90  ? -7.708  -9.986  -10.848 1.00 37.00 ? 87  GLU A N   1 
ATOM   753  C CA  . GLU A 1 90  ? -7.505  -10.729 -12.082 1.00 40.41 ? 87  GLU A CA  1 
ATOM   754  C C   . GLU A 1 90  ? -6.061  -10.952 -12.449 1.00 44.91 ? 87  GLU A C   1 
ATOM   755  O O   . GLU A 1 90  ? -5.806  -11.769 -13.373 1.00 40.14 ? 87  GLU A O   1 
ATOM   756  C CB  . GLU A 1 90  ? -8.211  -10.116 -13.288 1.00 42.05 ? 87  GLU A CB  1 
ATOM   757  C CG  . GLU A 1 90  ? -8.221  -8.611  -13.367 1.00 49.69 ? 87  GLU A CG  1 
ATOM   758  C CD  . GLU A 1 90  ? -9.365  -8.019  -12.579 1.00 46.71 ? 87  GLU A CD  1 
ATOM   759  O OE1 . GLU A 1 90  ? -9.255  -8.077  -11.338 1.00 51.17 ? 87  GLU A OE1 1 
ATOM   760  O OE2 . GLU A 1 90  ? -10.351 -7.521  -13.177 1.00 53.30 ? 87  GLU A OE2 1 
ATOM   761  N N   . PHE A 1 91  ? -5.130  -10.204 -11.835 1.00 37.22 ? 88  PHE A N   1 
ATOM   762  C CA  . PHE A 1 91  ? -3.704  -10.376 -12.129 1.00 36.60 ? 88  PHE A CA  1 
ATOM   763  C C   . PHE A 1 91  ? -2.926  -11.099 -11.046 1.00 43.01 ? 88  PHE A C   1 
ATOM   764  O O   . PHE A 1 91  ? -1.676  -11.188 -11.119 1.00 43.31 ? 88  PHE A O   1 
ATOM   765  C CB  . PHE A 1 91  ? -3.063  -9.014  -12.380 1.00 37.95 ? 88  PHE A CB  1 
ATOM   766  C CG  . PHE A 1 91  ? -3.660  -8.249  -13.530 1.00 39.24 ? 88  PHE A CG  1 
ATOM   767  C CD1 . PHE A 1 91  ? -3.204  -8.435  -14.805 1.00 48.01 ? 88  PHE A CD1 1 
ATOM   768  C CD2 . PHE A 1 91  ? -4.651  -7.328  -13.336 1.00 40.56 ? 88  PHE A CD2 1 
ATOM   769  C CE1 . PHE A 1 91  ? -3.724  -7.721  -15.875 1.00 44.32 ? 88  PHE A CE1 1 
ATOM   770  C CE2 . PHE A 1 91  ? -5.210  -6.626  -14.390 1.00 44.64 ? 88  PHE A CE2 1 
ATOM   771  C CZ  . PHE A 1 91  ? -4.720  -6.811  -15.680 1.00 43.47 ? 88  PHE A CZ  1 
ATOM   772  N N   . SER A 1 92  ? -3.627  -11.662 -10.069 1.00 38.40 ? 89  SER A N   1 
ATOM   773  C CA  . SER A 1 92  ? -2.957  -12.392 -8.997  1.00 43.53 ? 89  SER A CA  1 
ATOM   774  C C   . SER A 1 92  ? -2.080  -13.569 -9.466  1.00 47.03 ? 89  SER A C   1 
ATOM   775  O O   . SER A 1 92  ? -2.362  -14.231 -10.486 1.00 44.68 ? 89  SER A O   1 
ATOM   776  C CB  . SER A 1 92  ? -3.956  -12.868 -7.981  1.00 47.15 ? 89  SER A CB  1 
ATOM   777  O OG  . SER A 1 92  ? -4.852  -13.770 -8.566  1.00 49.64 ? 89  SER A OG  1 
ATOM   778  N N   . GLY A 1 93  ? -0.956  -13.770 -8.779  1.00 41.32 ? 90  GLY A N   1 
ATOM   779  C CA  . GLY A 1 93  ? -0.059  -14.882 -9.102  1.00 40.75 ? 90  GLY A CA  1 
ATOM   780  C C   . GLY A 1 93  ? 0.825   -14.634 -10.300 1.00 39.44 ? 90  GLY A C   1 
ATOM   781  O O   . GLY A 1 93  ? 1.652   -15.450 -10.603 1.00 41.87 ? 90  GLY A O   1 
ATOM   782  N N   . LYS A 1 94  ? 0.686   -13.485 -10.956 1.00 37.65 ? 91  LYS A N   1 
ATOM   783  C CA  . LYS A 1 94  ? 1.479   -13.122 -12.097 1.00 34.19 ? 91  LYS A CA  1 
ATOM   784  C C   . LYS A 1 94  ? 2.772   -12.375 -11.707 1.00 36.43 ? 91  LYS A C   1 
ATOM   785  O O   . LYS A 1 94  ? 3.528   -11.984 -12.581 1.00 30.38 ? 91  LYS A O   1 
ATOM   786  C CB  . LYS A 1 94  ? 0.658   -12.247 -13.030 1.00 39.20 ? 91  LYS A CB  1 
ATOM   787  C CG  . LYS A 1 94  ? -0.532  -12.978 -13.677 1.00 43.95 ? 91  LYS A CG  1 
ATOM   788  C CD  . LYS A 1 94  ? 0.021   -14.117 -14.571 1.00 45.90 ? 91  LYS A CD  1 
ATOM   789  C CE  . LYS A 1 94  ? -1.021  -14.753 -15.496 1.00 50.93 ? 91  LYS A CE  1 
ATOM   790  N NZ  . LYS A 1 94  ? -2.209  -15.207 -14.739 1.00 54.52 ? 91  LYS A NZ  1 
ATOM   791  N N   . GLY A 1 95  ? 3.014   -12.205 -10.408 1.00 33.63 ? 92  GLY A N   1 
ATOM   792  C CA  . GLY A 1 95  ? 4.251   -11.532 -9.918  1.00 36.12 ? 92  GLY A CA  1 
ATOM   793  C C   . GLY A 1 95  ? 4.250   -10.010 -9.946  1.00 34.78 ? 92  GLY A C   1 
ATOM   794  O O   . GLY A 1 95  ? 5.338   -9.361  -9.933  1.00 31.31 ? 92  GLY A O   1 
ATOM   795  N N   . TYR A 1 96  ? 3.062   -9.426  -10.004 1.00 32.54 ? 93  TYR A N   1 
ATOM   796  C CA  . TYR A 1 96  ? 2.927   -7.970  -9.986  1.00 33.55 ? 93  TYR A CA  1 
ATOM   797  C C   . TYR A 1 96  ? 3.033   -7.441  -8.577  1.00 32.84 ? 93  TYR A C   1 
ATOM   798  O O   . TYR A 1 96  ? 3.461   -6.287  -8.353  1.00 27.99 ? 93  TYR A O   1 
ATOM   799  C CB  . TYR A 1 96  ? 1.615   -7.542  -10.575 1.00 31.48 ? 93  TYR A CB  1 
ATOM   800  C CG  . TYR A 1 96  ? 1.479   -7.811  -12.063 1.00 40.09 ? 93  TYR A CG  1 
ATOM   801  C CD1 . TYR A 1 96  ? 2.563   -7.794  -12.883 1.00 49.17 ? 93  TYR A CD1 1 
ATOM   802  C CD2 . TYR A 1 96  ? 0.265   -8.099  -12.643 1.00 44.78 ? 93  TYR A CD2 1 
ATOM   803  C CE1 . TYR A 1 96  ? 2.473   -8.001  -14.241 1.00 50.04 ? 93  TYR A CE1 1 
ATOM   804  C CE2 . TYR A 1 96  ? 0.157   -8.311  -14.016 1.00 43.29 ? 93  TYR A CE2 1 
ATOM   805  C CZ  . TYR A 1 96  ? 1.258   -8.248  -14.797 1.00 44.88 ? 93  TYR A CZ  1 
ATOM   806  O OH  . TYR A 1 96  ? 1.150   -8.405  -16.122 1.00 44.78 ? 93  TYR A OH  1 
ATOM   807  N N   . ALA A 1 97  ? 2.580   -8.256  -7.638  1.00 27.69 ? 94  ALA A N   1 
ATOM   808  C CA  . ALA A 1 97  ? 2.618   -7.916  -6.264  1.00 29.75 ? 94  ALA A CA  1 
ATOM   809  C C   . ALA A 1 97  ? 4.070   -7.981  -5.802  1.00 31.53 ? 94  ALA A C   1 
ATOM   810  O O   . ALA A 1 97  ? 4.539   -7.049  -5.159  1.00 27.59 ? 94  ALA A O   1 
ATOM   811  C CB  . ALA A 1 97  ? 1.714   -8.833  -5.458  1.00 30.82 ? 94  ALA A CB  1 
ATOM   812  N N   . LYS A 1 98  ? 4.796   -9.026  -6.202  1.00 28.55 ? 95  LYS A N   1 
ATOM   813  C CA  . LYS A 1 98  ? 6.202   -9.179  -5.840  1.00 32.95 ? 95  LYS A CA  1 
ATOM   814  C C   . LYS A 1 98  ? 6.974   -7.996  -6.378  1.00 31.58 ? 95  LYS A C   1 
ATOM   815  O O   . LYS A 1 98  ? 7.730   -7.385  -5.627  1.00 27.10 ? 95  LYS A O   1 
ATOM   816  C CB  . LYS A 1 98  ? 6.795   -10.509 -6.337  1.00 39.19 ? 95  LYS A CB  1 
ATOM   817  C CG  . LYS A 1 98  ? 8.165   -10.823 -5.748  1.00 47.92 ? 95  LYS A CG  1 
ATOM   818  C CD  . LYS A 1 98  ? 8.653   -12.248 -6.037  1.00 57.85 ? 95  LYS A CD  1 
ATOM   819  C CE  . LYS A 1 98  ? 9.286   -12.358 -7.420  1.00 62.46 ? 95  LYS A CE  1 
ATOM   820  N NZ  . LYS A 1 98  ? 10.607  -11.666 -7.509  1.00 66.88 ? 95  LYS A NZ  1 
ATOM   821  N N   . PHE A 1 99  ? 6.772   -7.699  -7.661  1.00 26.65 ? 96  PHE A N   1 
ATOM   822  C CA  . PHE A 1 99  ? 7.419   -6.577  -8.298  1.00 29.40 ? 96  PHE A CA  1 
ATOM   823  C C   . PHE A 1 99  ? 7.108   -5.254  -7.615  1.00 26.27 ? 96  PHE A C   1 
ATOM   824  O O   . PHE A 1 99  ? 8.030   -4.479  -7.399  1.00 27.06 ? 96  PHE A O   1 
ATOM   825  C CB  . PHE A 1 99  ? 7.025   -6.449  -9.763  1.00 30.66 ? 96  PHE A CB  1 
ATOM   826  C CG  . PHE A 1 99  ? 7.539   -5.193  -10.424 1.00 27.27 ? 96  PHE A CG  1 
ATOM   827  C CD1 . PHE A 1 99  ? 8.811   -5.156  -10.952 1.00 29.58 ? 96  PHE A CD1 1 
ATOM   828  C CD2 . PHE A 1 99  ? 6.757   -4.060  -10.487 1.00 29.97 ? 96  PHE A CD2 1 
ATOM   829  C CE1 . PHE A 1 99  ? 9.298   -4.009  -11.538 1.00 35.96 ? 96  PHE A CE1 1 
ATOM   830  C CE2 . PHE A 1 99  ? 7.236   -2.903  -11.081 1.00 33.04 ? 96  PHE A CE2 1 
ATOM   831  C CZ  . PHE A 1 99  ? 8.498   -2.890  -11.632 1.00 31.52 ? 96  PHE A CZ  1 
ATOM   832  N N   . ALA A 1 100 ? 5.833   -4.980  -7.348  1.00 23.85 ? 97  ALA A N   1 
ATOM   833  C CA  . ALA A 1 100 ? 5.431   -3.747  -6.736  1.00 25.69 ? 97  ALA A CA  1 
ATOM   834  C C   . ALA A 1 100 ? 6.082   -3.557  -5.384  1.00 27.29 ? 97  ALA A C   1 
ATOM   835  O O   . ALA A 1 100 ? 6.485   -2.454  -5.026  1.00 23.02 ? 97  ALA A O   1 
ATOM   836  C CB  . ALA A 1 100 ? 3.923   -3.644  -6.635  1.00 29.05 ? 97  ALA A CB  1 
ATOM   837  N N   . PHE A 1 101 ? 6.112   -4.646  -4.609  1.00 26.18 ? 98  PHE A N   1 
ATOM   838  C CA  . PHE A 1 101 ? 6.778   -4.676  -3.342  1.00 30.15 ? 98  PHE A CA  1 
ATOM   839  C C   . PHE A 1 101 ? 8.231   -4.354  -3.429  1.00 30.07 ? 98  PHE A C   1 
ATOM   840  O O   . PHE A 1 101 ? 8.705   -3.463  -2.694  1.00 29.02 ? 98  PHE A O   1 
ATOM   841  C CB  . PHE A 1 101 ? 6.566   -5.994  -2.588  1.00 30.49 ? 98  PHE A CB  1 
ATOM   842  C CG  . PHE A 1 101 ? 5.506   -5.862  -1.595  1.00 29.69 ? 98  PHE A CG  1 
ATOM   843  C CD1 . PHE A 1 101 ? 5.796   -5.256  -0.372  1.00 30.63 ? 98  PHE A CD1 1 
ATOM   844  C CD2 . PHE A 1 101 ? 4.172   -6.166  -1.911  1.00 35.30 ? 98  PHE A CD2 1 
ATOM   845  C CE1 . PHE A 1 101 ? 4.813   -4.995  0.538   1.00 27.62 ? 98  PHE A CE1 1 
ATOM   846  C CE2 . PHE A 1 101 ? 3.165   -5.924  -0.980  1.00 34.73 ? 98  PHE A CE2 1 
ATOM   847  C CZ  . PHE A 1 101 ? 3.506   -5.329  0.256   1.00 34.77 ? 98  PHE A CZ  1 
ATOM   848  N N   . GLU A 1 102 ? 8.920   -5.051  -4.310  1.00 26.36 ? 99  GLU A N   1 
ATOM   849  C CA  . GLU A 1 102 ? 10.330  -4.925  -4.442  1.00 29.72 ? 99  GLU A CA  1 
ATOM   850  C C   . GLU A 1 102 ? 10.631  -3.447  -4.746  1.00 28.62 ? 99  GLU A C   1 
ATOM   851  O O   . GLU A 1 102 ? 11.583  -2.859  -4.184  1.00 28.47 ? 99  GLU A O   1 
ATOM   852  C CB  . GLU A 1 102 ? 10.881  -5.816  -5.597  1.00 33.99 ? 99  GLU A CB  1 
ATOM   853  C CG  . GLU A 1 102 ? 10.919  -7.322  -5.302  1.00 42.88 ? 99  GLU A CG  1 
ATOM   854  C CD  . GLU A 1 102 ? 11.149  -8.241  -6.542  1.00 48.39 ? 99  GLU A CD  1 
ATOM   855  O OE1 . GLU A 1 102 ? 11.356  -7.763  -7.679  1.00 46.65 ? 99  GLU A OE1 1 
ATOM   856  O OE2 . GLU A 1 102 ? 11.077  -9.484  -6.378  1.00 56.15 ? 99  GLU A OE2 1 
ATOM   857  N N   . LYS A 1 103 ? 9.889   -2.907  -5.695  1.00 25.07 ? 100 LYS A N   1 
ATOM   858  C CA  . LYS A 1 103 ? 10.162  -1.517  -6.129  1.00 27.84 ? 100 LYS A CA  1 
ATOM   859  C C   . LYS A 1 103 ? 9.833   -0.492  -5.050  1.00 25.78 ? 100 LYS A C   1 
ATOM   860  O O   . LYS A 1 103 ? 10.552  0.471   -4.917  1.00 21.81 ? 100 LYS A O   1 
ATOM   861  C CB  . LYS A 1 103 ? 9.472   -1.212  -7.417  1.00 26.62 ? 100 LYS A CB  1 
ATOM   862  C CG  . LYS A 1 103 ? 10.005  -2.012  -8.623  1.00 33.89 ? 100 LYS A CG  1 
ATOM   863  C CD  . LYS A 1 103 ? 11.504  -1.753  -8.903  1.00 35.05 ? 100 LYS A CD  1 
ATOM   864  C CE  . LYS A 1 103 ? 12.052  -2.492  -10.118 1.00 43.45 ? 100 LYS A CE  1 
ATOM   865  N NZ  . LYS A 1 103 ? 13.523  -2.730  -10.029 1.00 47.88 ? 100 LYS A NZ  1 
ATOM   866  N N   . ALA A 1 104 ? 8.737   -0.683  -4.326  1.00 23.32 ? 101 ALA A N   1 
ATOM   867  C CA  . ALA A 1 104 ? 8.316   0.275   -3.314  1.00 25.80 ? 101 ALA A CA  1 
ATOM   868  C C   . ALA A 1 104 ? 9.227   0.279   -2.094  1.00 22.72 ? 101 ALA A C   1 
ATOM   869  O O   . ALA A 1 104 ? 9.453   1.307   -1.476  1.00 22.13 ? 101 ALA A O   1 
ATOM   870  C CB  . ALA A 1 104 ? 6.883   0.000   -2.900  1.00 26.64 ? 101 ALA A CB  1 
ATOM   871  N N   . ILE A 1 105 ? 9.691   -0.888  -1.719  1.00 20.81 ? 102 ILE A N   1 
ATOM   872  C CA  . ILE A 1 105 ? 10.671  -1.041  -0.664  1.00 23.63 ? 102 ILE A CA  1 
ATOM   873  C C   . ILE A 1 105 ? 11.964  -0.301  -1.066  1.00 24.01 ? 102 ILE A C   1 
ATOM   874  O O   . ILE A 1 105 ? 12.542  0.429   -0.249  1.00 22.90 ? 102 ILE A O   1 
ATOM   875  C CB  . ILE A 1 105 ? 10.919  -2.496  -0.374  1.00 23.51 ? 102 ILE A CB  1 
ATOM   876  C CG1 . ILE A 1 105 ? 9.632   -3.116  0.257   1.00 23.27 ? 102 ILE A CG1 1 
ATOM   877  C CG2 . ILE A 1 105 ? 12.134  -2.740  0.501   1.00 26.30 ? 102 ILE A CG2 1 
ATOM   878  C CD1 . ILE A 1 105 ? 9.778   -4.659  0.363   1.00 26.17 ? 102 ILE A CD1 1 
ATOM   879  N N   . ILE A 1 106 ? 12.424  -0.556  -2.263  1.00 22.88 ? 103 ILE A N   1 
ATOM   880  C CA  . ILE A 1 106 ? 13.565  0.173   -2.806  1.00 23.04 ? 103 ILE A CA  1 
ATOM   881  C C   . ILE A 1 106 ? 13.359  1.686   -2.791  1.00 21.71 ? 103 ILE A C   1 
ATOM   882  O O   . ILE A 1 106 ? 14.280  2.428   -2.347  1.00 24.16 ? 103 ILE A O   1 
ATOM   883  C CB  . ILE A 1 106 ? 13.941  -0.308  -4.233  1.00 26.14 ? 103 ILE A CB  1 
ATOM   884  C CG1 . ILE A 1 106 ? 14.539  -1.718  -4.171  1.00 28.73 ? 103 ILE A CG1 1 
ATOM   885  C CG2 . ILE A 1 106 ? 14.918  0.668   -4.906  1.00 28.54 ? 103 ILE A CG2 1 
ATOM   886  C CD1 . ILE A 1 106 ? 14.600  -2.417  -5.556  1.00 30.30 ? 103 ILE A CD1 1 
ATOM   887  N N   . TYR A 1 107 ? 12.180  2.149   -3.210  1.00 20.81 ? 104 TYR A N   1 
ATOM   888  C CA  . TYR A 1 107 ? 11.858  3.556   -3.158  1.00 20.49 ? 104 TYR A CA  1 
ATOM   889  C C   . TYR A 1 107 ? 11.902  4.096   -1.719  1.00 22.47 ? 104 TYR A C   1 
ATOM   890  O O   . TYR A 1 107 ? 12.539  5.100   -1.438  1.00 20.31 ? 104 TYR A O   1 
ATOM   891  C CB  . TYR A 1 107 ? 10.493  3.812   -3.809  1.00 22.75 ? 104 TYR A CB  1 
ATOM   892  C CG  . TYR A 1 107 ? 10.086  5.246   -3.870  1.00 24.76 ? 104 TYR A CG  1 
ATOM   893  C CD1 . TYR A 1 107 ? 10.528  6.070   -4.907  1.00 29.95 ? 104 TYR A CD1 1 
ATOM   894  C CD2 . TYR A 1 107 ? 9.438   5.843   -2.825  1.00 29.17 ? 104 TYR A CD2 1 
ATOM   895  C CE1 . TYR A 1 107 ? 10.186  7.414   -4.965  1.00 32.29 ? 104 TYR A CE1 1 
ATOM   896  C CE2 . TYR A 1 107 ? 9.117   7.197   -2.857  1.00 34.36 ? 104 TYR A CE2 1 
ATOM   897  C CZ  . TYR A 1 107 ? 9.482   7.969   -3.924  1.00 38.08 ? 104 TYR A CZ  1 
ATOM   898  O OH  . TYR A 1 107 ? 9.122   9.284   -3.931  1.00 46.01 ? 104 TYR A OH  1 
ATOM   899  N N   . ALA A 1 108 ? 11.272  3.379   -0.775  1.00 20.26 ? 105 ALA A N   1 
ATOM   900  C CA  . ALA A 1 108 ? 11.234  3.812   0.626   1.00 20.59 ? 105 ALA A CA  1 
ATOM   901  C C   . ALA A 1 108 ? 12.595  3.870   1.238   1.00 20.11 ? 105 ALA A C   1 
ATOM   902  O O   . ALA A 1 108 ? 12.951  4.866   1.862   1.00 23.98 ? 105 ALA A O   1 
ATOM   903  C CB  . ALA A 1 108 ? 10.344  2.883   1.457   1.00 22.75 ? 105 ALA A CB  1 
ATOM   904  N N   . PHE A 1 109 ? 13.408  2.860   1.033   1.00 19.41 ? 106 PHE A N   1 
ATOM   905  C CA  . PHE A 1 109 ? 14.677  2.819   1.661   1.00 20.09 ? 106 PHE A CA  1 
ATOM   906  C C   . PHE A 1 109 ? 15.766  3.643   0.961   1.00 22.52 ? 106 PHE A C   1 
ATOM   907  O O   . PHE A 1 109 ? 16.559  4.330   1.635   1.00 23.81 ? 106 PHE A O   1 
ATOM   908  C CB  . PHE A 1 109 ? 15.160  1.378   1.765   1.00 21.44 ? 106 PHE A CB  1 
ATOM   909  C CG  . PHE A 1 109 ? 14.409  0.546   2.796   1.00 20.95 ? 106 PHE A CG  1 
ATOM   910  C CD1 . PHE A 1 109 ? 13.921  1.128   3.957   1.00 22.40 ? 106 PHE A CD1 1 
ATOM   911  C CD2 . PHE A 1 109 ? 14.281  -0.804  2.638   1.00 21.25 ? 106 PHE A CD2 1 
ATOM   912  C CE1 . PHE A 1 109 ? 13.257  0.351   4.919   1.00 22.45 ? 106 PHE A CE1 1 
ATOM   913  C CE2 . PHE A 1 109 ? 13.618  -1.576  3.586   1.00 19.91 ? 106 PHE A CE2 1 
ATOM   914  C CZ  . PHE A 1 109 ? 13.156  -0.986  4.723   1.00 19.09 ? 106 PHE A CZ  1 
ATOM   915  N N   . ASN A 1 110 ? 15.858  3.477   -0.332  1.00 21.93 ? 107 ASN A N   1 
ATOM   916  C CA  . ASN A 1 110 ? 17.004  4.008   -1.080  1.00 24.75 ? 107 ASN A CA  1 
ATOM   917  C C   . ASN A 1 110 ? 16.746  5.370   -1.633  1.00 24.43 ? 107 ASN A C   1 
ATOM   918  O O   . ASN A 1 110 ? 17.689  6.054   -2.085  1.00 26.57 ? 107 ASN A O   1 
ATOM   919  C CB  . ASN A 1 110 ? 17.360  3.035   -2.198  1.00 25.24 ? 107 ASN A CB  1 
ATOM   920  C CG  . ASN A 1 110 ? 17.937  1.777   -1.688  1.00 27.93 ? 107 ASN A CG  1 
ATOM   921  O OD1 . ASN A 1 110 ? 18.040  1.583   -0.524  1.00 27.54 ? 107 ASN A OD1 1 
ATOM   922  N ND2 . ASN A 1 110 ? 18.287  0.869   -2.609  1.00 35.80 ? 107 ASN A ND2 1 
ATOM   923  N N   . ILE A 1 111 ? 15.489  5.797   -1.669  1.00 24.10 ? 108 ILE A N   1 
ATOM   924  C CA  . ILE A 1 111 ? 15.155  7.098   -2.262  1.00 25.27 ? 108 ILE A CA  1 
ATOM   925  C C   . ILE A 1 111 ? 14.677  7.991   -1.159  1.00 26.51 ? 108 ILE A C   1 
ATOM   926  O O   . ILE A 1 111 ? 15.259  9.030   -0.948  1.00 23.64 ? 108 ILE A O   1 
ATOM   927  C CB  . ILE A 1 111 ? 14.172  7.043   -3.435  1.00 23.38 ? 108 ILE A CB  1 
ATOM   928  C CG1 . ILE A 1 111 ? 14.786  6.199   -4.552  1.00 32.87 ? 108 ILE A CG1 1 
ATOM   929  C CG2 . ILE A 1 111 ? 13.836  8.433   -3.898  1.00 28.32 ? 108 ILE A CG2 1 
ATOM   930  C CD1 . ILE A 1 111 ? 13.916  6.083   -5.755  1.00 37.74 ? 108 ILE A CD1 1 
ATOM   931  N N   . LEU A 1 112 ? 13.675  7.555   -0.399  1.00 22.30 ? 109 LEU A N   1 
ATOM   932  C CA  . LEU A 1 112 ? 13.168  8.316   0.691   1.00 18.91 ? 109 LEU A CA  1 
ATOM   933  C C   . LEU A 1 112 ? 14.002  8.243   1.953   1.00 19.27 ? 109 LEU A C   1 
ATOM   934  O O   . LEU A 1 112 ? 13.744  8.970   2.864   1.00 21.64 ? 109 LEU A O   1 
ATOM   935  C CB  . LEU A 1 112 ? 11.717  7.885   0.985   1.00 22.95 ? 109 LEU A CB  1 
ATOM   936  C CG  . LEU A 1 112 ? 10.619  8.226   0.051   1.00 26.27 ? 109 LEU A CG  1 
ATOM   937  C CD1 . LEU A 1 112 ? 9.238   7.952   0.691   1.00 28.05 ? 109 LEU A CD1 1 
ATOM   938  C CD2 . LEU A 1 112 ? 10.666  9.665   -0.432  1.00 27.01 ? 109 LEU A CD2 1 
ATOM   939  N N   . ASN A 1 113 ? 14.949  7.330   2.052   1.00 19.35 ? 110 ASN A N   1 
ATOM   940  C CA  . ASN A 1 113 ? 15.806  7.160   3.185   1.00 20.97 ? 110 ASN A CA  1 
ATOM   941  C C   . ASN A 1 113 ? 15.101  6.753   4.407   1.00 20.37 ? 110 ASN A C   1 
ATOM   942  O O   . ASN A 1 113 ? 15.412  7.236   5.479   1.00 17.96 ? 110 ASN A O   1 
ATOM   943  C CB  . ASN A 1 113 ? 16.631  8.447   3.407   1.00 21.25 ? 110 ASN A CB  1 
ATOM   944  C CG  . ASN A 1 113 ? 17.954  8.213   3.960   1.00 21.15 ? 110 ASN A CG  1 
ATOM   945  O OD1 . ASN A 1 113 ? 18.302  7.157   4.445   1.00 20.49 ? 110 ASN A OD1 1 
ATOM   946  N ND2 . ASN A 1 113 ? 18.759  9.284   3.960   1.00 20.10 ? 110 ASN A ND2 1 
ATOM   947  N N   . MET A 1 114 ? 14.065  5.881   4.273   1.00 19.65 ? 111 MET A N   1 
ATOM   948  C CA  . MET A 1 114 ? 13.380  5.377   5.473   1.00 21.15 ? 111 MET A CA  1 
ATOM   949  C C   . MET A 1 114 ? 14.240  4.353   6.188   1.00 20.66 ? 111 MET A C   1 
ATOM   950  O O   . MET A 1 114 ? 15.138  3.741   5.601   1.00 21.67 ? 111 MET A O   1 
ATOM   951  C CB  . MET A 1 114 ? 12.055  4.708   5.035   1.00 24.55 ? 111 MET A CB  1 
ATOM   952  C CG  . MET A 1 114 ? 11.036  5.671   4.468   1.00 23.58 ? 111 MET A CG  1 
ATOM   953  S SD  . MET A 1 114 ? 10.336  6.733   5.805   1.00 24.18 ? 111 MET A SD  1 
ATOM   954  C CE  . MET A 1 114 ? 10.968  8.343   5.378   1.00 24.14 ? 111 MET A CE  1 
ATOM   955  N N   . HIS A 1 115 ? 13.996  4.199   7.473   1.00 18.87 ? 112 HIS A N   1 
ATOM   956  C CA  . HIS A 1 115 ? 14.678  3.278   8.342   1.00 17.85 ? 112 HIS A CA  1 
ATOM   957  C C   . HIS A 1 115 ? 13.917  1.963   8.397   1.00 19.18 ? 112 HIS A C   1 
ATOM   958  O O   . HIS A 1 115 ? 14.524  0.899   8.578   1.00 17.44 ? 112 HIS A O   1 
ATOM   959  C CB  . HIS A 1 115 ? 14.781  3.910   9.753   1.00 20.21 ? 112 HIS A CB  1 
ATOM   960  C CG  . HIS A 1 115 ? 15.530  3.075   10.734  1.00 23.71 ? 112 HIS A CG  1 
ATOM   961  N ND1 . HIS A 1 115 ? 16.901  2.984   10.733  1.00 28.48 ? 112 HIS A ND1 1 
ATOM   962  C CD2 . HIS A 1 115 ? 15.101  2.210   11.665  1.00 25.04 ? 112 HIS A CD2 1 
ATOM   963  C CE1 . HIS A 1 115 ? 17.290  2.124   11.647  1.00 31.85 ? 112 HIS A CE1 1 
ATOM   964  N NE2 . HIS A 1 115 ? 16.211  1.649   12.238  1.00 30.74 ? 112 HIS A NE2 1 
ATOM   965  N N   . LYS A 1 116 ? 12.589  2.097   8.388   1.00 18.89 ? 113 LYS A N   1 
ATOM   966  C CA  . LYS A 1 116 ? 11.648  0.946   8.607   1.00 19.71 ? 113 LYS A CA  1 
ATOM   967  C C   . LYS A 1 116 ? 10.412  1.134   7.798   1.00 19.65 ? 113 LYS A C   1 
ATOM   968  O O   . LYS A 1 116 ? 9.967   2.260   7.534   1.00 18.63 ? 113 LYS A O   1 
ATOM   969  C CB  . LYS A 1 116 ? 11.389  0.865   10.092  1.00 20.91 ? 113 LYS A CB  1 
ATOM   970  C CG  . LYS A 1 116 ? 10.452  -0.241  10.568  1.00 22.59 ? 113 LYS A CG  1 
ATOM   971  C CD  . LYS A 1 116 ? 10.200  -0.146  12.026  1.00 21.05 ? 113 LYS A CD  1 
ATOM   972  C CE  . LYS A 1 116 ? 9.537   -1.441  12.485  1.00 23.98 ? 113 LYS A CE  1 
ATOM   973  N NZ  . LYS A 1 116 ? 9.010   -1.402  13.854  1.00 23.47 ? 113 LYS A NZ  1 
ATOM   974  N N   . ILE A 1 117 ? 9.836   0.030   7.298   1.00 18.98 ? 114 ILE A N   1 
ATOM   975  C CA  . ILE A 1 117 ? 8.579   0.053   6.673   1.00 19.37 ? 114 ILE A CA  1 
ATOM   976  C C   . ILE A 1 117 ? 7.688   -0.974  7.411   1.00 17.29 ? 114 ILE A C   1 
ATOM   977  O O   . ILE A 1 117 ? 8.179   -1.998  7.835   1.00 17.67 ? 114 ILE A O   1 
ATOM   978  C CB  . ILE A 1 117 ? 8.663   -0.480  5.211   1.00 22.29 ? 114 ILE A CB  1 
ATOM   979  C CG1 . ILE A 1 117 ? 9.738   0.233   4.398   1.00 28.48 ? 114 ILE A CG1 1 
ATOM   980  C CG2 . ILE A 1 117 ? 7.312   -0.339  4.577   1.00 24.40 ? 114 ILE A CG2 1 
ATOM   981  C CD1 . ILE A 1 117 ? 9.507   1.667   4.415   1.00 35.41 ? 114 ILE A CD1 1 
ATOM   982  N N   . TYR A 1 118 ? 6.397   -0.688  7.488   1.00 16.23 ? 115 TYR A N   1 
ATOM   983  C CA  . TYR A 1 118 ? 5.490   -1.662  8.169   1.00 15.65 ? 115 TYR A CA  1 
ATOM   984  C C   . TYR A 1 118 ? 4.191   -1.726  7.433   1.00 17.42 ? 115 TYR A C   1 
ATOM   985  O O   . TYR A 1 118 ? 3.908   -0.868  6.603   1.00 17.27 ? 115 TYR A O   1 
ATOM   986  C CB  . TYR A 1 118 ? 5.316   -1.230  9.648   1.00 15.84 ? 115 TYR A CB  1 
ATOM   987  C CG  . TYR A 1 118 ? 4.700   0.126   9.851   1.00 17.40 ? 115 TYR A CG  1 
ATOM   988  C CD1 . TYR A 1 118 ? 5.505   1.272   9.961   1.00 18.95 ? 115 TYR A CD1 1 
ATOM   989  C CD2 . TYR A 1 118 ? 3.361   0.299   9.908   1.00 17.60 ? 115 TYR A CD2 1 
ATOM   990  C CE1 . TYR A 1 118 ? 4.949   2.509   10.063  1.00 19.40 ? 115 TYR A CE1 1 
ATOM   991  C CE2 . TYR A 1 118 ? 2.803   1.519   10.070  1.00 21.33 ? 115 TYR A CE2 1 
ATOM   992  C CZ  . TYR A 1 118 ? 3.584   2.639   10.109  1.00 22.88 ? 115 TYR A CZ  1 
ATOM   993  O OH  . TYR A 1 118 ? 3.003   3.866   10.228  1.00 23.01 ? 115 TYR A OH  1 
ATOM   994  N N   . LEU A 1 119 ? 3.364   -2.716  7.782   1.00 16.29 ? 116 LEU A N   1 
ATOM   995  C CA  . LEU A 1 119 ? 2.057   -2.843  7.166   1.00 16.87 ? 116 LEU A CA  1 
ATOM   996  C C   . LEU A 1 119 ? 1.152   -3.508  8.160   1.00 18.49 ? 116 LEU A C   1 
ATOM   997  O O   . LEU A 1 119 ? 1.638   -4.188  9.088   1.00 16.51 ? 116 LEU A O   1 
ATOM   998  C CB  . LEU A 1 119 ? 2.137   -3.659  5.858   1.00 16.80 ? 116 LEU A CB  1 
ATOM   999  C CG  . LEU A 1 119 ? 2.751   -5.032  5.856   1.00 18.04 ? 116 LEU A CG  1 
ATOM   1000 C CD1 . LEU A 1 119 ? 1.671   -6.059  6.345   1.00 18.11 ? 116 LEU A CD1 1 
ATOM   1001 C CD2 . LEU A 1 119 ? 3.355   -5.461  4.561   1.00 21.53 ? 116 LEU A CD2 1 
ATOM   1002 N N   . TYR A 1 120 ? -0.131  -3.402  7.906   1.00 17.96 ? 117 TYR A N   1 
ATOM   1003 C CA  . TYR A 1 120 ? -1.138  -4.226  8.602   1.00 18.31 ? 117 TYR A CA  1 
ATOM   1004 C C   . TYR A 1 120 ? -1.828  -5.190  7.611   1.00 22.24 ? 117 TYR A C   1 
ATOM   1005 O O   . TYR A 1 120 ? -2.031  -4.886  6.451   1.00 21.01 ? 117 TYR A O   1 
ATOM   1006 C CB  . TYR A 1 120 ? -2.218  -3.334  9.180   1.00 22.00 ? 117 TYR A CB  1 
ATOM   1007 C CG  . TYR A 1 120 ? -1.741  -2.247  10.020  1.00 22.13 ? 117 TYR A CG  1 
ATOM   1008 C CD1 . TYR A 1 120 ? -1.538  -2.423  11.356  1.00 27.87 ? 117 TYR A CD1 1 
ATOM   1009 C CD2 . TYR A 1 120 ? -1.484  -0.980  9.477   1.00 26.16 ? 117 TYR A CD2 1 
ATOM   1010 C CE1 . TYR A 1 120 ? -1.043  -1.414  12.151  1.00 31.89 ? 117 TYR A CE1 1 
ATOM   1011 C CE2 . TYR A 1 120 ? -1.016  0.048   10.274  1.00 29.27 ? 117 TYR A CE2 1 
ATOM   1012 C CZ  . TYR A 1 120 ? -0.800  -0.160  11.591  1.00 33.63 ? 117 TYR A CZ  1 
ATOM   1013 O OH  . TYR A 1 120 ? -0.364  0.866   12.359  1.00 37.99 ? 117 TYR A OH  1 
ATOM   1014 N N   . VAL A 1 121 ? -2.150  -6.390  8.081   1.00 19.84 ? 118 VAL A N   1 
ATOM   1015 C CA  . VAL A 1 121 ? -2.735  -7.391  7.238   1.00 21.70 ? 118 VAL A CA  1 
ATOM   1016 C C   . VAL A 1 121 ? -3.704  -8.197  8.136   1.00 23.28 ? 118 VAL A C   1 
ATOM   1017 O O   . VAL A 1 121 ? -3.399  -8.511  9.252   1.00 19.25 ? 118 VAL A O   1 
ATOM   1018 C CB  . VAL A 1 121 ? -1.698  -8.267  6.585   1.00 21.85 ? 118 VAL A CB  1 
ATOM   1019 C CG1 . VAL A 1 121 ? -0.766  -8.898  7.601   1.00 19.85 ? 118 VAL A CG1 1 
ATOM   1020 C CG2 . VAL A 1 121 ? -2.319  -9.241  5.631   1.00 22.58 ? 118 VAL A CG2 1 
ATOM   1021 N N   . ASP A 1 122 ? -4.890  -8.441  7.627   1.00 21.54 ? 119 ASP A N   1 
ATOM   1022 C CA  . ASP A 1 122 ? -5.815  -9.368  8.306   1.00 21.85 ? 119 ASP A CA  1 
ATOM   1023 C C   . ASP A 1 122 ? -5.120  -10.702 8.551   1.00 20.23 ? 119 ASP A C   1 
ATOM   1024 O O   . ASP A 1 122 ? -4.549  -11.297 7.658   1.00 21.39 ? 119 ASP A O   1 
ATOM   1025 C CB  . ASP A 1 122 ? -7.051  -9.530  7.414   1.00 24.25 ? 119 ASP A CB  1 
ATOM   1026 C CG  . ASP A 1 122 ? -8.155  -10.388 8.024   1.00 26.88 ? 119 ASP A CG  1 
ATOM   1027 O OD1 . ASP A 1 122 ? -9.351  -9.986  7.884   1.00 36.76 ? 119 ASP A OD1 1 
ATOM   1028 O OD2 . ASP A 1 122 ? -7.856  -11.378 8.692   1.00 28.55 ? 119 ASP A OD2 1 
ATOM   1029 N N   . ALA A 1 123 ? -5.173  -11.143 9.783   1.00 21.42 ? 120 ALA A N   1 
ATOM   1030 C CA  . ALA A 1 123 ? -4.492  -12.346 10.225  1.00 25.45 ? 120 ALA A CA  1 
ATOM   1031 C C   . ALA A 1 123 ? -4.978  -13.600 9.502   1.00 26.98 ? 120 ALA A C   1 
ATOM   1032 O O   . ALA A 1 123 ? -4.241  -14.552 9.467   1.00 27.79 ? 120 ALA A O   1 
ATOM   1033 C CB  . ALA A 1 123 ? -4.597  -12.530 11.719  1.00 25.30 ? 120 ALA A CB  1 
ATOM   1034 N N   . ASP A 1 124 ? -6.133  -13.539 8.853   1.00 26.24 ? 121 ASP A N   1 
ATOM   1035 C CA  . ASP A 1 124 ? -6.603  -14.620 7.922   1.00 31.89 ? 121 ASP A CA  1 
ATOM   1036 C C   . ASP A 1 124 ? -6.173  -14.536 6.475   1.00 33.45 ? 121 ASP A C   1 
ATOM   1037 O O   . ASP A 1 124 ? -6.496  -15.435 5.688   1.00 30.03 ? 121 ASP A O   1 
ATOM   1038 C CB  . ASP A 1 124 ? -8.154  -14.686 7.914   1.00 35.02 ? 121 ASP A CB  1 
ATOM   1039 C CG  . ASP A 1 124 ? -8.744  -14.968 9.284   1.00 37.44 ? 121 ASP A CG  1 
ATOM   1040 O OD1 . ASP A 1 124 ? -8.062  -15.607 10.101  1.00 39.73 ? 121 ASP A OD1 1 
ATOM   1041 O OD2 . ASP A 1 124 ? -9.904  -14.564 9.535   1.00 37.87 ? 121 ASP A OD2 1 
ATOM   1042 N N   . ASN A 1 125 ? -5.517  -13.443 6.048   1.00 28.69 ? 122 ASN A N   1 
ATOM   1043 C CA  . ASN A 1 125 ? -5.184  -13.255 4.662   1.00 27.60 ? 122 ASN A CA  1 
ATOM   1044 C C   . ASN A 1 125 ? -3.848  -13.921 4.356   1.00 30.66 ? 122 ASN A C   1 
ATOM   1045 O O   . ASN A 1 125 ? -2.838  -13.268 4.138   1.00 26.14 ? 122 ASN A O   1 
ATOM   1046 C CB  . ASN A 1 125 ? -5.118  -11.762 4.301   1.00 30.64 ? 122 ASN A CB  1 
ATOM   1047 C CG  . ASN A 1 125 ? -5.111  -11.526 2.817   1.00 32.15 ? 122 ASN A CG  1 
ATOM   1048 O OD1 . ASN A 1 125 ? -4.812  -12.413 2.003   1.00 37.97 ? 122 ASN A OD1 1 
ATOM   1049 N ND2 . ASN A 1 125 ? -5.427  -10.339 2.450   1.00 34.68 ? 122 ASN A ND2 1 
ATOM   1050 N N   . LYS A 1 126 ? -3.863  -15.251 4.283   1.00 30.44 ? 123 LYS A N   1 
ATOM   1051 C CA  . LYS A 1 126 ? -2.613  -16.017 4.112   1.00 34.58 ? 123 LYS A CA  1 
ATOM   1052 C C   . LYS A 1 126 ? -1.880  -15.672 2.816   1.00 31.88 ? 123 LYS A C   1 
ATOM   1053 O O   . LYS A 1 126 ? -0.674  -15.547 2.834   1.00 28.62 ? 123 LYS A O   1 
ATOM   1054 C CB  . LYS A 1 126 ? -2.864  -17.530 4.200   1.00 41.94 ? 123 LYS A CB  1 
ATOM   1055 C CG  . LYS A 1 126 ? -3.285  -17.915 5.612   1.00 54.06 ? 123 LYS A CG  1 
ATOM   1056 C CD  . LYS A 1 126 ? -3.920  -19.305 5.689   1.00 66.49 ? 123 LYS A CD  1 
ATOM   1057 C CE  . LYS A 1 126 ? -4.817  -19.464 6.922   1.00 73.55 ? 123 LYS A CE  1 
ATOM   1058 N NZ  . LYS A 1 126 ? -6.129  -20.088 6.581   1.00 76.04 ? 123 LYS A NZ  1 
ATOM   1059 N N   . LYS A 1 127 ? -2.597  -15.489 1.720   1.00 31.40 ? 124 LYS A N   1 
ATOM   1060 C CA  . LYS A 1 127 ? -1.905  -15.204 0.481   1.00 36.95 ? 124 LYS A CA  1 
ATOM   1061 C C   . LYS A 1 127 ? -1.111  -13.872 0.537   1.00 34.70 ? 124 LYS A C   1 
ATOM   1062 O O   . LYS A 1 127 ? 0.011   -13.807 0.060   1.00 33.07 ? 124 LYS A O   1 
ATOM   1063 C CB  . LYS A 1 127 ? -2.846  -15.284 -0.726  1.00 43.13 ? 124 LYS A CB  1 
ATOM   1064 C CG  . LYS A 1 127 ? -3.245  -13.962 -1.320  1.00 51.71 ? 124 LYS A CG  1 
ATOM   1065 C CD  . LYS A 1 127 ? -3.976  -14.188 -2.662  1.00 61.32 ? 124 LYS A CD  1 
ATOM   1066 C CE  . LYS A 1 127 ? -4.127  -12.891 -3.482  1.00 60.42 ? 124 LYS A CE  1 
ATOM   1067 N NZ  . LYS A 1 127 ? -2.809  -12.382 -4.010  1.00 58.92 ? 124 LYS A NZ  1 
ATOM   1068 N N   . ALA A 1 128 ? -1.698  -12.844 1.128   1.00 28.12 ? 125 ALA A N   1 
ATOM   1069 C CA  . ALA A 1 128 ? -1.013  -11.577 1.325   1.00 31.51 ? 125 ALA A CA  1 
ATOM   1070 C C   . ALA A 1 128 ? 0.188   -11.728 2.276   1.00 29.84 ? 125 ALA A C   1 
ATOM   1071 O O   . ALA A 1 128 ? 1.310   -11.332 1.971   1.00 26.90 ? 125 ALA A O   1 
ATOM   1072 C CB  . ALA A 1 128 ? -1.991  -10.519 1.841   1.00 33.29 ? 125 ALA A CB  1 
ATOM   1073 N N   . ILE A 1 129 ? -0.040  -12.387 3.390   1.00 27.34 ? 126 ILE A N   1 
ATOM   1074 C CA  . ILE A 1 129 ? 1.019   -12.555 4.356   1.00 24.67 ? 126 ILE A CA  1 
ATOM   1075 C C   . ILE A 1 129 ? 2.227   -13.213 3.736   1.00 24.65 ? 126 ILE A C   1 
ATOM   1076 O O   . ILE A 1 129 ? 3.329   -12.848 4.034   1.00 25.46 ? 126 ILE A O   1 
ATOM   1077 C CB  . ILE A 1 129 ? 0.518   -13.362 5.553   1.00 22.52 ? 126 ILE A CB  1 
ATOM   1078 C CG1 . ILE A 1 129 ? -0.492  -12.519 6.371   1.00 25.46 ? 126 ILE A CG1 1 
ATOM   1079 C CG2 . ILE A 1 129 ? 1.670   -13.755 6.472   1.00 24.29 ? 126 ILE A CG2 1 
ATOM   1080 C CD1 . ILE A 1 129 ? -1.399  -13.307 7.349   1.00 26.83 ? 126 ILE A CD1 1 
ATOM   1081 N N   . HIS A 1 130 ? 2.010   -14.212 2.857   1.00 26.49 ? 127 HIS A N   1 
ATOM   1082 C CA  . HIS A 1 130 ? 3.093   -14.905 2.211   1.00 26.02 ? 127 HIS A CA  1 
ATOM   1083 C C   . HIS A 1 130 ? 3.884   -13.993 1.238   1.00 25.70 ? 127 HIS A C   1 
ATOM   1084 O O   . HIS A 1 130 ? 5.086   -14.048 1.189   1.00 25.84 ? 127 HIS A O   1 
ATOM   1085 C CB  . HIS A 1 130 ? 2.542   -16.159 1.522   1.00 30.95 ? 127 HIS A CB  1 
ATOM   1086 C CG  . HIS A 1 130 ? 2.244   -17.295 2.489   1.00 37.52 ? 127 HIS A CG  1 
ATOM   1087 N ND1 . HIS A 1 130 ? 1.414   -18.351 2.173   1.00 41.40 ? 127 HIS A ND1 1 
ATOM   1088 C CD2 . HIS A 1 130 ? 2.644   -17.512 3.782   1.00 34.99 ? 127 HIS A CD2 1 
ATOM   1089 C CE1 . HIS A 1 130 ? 1.295   -19.155 3.227   1.00 36.42 ? 127 HIS A CE1 1 
ATOM   1090 N NE2 . HIS A 1 130 ? 2.014   -18.656 4.216   1.00 44.41 ? 127 HIS A NE2 1 
ATOM   1091 N N   . ILE A 1 131 ? 3.174   -13.127 0.528   1.00 25.49 ? 128 ILE A N   1 
ATOM   1092 C CA  . ILE A 1 131 ? 3.838   -12.091 -0.338  1.00 26.66 ? 128 ILE A CA  1 
ATOM   1093 C C   . ILE A 1 131 ? 4.721   -11.260 0.571   1.00 25.67 ? 128 ILE A C   1 
ATOM   1094 O O   . ILE A 1 131 ? 5.921   -11.114 0.332   1.00 27.08 ? 128 ILE A O   1 
ATOM   1095 C CB  . ILE A 1 131 ? 2.797   -11.182 -1.005  1.00 30.40 ? 128 ILE A CB  1 
ATOM   1096 C CG1 . ILE A 1 131 ? 1.890   -11.964 -1.954  1.00 33.93 ? 128 ILE A CG1 1 
ATOM   1097 C CG2 . ILE A 1 131 ? 3.451   -9.986  -1.718  1.00 29.58 ? 128 ILE A CG2 1 
ATOM   1098 C CD1 . ILE A 1 131 ? 0.622   -11.192 -2.343  1.00 35.16 ? 128 ILE A CD1 1 
ATOM   1099 N N   . TYR A 1 132 ? 4.152   -10.787 1.691   1.00 26.13 ? 129 TYR A N   1 
ATOM   1100 C CA  . TYR A 1 132 ? 4.933   -9.986  2.677   1.00 23.83 ? 129 TYR A CA  1 
ATOM   1101 C C   . TYR A 1 132 ? 6.134   -10.702 3.255   1.00 24.18 ? 129 TYR A C   1 
ATOM   1102 O O   . TYR A 1 132 ? 7.259   -10.194 3.234   1.00 23.52 ? 129 TYR A O   1 
ATOM   1103 C CB  . TYR A 1 132 ? 4.047   -9.471  3.766   1.00 24.90 ? 129 TYR A CB  1 
ATOM   1104 C CG  . TYR A 1 132 ? 2.787   -8.794  3.255   1.00 26.11 ? 129 TYR A CG  1 
ATOM   1105 C CD1 . TYR A 1 132 ? 2.720   -8.201  1.957   1.00 27.05 ? 129 TYR A CD1 1 
ATOM   1106 C CD2 . TYR A 1 132 ? 1.649   -8.727  4.076   1.00 25.11 ? 129 TYR A CD2 1 
ATOM   1107 C CE1 . TYR A 1 132 ? 1.573   -7.615  1.499   1.00 27.73 ? 129 TYR A CE1 1 
ATOM   1108 C CE2 . TYR A 1 132 ? 0.496   -8.086  3.610   1.00 28.29 ? 129 TYR A CE2 1 
ATOM   1109 C CZ  . TYR A 1 132 ? 0.450   -7.562  2.339   1.00 28.95 ? 129 TYR A CZ  1 
ATOM   1110 O OH  . TYR A 1 132 ? -0.700  -6.968  1.899   1.00 27.04 ? 129 TYR A OH  1 
ATOM   1111 N N   . GLU A 1 133 ? 5.901   -11.889 3.784   1.00 22.68 ? 130 GLU A N   1 
ATOM   1112 C CA  . GLU A 1 133 ? 6.985   -12.698 4.297   1.00 22.91 ? 130 GLU A CA  1 
ATOM   1113 C C   . GLU A 1 133 ? 8.125   -12.948 3.250   1.00 24.39 ? 130 GLU A C   1 
ATOM   1114 O O   . GLU A 1 133 ? 9.284   -12.999 3.591   1.00 28.00 ? 130 GLU A O   1 
ATOM   1115 C CB  . GLU A 1 133 ? 6.403   -14.098 4.664   1.00 25.78 ? 130 GLU A CB  1 
ATOM   1116 C CG  . GLU A 1 133 ? 5.635   -14.069 5.954   1.00 31.66 ? 130 GLU A CG  1 
ATOM   1117 C CD  . GLU A 1 133 ? 5.122   -15.456 6.328   1.00 34.38 ? 130 GLU A CD  1 
ATOM   1118 O OE1 . GLU A 1 133 ? 5.284   -16.406 5.501   1.00 35.86 ? 130 GLU A OE1 1 
ATOM   1119 O OE2 . GLU A 1 133 ? 4.562   -15.553 7.431   1.00 38.34 ? 130 GLU A OE2 1 
ATOM   1120 N N   . SER A 1 134 ? 7.778   -13.150 1.970   1.00 25.97 ? 131 SER A N   1 
ATOM   1121 C CA  . SER A 1 134 ? 8.761   -13.408 0.941   1.00 29.70 ? 131 SER A CA  1 
ATOM   1122 C C   . SER A 1 134 ? 9.614   -12.144 0.673   1.00 34.64 ? 131 SER A C   1 
ATOM   1123 O O   . SER A 1 134 ? 10.716  -12.243 0.133   1.00 32.83 ? 131 SER A O   1 
ATOM   1124 C CB  . SER A 1 134 ? 8.094   -13.860 -0.363  1.00 34.19 ? 131 SER A CB  1 
ATOM   1125 O OG  . SER A 1 134 ? 7.420   -12.757 -1.037  1.00 38.14 ? 131 SER A OG  1 
ATOM   1126 N N   . GLU A 1 135 ? 9.108   -10.966 1.042   1.00 31.05 ? 132 GLU A N   1 
ATOM   1127 C CA  . GLU A 1 135 ? 9.873   -9.716  0.943   1.00 31.83 ? 132 GLU A CA  1 
ATOM   1128 C C   . GLU A 1 135 ? 10.591  -9.382  2.224   1.00 32.62 ? 132 GLU A C   1 
ATOM   1129 O O   . GLU A 1 135 ? 11.163  -8.336  2.344   1.00 34.26 ? 132 GLU A O   1 
ATOM   1130 C CB  . GLU A 1 135 ? 8.936   -8.577  0.588   1.00 36.27 ? 132 GLU A CB  1 
ATOM   1131 C CG  . GLU A 1 135 ? 8.166   -8.795  -0.718  1.00 37.95 ? 132 GLU A CG  1 
ATOM   1132 C CD  . GLU A 1 135 ? 9.081   -8.754  -1.943  1.00 40.55 ? 132 GLU A CD  1 
ATOM   1133 O OE1 . GLU A 1 135 ? 9.801   -7.733  -2.091  1.00 35.47 ? 132 GLU A OE1 1 
ATOM   1134 O OE2 . GLU A 1 135 ? 9.071   -9.744  -2.711  1.00 47.56 ? 132 GLU A OE2 1 
ATOM   1135 N N   . GLY A 1 136 ? 10.574  -10.287 3.190   1.00 26.07 ? 133 GLY A N   1 
ATOM   1136 C CA  . GLY A 1 136 ? 11.279  -10.112 4.454   1.00 25.75 ? 133 GLY A CA  1 
ATOM   1137 C C   . GLY A 1 136 ? 10.553  -9.432  5.605   1.00 23.26 ? 133 GLY A C   1 
ATOM   1138 O O   . GLY A 1 136 ? 11.123  -9.201  6.687   1.00 23.08 ? 133 GLY A O   1 
ATOM   1139 N N   . PHE A 1 137 ? 9.269   -9.180  5.441   1.00 23.34 ? 134 PHE A N   1 
ATOM   1140 C CA  . PHE A 1 137 ? 8.483   -8.639  6.570   1.00 22.03 ? 134 PHE A CA  1 
ATOM   1141 C C   . PHE A 1 137 ? 8.373   -9.611  7.698   1.00 24.22 ? 134 PHE A C   1 
ATOM   1142 O O   . PHE A 1 137 ? 8.156   -10.785 7.452   1.00 24.54 ? 134 PHE A O   1 
ATOM   1143 C CB  . PHE A 1 137 ? 7.121   -8.177  6.059   1.00 23.85 ? 134 PHE A CB  1 
ATOM   1144 C CG  . PHE A 1 137 ? 7.187   -6.853  5.386   1.00 23.35 ? 134 PHE A CG  1 
ATOM   1145 C CD1 . PHE A 1 137 ? 6.916   -5.703  6.109   1.00 21.34 ? 134 PHE A CD1 1 
ATOM   1146 C CD2 . PHE A 1 137 ? 7.559   -6.741  4.054   1.00 26.03 ? 134 PHE A CD2 1 
ATOM   1147 C CE1 . PHE A 1 137 ? 7.010   -4.453  5.509   1.00 21.09 ? 134 PHE A CE1 1 
ATOM   1148 C CE2 . PHE A 1 137 ? 7.643   -5.475  3.421   1.00 23.94 ? 134 PHE A CE2 1 
ATOM   1149 C CZ  . PHE A 1 137 ? 7.365   -4.346  4.166   1.00 22.80 ? 134 PHE A CZ  1 
ATOM   1150 N N   . LYS A 1 138 ? 8.539   -9.141  8.926   1.00 23.64 ? 135 LYS A N   1 
ATOM   1151 C CA  . LYS A 1 138 ? 8.382   -9.947  10.109  1.00 26.43 ? 135 LYS A CA  1 
ATOM   1152 C C   . LYS A 1 138 ? 7.218   -9.507  10.942  1.00 24.51 ? 135 LYS A C   1 
ATOM   1153 O O   . LYS A 1 138 ? 6.940   -8.341  11.044  1.00 20.46 ? 135 LYS A O   1 
ATOM   1154 C CB  . LYS A 1 138 ? 9.646   -9.862  10.928  1.00 31.82 ? 135 LYS A CB  1 
ATOM   1155 C CG  . LYS A 1 138 ? 10.852  -10.440 10.134  1.00 37.65 ? 135 LYS A CG  1 
ATOM   1156 C CD  . LYS A 1 138 ? 12.051  -10.739 11.051  1.00 47.21 ? 135 LYS A CD  1 
ATOM   1157 C CE  . LYS A 1 138 ? 12.451  -9.588  11.960  1.00 49.38 ? 135 LYS A CE  1 
ATOM   1158 N NZ  . LYS A 1 138 ? 13.533  -10.038 12.874  1.00 59.41 ? 135 LYS A NZ  1 
ATOM   1159 N N   . THR A 1 139 ? 6.496   -10.442 11.545  1.00 19.20 ? 136 THR A N   1 
ATOM   1160 C CA  . THR A 1 139 ? 5.400   -10.031 12.443  1.00 21.23 ? 136 THR A CA  1 
ATOM   1161 C C   . THR A 1 139 ? 5.902   -9.488  13.765  1.00 20.16 ? 136 THR A C   1 
ATOM   1162 O O   . THR A 1 139 ? 6.775   -10.095 14.396  1.00 22.43 ? 136 THR A O   1 
ATOM   1163 C CB  . THR A 1 139 ? 4.488   -11.222 12.734  1.00 22.86 ? 136 THR A CB  1 
ATOM   1164 O OG1 . THR A 1 139 ? 4.055   -11.657 11.476  1.00 24.20 ? 136 THR A OG1 1 
ATOM   1165 C CG2 . THR A 1 139 ? 3.316   -10.812 13.586  1.00 23.80 ? 136 THR A CG2 1 
ATOM   1166 N N   . GLU A 1 140 ? 5.499   -8.274  14.089  1.00 18.02 ? 137 GLU A N   1 
ATOM   1167 C CA  . GLU A 1 140 ? 5.793   -7.625  15.386  1.00 17.43 ? 137 GLU A CA  1 
ATOM   1168 C C   . GLU A 1 140 ? 4.646   -7.493  16.333  1.00 17.20 ? 137 GLU A C   1 
ATOM   1169 O O   . GLU A 1 140 ? 4.859   -7.121  17.501  1.00 16.57 ? 137 GLU A O   1 
ATOM   1170 C CB  . GLU A 1 140 ? 6.329   -6.185  15.149  1.00 20.57 ? 137 GLU A CB  1 
ATOM   1171 C CG  . GLU A 1 140 ? 7.711   -6.184  14.509  1.00 23.95 ? 137 GLU A CG  1 
ATOM   1172 C CD  . GLU A 1 140 ? 8.400   -4.796  14.574  1.00 26.84 ? 137 GLU A CD  1 
ATOM   1173 O OE1 . GLU A 1 140 ? 7.759   -3.759  14.309  1.00 24.98 ? 137 GLU A OE1 1 
ATOM   1174 O OE2 . GLU A 1 140 ? 9.552   -4.763  14.938  1.00 30.05 ? 137 GLU A OE2 1 
ATOM   1175 N N   . GLY A 1 141 ? 3.436   -7.778  15.861  1.00 18.41 ? 138 GLY A N   1 
ATOM   1176 C CA  . GLY A 1 141 ? 2.280   -7.621  16.696  1.00 18.05 ? 138 GLY A CA  1 
ATOM   1177 C C   . GLY A 1 141 ? 1.077   -8.295  16.117  1.00 18.33 ? 138 GLY A C   1 
ATOM   1178 O O   . GLY A 1 141 ? 0.996   -8.497  14.878  1.00 17.25 ? 138 GLY A O   1 
ATOM   1179 N N   . LEU A 1 142 ? 0.151   -8.627  17.023  1.00 18.25 ? 139 LEU A N   1 
ATOM   1180 C CA  . LEU A 1 142 ? -1.154  -9.200  16.648  1.00 18.24 ? 139 LEU A CA  1 
ATOM   1181 C C   . LEU A 1 142 ? -2.197  -8.357  17.356  1.00 17.77 ? 139 LEU A C   1 
ATOM   1182 O O   . LEU A 1 142 ? -2.259  -8.320  18.636  1.00 16.83 ? 139 LEU A O   1 
ATOM   1183 C CB  . LEU A 1 142 ? -1.252  -10.698 17.042  1.00 22.54 ? 139 LEU A CB  1 
ATOM   1184 C CG  . LEU A 1 142 ? -2.663  -11.283 16.848  1.00 23.63 ? 139 LEU A CG  1 
ATOM   1185 C CD1 . LEU A 1 142 ? -3.125  -11.187 15.440  1.00 22.93 ? 139 LEU A CD1 1 
ATOM   1186 C CD2 . LEU A 1 142 ? -2.555  -12.757 17.232  1.00 27.99 ? 139 LEU A CD2 1 
ATOM   1187 N N   . LEU A 1 143 ? -2.880  -7.524  16.542  1.00 16.97 ? 140 LEU A N   1 
ATOM   1188 C CA  . LEU A 1 143 ? -3.650  -6.457  17.104  1.00 16.69 ? 140 LEU A CA  1 
ATOM   1189 C C   . LEU A 1 143 ? -5.092  -6.982  17.082  1.00 16.81 ? 140 LEU A C   1 
ATOM   1190 O O   . LEU A 1 143 ? -5.646  -7.136  16.017  1.00 17.29 ? 140 LEU A O   1 
ATOM   1191 C CB  . LEU A 1 143 ? -3.528  -5.194  16.252  1.00 18.02 ? 140 LEU A CB  1 
ATOM   1192 C CG  . LEU A 1 143 ? -2.126  -4.731  15.949  1.00 18.61 ? 140 LEU A CG  1 
ATOM   1193 C CD1 . LEU A 1 143 ? -2.224  -3.463  15.178  1.00 19.89 ? 140 LEU A CD1 1 
ATOM   1194 C CD2 . LEU A 1 143 ? -1.315  -4.532  17.198  1.00 23.59 ? 140 LEU A CD2 1 
ATOM   1195 N N   . LYS A 1 144 ? -5.629  -7.395  18.215  1.00 18.61 ? 141 LYS A N   1 
ATOM   1196 C CA  . LYS A 1 144 ? -6.907  -8.110  18.194  1.00 20.35 ? 141 LYS A CA  1 
ATOM   1197 C C   . LYS A 1 144 ? -8.072  -7.189  18.020  1.00 18.21 ? 141 LYS A C   1 
ATOM   1198 O O   . LYS A 1 144 ? -8.128  -6.163  18.669  1.00 17.71 ? 141 LYS A O   1 
ATOM   1199 C CB  . LYS A 1 144 ? -7.099  -8.963  19.437  1.00 22.38 ? 141 LYS A CB  1 
ATOM   1200 C CG  . LYS A 1 144 ? -5.948  -10.024 19.533  1.00 27.64 ? 141 LYS A CG  1 
ATOM   1201 C CD  . LYS A 1 144 ? -6.412  -11.447 19.761  1.00 35.69 ? 141 LYS A CD  1 
ATOM   1202 C CE  . LYS A 1 144 ? -5.180  -12.357 19.941  1.00 41.83 ? 141 LYS A CE  1 
ATOM   1203 N NZ  . LYS A 1 144 ? -5.463  -13.611 20.689  1.00 44.36 ? 141 LYS A NZ  1 
ATOM   1204 N N   . GLU A 1 145 ? -9.014  -7.593  17.174  1.00 17.09 ? 142 GLU A N   1 
ATOM   1205 C CA  . GLU A 1 145 ? -10.262 -6.769  16.979  1.00 18.54 ? 142 GLU A CA  1 
ATOM   1206 C C   . GLU A 1 145 ? -9.946  -5.344  16.586  1.00 18.66 ? 142 GLU A C   1 
ATOM   1207 O O   . GLU A 1 145 ? -10.624 -4.428  17.009  1.00 21.20 ? 142 GLU A O   1 
ATOM   1208 C CB  . GLU A 1 145 ? -11.104 -6.786  18.257  1.00 20.68 ? 142 GLU A CB  1 
ATOM   1209 C CG  . GLU A 1 145 ? -11.332 -8.223  18.659  1.00 25.01 ? 142 GLU A CG  1 
ATOM   1210 C CD  . GLU A 1 145 ? -12.435 -8.445  19.624  1.00 29.74 ? 142 GLU A CD  1 
ATOM   1211 O OE1 . GLU A 1 145 ? -12.349 -9.478  20.295  1.00 33.66 ? 142 GLU A OE1 1 
ATOM   1212 O OE2 . GLU A 1 145 ? -13.333 -7.617  19.696  1.00 31.67 ? 142 GLU A OE2 1 
ATOM   1213 N N   . GLN A 1 146 ? -8.898  -5.167  15.807  1.00 17.41 ? 143 GLN A N   1 
ATOM   1214 C CA  . GLN A 1 146 ? -8.441  -3.866  15.438  1.00 17.14 ? 143 GLN A CA  1 
ATOM   1215 C C   . GLN A 1 146 ? -9.239  -3.220  14.273  1.00 20.12 ? 143 GLN A C   1 
ATOM   1216 O O   . GLN A 1 146 ? -9.193  -2.016  14.091  1.00 20.61 ? 143 GLN A O   1 
ATOM   1217 C CB  . GLN A 1 146 ? -6.972  -3.968  15.030  1.00 19.15 ? 143 GLN A CB  1 
ATOM   1218 C CG  . GLN A 1 146 ? -6.314  -2.616  14.814  1.00 19.33 ? 143 GLN A CG  1 
ATOM   1219 C CD  . GLN A 1 146 ? -6.071  -1.828  16.106  1.00 21.97 ? 143 GLN A CD  1 
ATOM   1220 O OE1 . GLN A 1 146 ? -5.989  -2.353  17.155  1.00 25.86 ? 143 GLN A OE1 1 
ATOM   1221 N NE2 . GLN A 1 146 ? -5.981  -0.524  15.987  1.00 26.10 ? 143 GLN A NE2 1 
ATOM   1222 N N   . PHE A 1 147 ? -9.866  -4.048  13.400  1.00 20.47 ? 144 PHE A N   1 
ATOM   1223 C CA  . PHE A 1 147 ? -10.580 -3.576  12.178  1.00 21.93 ? 144 PHE A CA  1 
ATOM   1224 C C   . PHE A 1 147 ? -11.975 -4.222  12.135  1.00 20.95 ? 144 PHE A C   1 
ATOM   1225 O O   . PHE A 1 147 ? -12.164 -5.365  12.487  1.00 22.25 ? 144 PHE A O   1 
ATOM   1226 C CB  . PHE A 1 147 ? -9.794  -3.914  10.940  1.00 24.48 ? 144 PHE A CB  1 
ATOM   1227 C CG  . PHE A 1 147 ? -8.460  -3.168  10.849  1.00 29.84 ? 144 PHE A CG  1 
ATOM   1228 C CD1 . PHE A 1 147 ? -8.379  -1.827  10.466  1.00 34.96 ? 144 PHE A CD1 1 
ATOM   1229 C CD2 . PHE A 1 147 ? -7.267  -3.801  11.157  1.00 32.22 ? 144 PHE A CD2 1 
ATOM   1230 C CE1 . PHE A 1 147 ? -7.142  -1.167  10.348  1.00 35.63 ? 144 PHE A CE1 1 
ATOM   1231 C CE2 . PHE A 1 147 ? -6.038  -3.117  11.085  1.00 35.78 ? 144 PHE A CE2 1 
ATOM   1232 C CZ  . PHE A 1 147 ? -5.975  -1.814  10.669  1.00 40.87 ? 144 PHE A CZ  1 
ATOM   1233 N N   . TYR A 1 148 ? -12.971 -3.453  11.720  1.00 19.32 ? 145 TYR A N   1 
ATOM   1234 C CA  . TYR A 1 148 ? -14.298 -3.986  11.618  1.00 19.76 ? 145 TYR A CA  1 
ATOM   1235 C C   . TYR A 1 148 ? -14.594 -4.151  10.111  1.00 19.71 ? 145 TYR A C   1 
ATOM   1236 O O   . TYR A 1 148 ? -14.544 -3.161  9.317   1.00 20.29 ? 145 TYR A O   1 
ATOM   1237 C CB  . TYR A 1 148 ? -15.263 -3.013  12.198  1.00 21.14 ? 145 TYR A CB  1 
ATOM   1238 C CG  . TYR A 1 148 ? -16.679 -3.468  12.150  1.00 21.50 ? 145 TYR A CG  1 
ATOM   1239 C CD1 . TYR A 1 148 ? -17.608 -2.876  11.251  1.00 23.61 ? 145 TYR A CD1 1 
ATOM   1240 C CD2 . TYR A 1 148 ? -17.112 -4.499  12.980  1.00 22.08 ? 145 TYR A CD2 1 
ATOM   1241 C CE1 . TYR A 1 148 ? -18.935 -3.365  11.226  1.00 23.49 ? 145 TYR A CE1 1 
ATOM   1242 C CE2 . TYR A 1 148 ? -18.419 -4.927  12.979  1.00 22.66 ? 145 TYR A CE2 1 
ATOM   1243 C CZ  . TYR A 1 148 ? -19.310 -4.357  12.091  1.00 22.79 ? 145 TYR A CZ  1 
ATOM   1244 O OH  . TYR A 1 148 ? -20.647 -4.845  12.236  1.00 23.14 ? 145 TYR A OH  1 
ATOM   1245 N N   . THR A 1 149 ? -14.834 -5.360  9.732   1.00 21.63 ? 146 THR A N   1 
ATOM   1246 C CA  . THR A 1 149 ? -14.934 -5.702  8.268   1.00 26.85 ? 146 THR A CA  1 
ATOM   1247 C C   . THR A 1 149 ? -15.990 -6.739  8.102   1.00 25.24 ? 146 THR A C   1 
ATOM   1248 O O   . THR A 1 149 ? -16.045 -7.725  8.826   1.00 23.13 ? 146 THR A O   1 
ATOM   1249 C CB  . THR A 1 149 ? -13.616 -6.229  7.648   1.00 36.43 ? 146 THR A CB  1 
ATOM   1250 O OG1 . THR A 1 149 ? -13.583 -7.641  7.744   1.00 50.22 ? 146 THR A OG1 1 
ATOM   1251 C CG2 . THR A 1 149 ? -12.375 -5.709  8.392   1.00 41.80 ? 146 THR A CG2 1 
ATOM   1252 N N   . LYS A 1 150 ? -16.943 -6.484  7.208   1.00 29.14 ? 147 LYS A N   1 
ATOM   1253 C CA  . LYS A 1 150 ? -17.994 -7.443  6.925   1.00 28.59 ? 147 LYS A CA  1 
ATOM   1254 C C   . LYS A 1 150 ? -18.695 -7.961  8.141   1.00 29.38 ? 147 LYS A C   1 
ATOM   1255 O O   . LYS A 1 150 ? -18.967 -9.141  8.264   1.00 29.23 ? 147 LYS A O   1 
ATOM   1256 C CB  . LYS A 1 150 ? -17.444 -8.595  6.076   1.00 37.31 ? 147 LYS A CB  1 
ATOM   1257 C CG  . LYS A 1 150 ? -16.851 -8.179  4.734   1.00 45.98 ? 147 LYS A CG  1 
ATOM   1258 C CD  . LYS A 1 150 ? -16.351 -9.382  3.905   1.00 54.25 ? 147 LYS A CD  1 
ATOM   1259 C CE  . LYS A 1 150 ? -15.521 -10.364 4.755   1.00 64.81 ? 147 LYS A CE  1 
ATOM   1260 N NZ  . LYS A 1 150 ? -14.594 -11.292 4.035   1.00 73.00 ? 147 LYS A NZ  1 
ATOM   1261 N N   . GLY A 1 151 ? -19.000 -7.063  9.084   1.00 26.76 ? 148 GLY A N   1 
ATOM   1262 C CA  . GLY A 1 151 ? -19.782 -7.374  10.258  1.00 26.45 ? 148 GLY A CA  1 
ATOM   1263 C C   . GLY A 1 151 ? -19.057 -7.976  11.446  1.00 29.77 ? 148 GLY A C   1 
ATOM   1264 O O   . GLY A 1 151 ? -19.689 -8.297  12.454  1.00 28.43 ? 148 GLY A O   1 
ATOM   1265 N N   . LYS A 1 152 ? -17.735 -8.088  11.351  1.00 25.31 ? 149 LYS A N   1 
ATOM   1266 C CA  . LYS A 1 152 ? -16.917 -8.711  12.425  1.00 27.95 ? 149 LYS A CA  1 
ATOM   1267 C C   . LYS A 1 152 ? -15.692 -7.858  12.708  1.00 21.45 ? 149 LYS A C   1 
ATOM   1268 O O   . LYS A 1 152 ? -15.159 -7.272  11.773  1.00 23.05 ? 149 LYS A O   1 
ATOM   1269 C CB  . LYS A 1 152 ? -16.436 -10.078 11.980  1.00 31.88 ? 149 LYS A CB  1 
ATOM   1270 C CG  . LYS A 1 152 ? -17.521 -11.137 11.970  1.00 43.33 ? 149 LYS A CG  1 
ATOM   1271 C CD  . LYS A 1 152 ? -16.957 -12.548 11.861  1.00 50.47 ? 149 LYS A CD  1 
ATOM   1272 C CE  . LYS A 1 152 ? -18.056 -13.576 11.622  1.00 57.37 ? 149 LYS A CE  1 
ATOM   1273 N NZ  . LYS A 1 152 ? -18.658 -13.484 10.258  1.00 56.52 ? 149 LYS A NZ  1 
ATOM   1274 N N   . TYR A 1 153 ? -15.284 -7.790  13.993  1.00 22.91 ? 150 TYR A N   1 
ATOM   1275 C CA  . TYR A 1 153 ? -13.986 -7.234  14.342  1.00 22.32 ? 150 TYR A CA  1 
ATOM   1276 C C   . TYR A 1 153 ? -12.954 -8.320  14.073  1.00 20.74 ? 150 TYR A C   1 
ATOM   1277 O O   . TYR A 1 153 ? -13.110 -9.490  14.506  1.00 22.80 ? 150 TYR A O   1 
ATOM   1278 C CB  . TYR A 1 153 ? -13.920 -6.787  15.846  1.00 21.95 ? 150 TYR A CB  1 
ATOM   1279 C CG  . TYR A 1 153 ? -14.731 -5.556  16.165  1.00 23.08 ? 150 TYR A CG  1 
ATOM   1280 C CD1 . TYR A 1 153 ? -14.277 -4.286  15.808  1.00 20.04 ? 150 TYR A CD1 1 
ATOM   1281 C CD2 . TYR A 1 153 ? -16.056 -5.677  16.669  1.00 23.77 ? 150 TYR A CD2 1 
ATOM   1282 C CE1 . TYR A 1 153 ? -15.048 -3.173  16.033  1.00 23.70 ? 150 TYR A CE1 1 
ATOM   1283 C CE2 . TYR A 1 153 ? -16.821 -4.546  16.914  1.00 24.08 ? 150 TYR A CE2 1 
ATOM   1284 C CZ  . TYR A 1 153 ? -16.332 -3.334  16.600  1.00 23.63 ? 150 TYR A CZ  1 
ATOM   1285 O OH  . TYR A 1 153 ? -17.030 -2.230  16.872  1.00 22.99 ? 150 TYR A OH  1 
ATOM   1286 N N   . LYS A 1 154 ? -11.899 -7.946  13.392  1.00 19.85 ? 151 LYS A N   1 
ATOM   1287 C CA  . LYS A 1 154 ? -10.906 -8.875  12.951  1.00 24.89 ? 151 LYS A CA  1 
ATOM   1288 C C   . LYS A 1 154 ? -9.532  -8.469  13.503  1.00 24.62 ? 151 LYS A C   1 
ATOM   1289 O O   . LYS A 1 154 ? -9.277  -7.332  13.725  1.00 19.57 ? 151 LYS A O   1 
ATOM   1290 C CB  . LYS A 1 154 ? -10.872 -8.880  11.409  1.00 27.45 ? 151 LYS A CB  1 
ATOM   1291 C CG  . LYS A 1 154 ? -12.234 -9.296  10.843  1.00 31.06 ? 151 LYS A CG  1 
ATOM   1292 C CD  . LYS A 1 154 ? -12.167 -10.089 9.556   1.00 37.42 ? 151 LYS A CD  1 
ATOM   1293 C CE  . LYS A 1 154 ? -11.530 -11.468 9.754   1.00 34.30 ? 151 LYS A CE  1 
ATOM   1294 N NZ  . LYS A 1 154 ? -11.044 -12.022 8.446   1.00 37.78 ? 151 LYS A NZ  1 
ATOM   1295 N N   . ASP A 1 155 ? -8.677  -9.475  13.695  1.00 23.12 ? 152 ASP A N   1 
ATOM   1296 C CA  . ASP A 1 155 ? -7.342  -9.277  14.167  1.00 20.74 ? 152 ASP A CA  1 
ATOM   1297 C C   . ASP A 1 155 ? -6.437  -8.978  12.994  1.00 19.45 ? 152 ASP A C   1 
ATOM   1298 O O   . ASP A 1 155 ? -6.663  -9.495  11.830  1.00 20.20 ? 152 ASP A O   1 
ATOM   1299 C CB  . ASP A 1 155 ? -6.891  -10.597 14.801  1.00 21.69 ? 152 ASP A CB  1 
ATOM   1300 C CG  . ASP A 1 155 ? -7.747  -11.010 15.985  1.00 27.69 ? 152 ASP A CG  1 
ATOM   1301 O OD1 . ASP A 1 155 ? -8.558  -10.237 16.544  1.00 25.33 ? 152 ASP A OD1 1 
ATOM   1302 O OD2 . ASP A 1 155 ? -7.559  -12.136 16.433  1.00 28.38 ? 152 ASP A OD2 1 
ATOM   1303 N N   . ALA A 1 156 ? -5.414  -8.162  13.233  1.00 18.66 ? 153 ALA A N   1 
ATOM   1304 C CA  . ALA A 1 156 ? -4.469  -7.822  12.177  1.00 19.92 ? 153 ALA A CA  1 
ATOM   1305 C C   . ALA A 1 156 ? -3.049  -8.065  12.688  1.00 17.11 ? 153 ALA A C   1 
ATOM   1306 O O   . ALA A 1 156 ? -2.740  -7.767  13.822  1.00 19.93 ? 153 ALA A O   1 
ATOM   1307 C CB  . ALA A 1 156 ? -4.587  -6.370  11.740  1.00 20.83 ? 153 ALA A CB  1 
ATOM   1308 N N   . TYR A 1 157 ? -2.193  -8.550  11.814  1.00 16.59 ? 154 TYR A N   1 
ATOM   1309 C CA  . TYR A 1 157 ? -0.758  -8.560  12.107  1.00 15.76 ? 154 TYR A CA  1 
ATOM   1310 C C   . TYR A 1 157 ? -0.186  -7.222  11.739  1.00 14.65 ? 154 TYR A C   1 
ATOM   1311 O O   . TYR A 1 157 ? -0.624  -6.657  10.834  1.00 16.55 ? 154 TYR A O   1 
ATOM   1312 C CB  . TYR A 1 157 ? -0.004  -9.599  11.394  1.00 19.01 ? 154 TYR A CB  1 
ATOM   1313 C CG  . TYR A 1 157 ? -0.349  -10.981 11.775  1.00 19.89 ? 154 TYR A CG  1 
ATOM   1314 C CD1 . TYR A 1 157 ? -0.164  -11.398 13.061  1.00 23.68 ? 154 TYR A CD1 1 
ATOM   1315 C CD2 . TYR A 1 157 ? -0.768  -11.892 10.826  1.00 25.34 ? 154 TYR A CD2 1 
ATOM   1316 C CE1 . TYR A 1 157 ? -0.416  -12.692 13.450  1.00 25.75 ? 154 TYR A CE1 1 
ATOM   1317 C CE2 . TYR A 1 157 ? -1.031  -13.211 11.218  1.00 28.65 ? 154 TYR A CE2 1 
ATOM   1318 C CZ  . TYR A 1 157 ? -0.843  -13.575 12.537  1.00 27.28 ? 154 TYR A CZ  1 
ATOM   1319 O OH  . TYR A 1 157 ? -1.116  -14.847 12.968  1.00 30.25 ? 154 TYR A OH  1 
ATOM   1320 N N   . PHE A 1 158 ? 0.654   -6.696  12.583  1.00 16.48 ? 155 PHE A N   1 
ATOM   1321 C CA  . PHE A 1 158 ? 1.590   -5.628  12.264  1.00 15.43 ? 155 PHE A CA  1 
ATOM   1322 C C   . PHE A 1 158 ? 2.879   -6.291  11.835  1.00 15.33 ? 155 PHE A C   1 
ATOM   1323 O O   . PHE A 1 158 ? 3.453   -7.096  12.576  1.00 18.75 ? 155 PHE A O   1 
ATOM   1324 C CB  . PHE A 1 158 ? 1.835   -4.796  13.572  1.00 17.63 ? 155 PHE A CB  1 
ATOM   1325 C CG  . PHE A 1 158 ? 2.702   -3.567  13.367  1.00 18.94 ? 155 PHE A CG  1 
ATOM   1326 C CD1 . PHE A 1 158 ? 4.033   -3.660  13.274  1.00 20.93 ? 155 PHE A CD1 1 
ATOM   1327 C CD2 . PHE A 1 158 ? 2.107   -2.348  13.255  1.00 25.59 ? 155 PHE A CD2 1 
ATOM   1328 C CE1 . PHE A 1 158 ? 4.777   -2.540  13.024  1.00 22.93 ? 155 PHE A CE1 1 
ATOM   1329 C CE2 . PHE A 1 158 ? 2.872   -1.221  13.040  1.00 25.14 ? 155 PHE A CE2 1 
ATOM   1330 C CZ  . PHE A 1 158 ? 4.180   -1.337  12.968  1.00 20.69 ? 155 PHE A CZ  1 
ATOM   1331 N N   . MET A 1 159 ? 3.300   -6.048  10.614  1.00 15.87 ? 156 MET A N   1 
ATOM   1332 C CA  . MET A 1 159 ? 4.536   -6.627  10.098  1.00 16.08 ? 156 MET A CA  1 
ATOM   1333 C C   . MET A 1 159 ? 5.457   -5.492  9.700   1.00 16.26 ? 156 MET A C   1 
ATOM   1334 O O   . MET A 1 159 ? 5.000   -4.418  9.238   1.00 15.64 ? 156 MET A O   1 
ATOM   1335 C CB  . MET A 1 159 ? 4.214   -7.533  8.893   1.00 18.28 ? 156 MET A CB  1 
ATOM   1336 C CG  . MET A 1 159 ? 3.234   -8.703  9.257   1.00 19.63 ? 156 MET A CG  1 
ATOM   1337 S SD  . MET A 1 159 ? 2.962   -9.745  7.830   1.00 21.71 ? 156 MET A SD  1 
ATOM   1338 C CE  . MET A 1 159 ? 4.446   -10.771 7.940   1.00 25.20 ? 156 MET A CE  1 
ATOM   1339 N N   . SER A 1 160 ? 6.751   -5.758  9.711   1.00 15.53 ? 157 SER A N   1 
ATOM   1340 C CA  . SER A 1 160 ? 7.696   -4.701  9.433   1.00 17.90 ? 157 SER A CA  1 
ATOM   1341 C C   . SER A 1 160 ? 8.966   -5.206  8.846   1.00 17.32 ? 157 SER A C   1 
ATOM   1342 O O   . SER A 1 160 ? 9.317   -6.383  9.010   1.00 17.58 ? 157 SER A O   1 
ATOM   1343 C CB  . SER A 1 160 ? 7.965   -3.962  10.777  1.00 23.13 ? 157 SER A CB  1 
ATOM   1344 O OG  . SER A 1 160 ? 8.827   -4.715  11.603  1.00 32.90 ? 157 SER A OG  1 
ATOM   1345 N N   . LEU A 1 161 ? 9.687   -4.285  8.205   1.00 15.98 ? 158 LEU A N   1 
ATOM   1346 C CA  . LEU A 1 161 ? 10.937  -4.552  7.585   1.00 19.41 ? 158 LEU A CA  1 
ATOM   1347 C C   . LEU A 1 161 ? 11.892  -3.420  7.907   1.00 21.32 ? 158 LEU A C   1 
ATOM   1348 O O   . LEU A 1 161 ? 11.525  -2.264  7.640   1.00 19.43 ? 158 LEU A O   1 
ATOM   1349 C CB  . LEU A 1 161 ? 10.744  -4.681  6.068   1.00 20.22 ? 158 LEU A CB  1 
ATOM   1350 C CG  . LEU A 1 161 ? 12.004  -4.900  5.205   1.00 21.61 ? 158 LEU A CG  1 
ATOM   1351 C CD1 . LEU A 1 161 ? 12.806  -6.070  5.676   1.00 25.14 ? 158 LEU A CD1 1 
ATOM   1352 C CD2 . LEU A 1 161 ? 11.667  -5.007  3.746   1.00 26.50 ? 158 LEU A CD2 1 
ATOM   1353 N N   . LEU A 1 162 ? 13.059  -3.775  8.451   1.00 19.65 ? 159 LEU A N   1 
ATOM   1354 C CA  . LEU A 1 162 ? 14.090  -2.815  8.763   1.00 23.96 ? 159 LEU A CA  1 
ATOM   1355 C C   . LEU A 1 162 ? 15.038  -2.746  7.586   1.00 22.66 ? 159 LEU A C   1 
ATOM   1356 O O   . LEU A 1 162 ? 15.415  -3.763  7.040   1.00 24.76 ? 159 LEU A O   1 
ATOM   1357 C CB  . LEU A 1 162 ? 14.838  -3.164  10.038  1.00 25.78 ? 159 LEU A CB  1 
ATOM   1358 C CG  . LEU A 1 162 ? 14.183  -3.084  11.418  1.00 29.22 ? 159 LEU A CG  1 
ATOM   1359 C CD1 . LEU A 1 162 ? 15.128  -3.636  12.479  1.00 31.73 ? 159 LEU A CD1 1 
ATOM   1360 C CD2 . LEU A 1 162 ? 13.816  -1.670  11.805  1.00 30.41 ? 159 LEU A CD2 1 
ATOM   1361 N N   . LYS A 1 163 ? 15.428  -1.523  7.190   1.00 23.91 ? 160 LYS A N   1 
ATOM   1362 C CA  . LYS A 1 163 ? 16.420  -1.349  6.112   1.00 23.47 ? 160 LYS A CA  1 
ATOM   1363 C C   . LYS A 1 163 ? 17.679  -2.172  6.391   1.00 24.00 ? 160 LYS A C   1 
ATOM   1364 O O   . LYS A 1 163 ? 18.223  -2.770  5.499   1.00 27.92 ? 160 LYS A O   1 
ATOM   1365 C CB  . LYS A 1 163 ? 16.823  0.144   5.995   1.00 24.11 ? 160 LYS A CB  1 
ATOM   1366 C CG  . LYS A 1 163 ? 17.712  0.552   4.829   1.00 27.17 ? 160 LYS A CG  1 
ATOM   1367 C CD  . LYS A 1 163 ? 18.338  1.919   5.121   1.00 33.72 ? 160 LYS A CD  1 
ATOM   1368 C CE  . LYS A 1 163 ? 17.697  3.082   4.481   1.00 36.17 ? 160 LYS A CE  1 
ATOM   1369 N NZ  . LYS A 1 163 ? 17.848  4.463   5.151   1.00 28.63 ? 160 LYS A NZ  1 
ATOM   1370 N N   . SER A 1 164 ? 18.106  -2.200  7.618   1.00 25.60 ? 161 SER A N   1 
ATOM   1371 C CA  . SER A 1 164 ? 19.294  -2.989  8.027   1.00 30.10 ? 161 SER A CA  1 
ATOM   1372 C C   . SER A 1 164 ? 19.135  -4.487  7.736   1.00 30.59 ? 161 SER A C   1 
ATOM   1373 O O   . SER A 1 164 ? 20.115  -5.182  7.481   1.00 34.14 ? 161 SER A O   1 
ATOM   1374 C CB  . SER A 1 164 ? 19.559  -2.792  9.537   1.00 30.46 ? 161 SER A CB  1 
ATOM   1375 O OG  . SER A 1 164 ? 18.470  -3.325  10.303  1.00 30.24 ? 161 SER A OG  1 
ATOM   1376 N N   . GLU A 1 165 ? 17.913  -5.000  7.816   1.00 30.29 ? 162 GLU A N   1 
ATOM   1377 C CA  . GLU A 1 165 ? 17.668  -6.408  7.510   1.00 33.14 ? 162 GLU A CA  1 
ATOM   1378 C C   . GLU A 1 165 ? 17.669  -6.505  5.995   1.00 32.28 ? 162 GLU A C   1 
ATOM   1379 O O   . GLU A 1 165 ? 18.245  -7.433  5.443   1.00 38.71 ? 162 GLU A O   1 
ATOM   1380 C CB  . GLU A 1 165 ? 16.347  -6.939  8.090   1.00 34.82 ? 162 GLU A CB  1 
ATOM   1381 C CG  . GLU A 1 165 ? 16.151  -6.559  9.551   1.00 39.03 ? 162 GLU A CG  1 
ATOM   1382 C CD  . GLU A 1 165 ? 14.718  -6.756  10.140  1.00 37.78 ? 162 GLU A CD  1 
ATOM   1383 O OE1 . GLU A 1 165 ? 13.606  -6.382  9.569   1.00 27.35 ? 162 GLU A OE1 1 
ATOM   1384 O OE2 . GLU A 1 165 ? 14.756  -7.243  11.286  1.00 36.89 ? 162 GLU A OE2 1 
ATOM   1385 N N   . TYR A 1 166 ? 17.100  -5.498  5.337   1.00 28.64 ? 163 TYR A N   1 
ATOM   1386 C CA  . TYR A 1 166 ? 16.932  -5.481  3.889   1.00 31.17 ? 163 TYR A CA  1 
ATOM   1387 C C   . TYR A 1 166 ? 18.285  -5.586  3.139   1.00 34.73 ? 163 TYR A C   1 
ATOM   1388 O O   . TYR A 1 166 ? 18.402  -6.316  2.157   1.00 33.81 ? 163 TYR A O   1 
ATOM   1389 C CB  . TYR A 1 166 ? 16.210  -4.217  3.449   1.00 32.44 ? 163 TYR A CB  1 
ATOM   1390 C CG  . TYR A 1 166 ? 16.116  -4.097  1.954   1.00 31.96 ? 163 TYR A CG  1 
ATOM   1391 C CD1 . TYR A 1 166 ? 15.244  -4.899  1.233   1.00 29.01 ? 163 TYR A CD1 1 
ATOM   1392 C CD2 . TYR A 1 166 ? 16.871  -3.153  1.266   1.00 31.55 ? 163 TYR A CD2 1 
ATOM   1393 C CE1 . TYR A 1 166 ? 15.120  -4.779  -0.126  1.00 32.76 ? 163 TYR A CE1 1 
ATOM   1394 C CE2 . TYR A 1 166 ? 16.756  -3.032  -0.088  1.00 37.67 ? 163 TYR A CE2 1 
ATOM   1395 C CZ  . TYR A 1 166 ? 15.913  -3.865  -0.786  1.00 38.86 ? 163 TYR A CZ  1 
ATOM   1396 O OH  . TYR A 1 166 ? 15.811  -3.713  -2.150  1.00 43.08 ? 163 TYR A OH  1 
ATOM   1397 N N   . ILE A 1 167 ? 19.292  -4.908  3.650   1.00 35.37 ? 164 ILE A N   1 
ATOM   1398 C CA  . ILE A 1 167 ? 20.596  -4.883  2.972   1.00 41.12 ? 164 ILE A CA  1 
ATOM   1399 C C   . ILE A 1 167 ? 21.480  -6.063  3.298   1.00 43.49 ? 164 ILE A C   1 
ATOM   1400 O O   . ILE A 1 167 ? 22.586  -6.116  2.790   1.00 41.81 ? 164 ILE A O   1 
ATOM   1401 C CB  . ILE A 1 167 ? 21.358  -3.585  3.240   1.00 45.24 ? 164 ILE A CB  1 
ATOM   1402 C CG1 . ILE A 1 167 ? 21.736  -3.465  4.728   1.00 48.73 ? 164 ILE A CG1 1 
ATOM   1403 C CG2 . ILE A 1 167 ? 20.526  -2.415  2.757   1.00 45.48 ? 164 ILE A CG2 1 
ATOM   1404 C CD1 . ILE A 1 167 ? 22.715  -2.340  4.995   1.00 52.65 ? 164 ILE A CD1 1 
ATOM   1405 N N   . LEU A 1 168 ? 21.029  -6.982  4.157   1.00 49.46 ? 165 LEU A N   1 
ATOM   1406 C CA  . LEU A 1 168 ? 21.818  -8.185  4.510   1.00 52.95 ? 165 LEU A CA  1 
ATOM   1407 C C   . LEU A 1 168 ? 21.585  -9.333  3.520   1.00 59.64 ? 165 LEU A C   1 
ATOM   1408 O O   . LEU A 1 168 ? 21.567  -9.129  2.301   1.00 63.19 ? 165 LEU A O   1 
ATOM   1409 C CB  . LEU A 1 168 ? 21.489  -8.648  5.933   1.00 53.39 ? 165 LEU A CB  1 
ATOM   1410 C CG  . LEU A 1 168 ? 22.053  -7.793  7.061   1.00 55.27 ? 165 LEU A CG  1 
ATOM   1411 C CD1 . LEU A 1 168 ? 21.626  -8.389  8.384   1.00 58.48 ? 165 LEU A CD1 1 
ATOM   1412 C CD2 . LEU A 1 168 ? 23.577  -7.682  6.977   1.00 58.32 ? 165 LEU A CD2 1 
HETATM 1413 O O   . HOH B 2 .   ? 18.646  -5.439  11.385  1.00 44.60 ? 201 HOH A O   1 
HETATM 1414 O O   . HOH B 2 .   ? 7.643   -10.190 -10.216 1.00 32.57 ? 202 HOH A O   1 
HETATM 1415 O O   . HOH B 2 .   ? -8.375  -11.797 11.075  1.00 31.39 ? 203 HOH A O   1 
HETATM 1416 O O   . HOH B 2 .   ? 19.089  -0.075  0.989   1.00 45.68 ? 204 HOH A O   1 
HETATM 1417 O O   . HOH B 2 .   ? 11.309  -5.590  -8.884  1.00 50.08 ? 205 HOH A O   1 
HETATM 1418 O O   . HOH B 2 .   ? -3.248  8.138   -15.916 1.00 46.20 ? 206 HOH A O   1 
HETATM 1419 O O   . HOH B 2 .   ? -10.308 -10.892 20.794  1.00 35.10 ? 207 HOH A O   1 
HETATM 1420 O O   . HOH B 2 .   ? 5.356   13.421  7.210   1.00 44.46 ? 208 HOH A O   1 
HETATM 1421 O O   . HOH B 2 .   ? -15.919 -1.535  7.908   1.00 24.55 ? 209 HOH A O   1 
HETATM 1422 O O   . HOH B 2 .   ? -19.777 11.522  -5.024  1.00 31.16 ? 210 HOH A O   1 
HETATM 1423 O O   . HOH B 2 .   ? -3.739  -13.226 -14.228 0.50 94.49 ? 211 HOH A O   1 
HETATM 1424 O O   . HOH B 2 .   ? 3.493   9.923   -13.437 1.00 36.47 ? 212 HOH A O   1 
HETATM 1425 O O   . HOH B 2 .   ? -16.929 -0.078  1.317   1.00 46.70 ? 213 HOH A O   1 
HETATM 1426 O O   . HOH B 2 .   ? -19.944 8.904   0.247   1.00 52.92 ? 214 HOH A O   1 
HETATM 1427 O O   . HOH B 2 .   ? 13.483  -8.729  7.561   1.00 38.18 ? 215 HOH A O   1 
HETATM 1428 O O   . HOH B 2 .   ? 10.951  -6.594  13.818  1.00 40.34 ? 216 HOH A O   1 
HETATM 1429 O O   . HOH B 2 .   ? 0.216   3.570   9.960   1.00 38.41 ? 217 HOH A O   1 
HETATM 1430 O O   . HOH B 2 .   ? -14.555 16.491  -6.634  1.00 47.01 ? 218 HOH A O   1 
HETATM 1431 O O   . HOH B 2 .   ? -1.268  8.996   6.124   1.00 27.56 ? 219 HOH A O   1 
HETATM 1432 O O   . HOH B 2 .   ? 4.659   5.873   10.123  1.00 23.80 ? 220 HOH A O   1 
HETATM 1433 O O   . HOH B 2 .   ? -20.362 12.464  -2.447  1.00 32.16 ? 221 HOH A O   1 
HETATM 1434 O O   . HOH B 2 .   ? -1.972  -10.011 20.599  1.00 31.65 ? 222 HOH A O   1 
HETATM 1435 O O   . HOH B 2 .   ? -10.246 -8.271  6.134   1.00 41.78 ? 223 HOH A O   1 
HETATM 1436 O O   . HOH B 2 .   ? 2.491   12.569  -2.626  1.00 43.46 ? 224 HOH A O   1 
HETATM 1437 O O   . HOH B 2 .   ? 2.591   16.258  5.471   1.00 48.83 ? 225 HOH A O   1 
HETATM 1438 O O   . HOH B 2 .   ? 4.371   -14.141 9.650   1.00 47.83 ? 226 HOH A O   1 
HETATM 1439 O O   . HOH B 2 .   ? 0.909   -15.367 -1.875  1.00 39.94 ? 227 HOH A O   1 
HETATM 1440 O O   . HOH B 2 .   ? 12.310  -6.896  -2.022  1.00 37.13 ? 228 HOH A O   1 
HETATM 1441 O O   . HOH B 2 .   ? 18.285  -1.291  11.994  1.00 34.24 ? 229 HOH A O   1 
HETATM 1442 O O   . HOH B 2 .   ? 12.055  1.509   -6.840  1.00 38.41 ? 230 HOH A O   1 
HETATM 1443 O O   . HOH B 2 .   ? -3.691  14.464  -3.165  1.00 23.92 ? 231 HOH A O   1 
HETATM 1444 O O   . HOH B 2 .   ? 3.936   -12.025 -15.212 1.00 59.21 ? 232 HOH A O   1 
HETATM 1445 O O   . HOH B 2 .   ? 20.578  6.046   5.272   1.00 35.26 ? 233 HOH A O   1 
HETATM 1446 O O   . HOH B 2 .   ? -1.635  11.745  5.730   1.00 41.16 ? 234 HOH A O   1 
HETATM 1447 O O   . HOH B 2 .   ? 3.036   11.117  8.641   1.00 42.75 ? 235 HOH A O   1 
HETATM 1448 O O   . HOH B 2 .   ? -4.944  4.910   -14.486 1.00 32.95 ? 236 HOH A O   1 
HETATM 1449 O O   . HOH B 2 .   ? 11.423  -6.241  11.115  1.00 34.96 ? 237 HOH A O   1 
HETATM 1450 O O   . HOH B 2 .   ? -4.878  7.712   4.098   1.00 32.00 ? 238 HOH A O   1 
HETATM 1451 O O   . HOH B 2 .   ? 0.477   -10.405 -9.707  1.00 30.95 ? 239 HOH A O   1 
HETATM 1452 O O   . HOH B 2 .   ? 13.377  -4.626  -3.202  1.00 31.48 ? 240 HOH A O   1 
HETATM 1453 O O   . HOH B 2 .   ? 17.936  -2.765  -3.545  1.00 44.56 ? 241 HOH A O   1 
HETATM 1454 O O   . HOH B 2 .   ? 9.837   -12.562 6.271   1.00 34.72 ? 242 HOH A O   1 
HETATM 1455 O O   . HOH B 2 .   ? 16.811  -8.328  1.242   1.00 45.93 ? 243 HOH A O   1 
HETATM 1456 O O   . HOH B 2 .   ? -17.735 2.336   1.217   1.00 52.48 ? 244 HOH A O   1 
HETATM 1457 O O   . HOH B 2 .   ? 22.678  -4.302  7.962   1.00 39.22 ? 245 HOH A O   1 
HETATM 1458 O O   . HOH B 2 .   ? -2.993  0.619   -2.029  1.00 39.64 ? 246 HOH A O   1 
HETATM 1459 O O   . HOH B 2 .   ? -9.415  11.853  -12.477 1.00 31.54 ? 247 HOH A O   1 
HETATM 1460 O O   . HOH B 2 .   ? 11.660  3.798   12.337  1.00 21.66 ? 248 HOH A O   1 
HETATM 1461 O O   . HOH B 2 .   ? -1.304  -16.846 11.033  1.00 50.33 ? 249 HOH A O   1 
HETATM 1462 O O   . HOH B 2 .   ? -3.761  -6.917  -3.946  1.00 37.51 ? 250 HOH A O   1 
HETATM 1463 O O   . HOH B 2 .   ? -8.162  0.321   12.963  1.00 40.59 ? 251 HOH A O   1 
HETATM 1464 O O   . HOH B 2 .   ? 7.491   -13.052 11.454  1.00 35.01 ? 252 HOH A O   1 
HETATM 1465 O O   . HOH B 2 .   ? 6.668   8.667   -12.646 1.00 36.98 ? 253 HOH A O   1 
HETATM 1466 O O   . HOH B 2 .   ? -4.106  0.538   7.655   1.00 45.20 ? 254 HOH A O   1 
HETATM 1467 O O   . HOH B 2 .   ? 0.155   -16.930 5.412   1.00 47.19 ? 255 HOH A O   1 
HETATM 1468 O O   . HOH B 2 .   ? 8.083   -12.580 14.706  1.00 39.39 ? 256 HOH A O   1 
HETATM 1469 O O   . HOH B 2 .   ? 13.017  -7.155  0.546   1.00 42.74 ? 257 HOH A O   1 
HETATM 1470 O O   . HOH B 2 .   ? -0.605  -1.649  5.588   1.00 20.91 ? 258 HOH A O   1 
HETATM 1471 O O   . HOH B 2 .   ? -4.979  4.964   1.987   1.00 47.61 ? 259 HOH A O   1 
HETATM 1472 O O   . HOH B 2 .   ? 7.330   13.732  8.897   1.00 28.99 ? 260 HOH A O   1 
HETATM 1473 O O   . HOH B 2 .   ? -7.923  -14.058 12.512  1.00 38.39 ? 261 HOH A O   1 
HETATM 1474 O O   . HOH B 2 .   ? -0.963  10.463  -3.138  1.00 34.85 ? 262 HOH A O   1 
HETATM 1475 O O   . HOH B 2 .   ? -6.988  4.864   -1.165  1.00 37.14 ? 263 HOH A O   1 
HETATM 1476 O O   . HOH B 2 .   ? -6.034  -14.150 15.026  1.00 35.89 ? 264 HOH A O   1 
HETATM 1477 O O   . HOH B 2 .   ? 1.513   10.500  -4.648  1.00 32.53 ? 265 HOH A O   1 
HETATM 1478 O O   . HOH B 2 .   ? -14.773 -1.927  -8.881  1.00 55.40 ? 266 HOH A O   1 
HETATM 1479 O O   . HOH B 2 .   ? 8.142   5.786   -14.024 1.00 50.21 ? 267 HOH A O   1 
HETATM 1480 O O   . HOH B 2 .   ? 17.082  -0.114  9.533   1.00 25.40 ? 268 HOH A O   1 
HETATM 1481 O O   . HOH B 2 .   ? -0.935  14.296  -15.377 1.00 53.01 ? 269 HOH A O   1 
HETATM 1482 O O   . HOH B 2 .   ? 1.918   11.297  -7.188  1.00 31.89 ? 270 HOH A O   1 
HETATM 1483 O O   . HOH B 2 .   ? -7.569  5.922   -14.261 1.00 29.76 ? 271 HOH A O   1 
HETATM 1484 O O   . HOH B 2 .   ? -9.758  -12.212 13.594  1.00 39.19 ? 272 HOH A O   1 
HETATM 1485 O O   . HOH B 2 .   ? 9.840   1.042   -12.104 1.00 37.39 ? 273 HOH A O   1 
HETATM 1486 O O   . HOH B 2 .   ? -9.428  9.261   -13.762 1.00 34.06 ? 274 HOH A O   1 
HETATM 1487 O O   . HOH B 2 .   ? -5.312  3.702   5.216   1.00 46.58 ? 275 HOH A O   1 
HETATM 1488 O O   . HOH B 2 .   ? -16.862 -9.341  16.048  1.00 29.55 ? 276 HOH A O   1 
HETATM 1489 O O   . HOH B 2 .   ? -15.779 12.592  -12.260 1.00 44.78 ? 277 HOH A O   1 
HETATM 1490 O O   . HOH B 2 .   ? 3.665   18.014  3.746   1.00 50.72 ? 278 HOH A O   1 
HETATM 1491 O O   . HOH B 2 .   ? -20.911 -10.733 9.959   1.00 56.26 ? 279 HOH A O   1 
HETATM 1492 O O   . HOH B 2 .   ? 13.558  -6.358  13.997  1.00 37.54 ? 280 HOH A O   1 
HETATM 1493 O O   . HOH B 2 .   ? -5.622  -7.632  4.729   1.00 32.75 ? 281 HOH A O   1 
HETATM 1494 O O   . HOH B 2 .   ? -7.098  3.328   2.388   1.00 42.16 ? 282 HOH A O   1 
HETATM 1495 O O   . HOH B 2 .   ? -5.629  -16.178 1.476   1.00 43.21 ? 283 HOH A O   1 
HETATM 1496 O O   . HOH B 2 .   ? -3.184  -2.322  5.098   1.00 41.41 ? 284 HOH A O   1 
HETATM 1497 O O   . HOH B 2 .   ? -2.270  -3.274  1.463   1.00 49.74 ? 285 HOH A O   1 
HETATM 1498 O O   . HOH B 2 .   ? -3.480  14.045  -14.933 1.00 27.90 ? 286 HOH A O   1 
HETATM 1499 O O   . HOH B 2 .   ? 18.455  1.977   -5.588  1.00 34.52 ? 287 HOH A O   1 
HETATM 1500 O O   . HOH B 2 .   ? -15.874 -3.737  5.874   1.00 36.99 ? 288 HOH A O   1 
HETATM 1501 O O   . HOH B 2 .   ? -18.371 12.060  1.851   1.00 48.50 ? 289 HOH A O   1 
HETATM 1502 O O   . HOH B 2 .   ? -12.523 -12.132 18.275  1.00 36.50 ? 290 HOH A O   1 
HETATM 1503 O O   . HOH B 2 .   ? 0.004   -14.178 -4.171  1.00 48.29 ? 291 HOH A O   1 
HETATM 1504 O O   . HOH B 2 .   ? -15.885 -9.409  18.281  1.00 40.97 ? 292 HOH A O   1 
HETATM 1505 O O   . HOH B 2 .   ? -19.278 -7.979  15.905  1.00 51.70 ? 293 HOH A O   1 
HETATM 1506 O O   . HOH B 2 .   ? 20.944  -0.105  7.089   1.00 34.99 ? 294 HOH A O   1 
HETATM 1507 O O   . HOH B 2 .   ? 19.244  1.293   8.633   1.00 34.67 ? 295 HOH A O   1 
HETATM 1508 O O   . HOH B 2 .   ? 0.397   -18.486 -1.326  1.00 41.68 ? 296 HOH A O   1 
HETATM 1509 O O   . HOH B 2 .   ? -11.855 15.209  -14.429 1.00 51.24 ? 297 HOH A O   1 
HETATM 1510 O O   . HOH B 2 .   ? 4.862   15.480  5.869   1.00 46.95 ? 298 HOH A O   1 
HETATM 1511 O O   . HOH B 2 .   ? -8.835  4.432   -15.896 1.00 47.17 ? 299 HOH A O   1 
HETATM 1512 O O   . HOH B 2 .   ? -4.172  6.242   6.617   1.00 62.08 ? 300 HOH A O   1 
HETATM 1513 O O   . HOH B 2 .   ? 14.423  -5.980  -5.606  1.00 56.25 ? 301 HOH A O   1 
HETATM 1514 O O   . HOH B 2 .   ? -9.580  13.366  -14.914 1.00 47.05 ? 302 HOH A O   1 
HETATM 1515 O O   . HOH B 2 .   ? -9.296  -10.736 22.847  1.00 44.58 ? 303 HOH A O   1 
HETATM 1516 O O   . HOH B 2 .   ? -1.367  13.239  -4.024  1.00 34.90 ? 304 HOH A O   1 
HETATM 1517 O O   . HOH B 2 .   ? -1.332  -12.747 20.776  1.00 49.00 ? 305 HOH A O   1 
HETATM 1518 O O   . HOH B 2 .   ? 16.719  -8.210  -1.320  1.00 52.53 ? 306 HOH A O   1 
HETATM 1519 O O   . HOH B 2 .   ? 22.670  -1.589  8.391   1.00 43.25 ? 307 HOH A O   1 
HETATM 1520 O O   . HOH B 2 .   ? 10.953  1.896   -9.283  1.00 53.34 ? 308 HOH A O   1 
HETATM 1521 O O   . HOH B 2 .   ? -7.211  5.862   7.909   1.00 49.27 ? 309 HOH A O   1 
HETATM 1522 O O   . HOH B 2 .   ? 17.808  -1.573  -6.798  1.00 62.60 ? 310 HOH A O   1 
# 
